data_2VTG
# 
_entry.id   2VTG 
# 
_audit_conform.dict_name       mmcif_pdbx.dic 
_audit_conform.dict_version    5.397 
_audit_conform.dict_location   http://mmcif.pdb.org/dictionaries/ascii/mmcif_pdbx.dic 
# 
loop_
_database_2.database_id 
_database_2.database_code 
_database_2.pdbx_database_accession 
_database_2.pdbx_DOI 
PDB   2VTG         pdb_00002vtg 10.2210/pdb2vtg/pdb 
PDBE  EBI-36262    ?            ?                   
WWPDB D_1290036262 ?            ?                   
# 
loop_
_pdbx_audit_revision_history.ordinal 
_pdbx_audit_revision_history.data_content_type 
_pdbx_audit_revision_history.major_revision 
_pdbx_audit_revision_history.minor_revision 
_pdbx_audit_revision_history.revision_date 
1 'Structure model' 1 0 2009-07-14 
2 'Structure model' 1 1 2011-07-13 
3 'Structure model' 1 2 2023-12-13 
4 'Structure model' 1 3 2024-10-23 
# 
_pdbx_audit_revision_details.ordinal             1 
_pdbx_audit_revision_details.revision_ordinal    1 
_pdbx_audit_revision_details.data_content_type   'Structure model' 
_pdbx_audit_revision_details.provider            repository 
_pdbx_audit_revision_details.type                'Initial release' 
_pdbx_audit_revision_details.description         ? 
_pdbx_audit_revision_details.details             ? 
# 
loop_
_pdbx_audit_revision_group.ordinal 
_pdbx_audit_revision_group.revision_ordinal 
_pdbx_audit_revision_group.data_content_type 
_pdbx_audit_revision_group.group 
1 2 'Structure model' Advisory                    
2 2 'Structure model' 'Version format compliance' 
3 3 'Structure model' 'Data collection'           
4 3 'Structure model' 'Database references'       
5 3 'Structure model' 'Derived calculations'      
6 3 'Structure model' Other                       
7 3 'Structure model' 'Refinement description'    
8 4 'Structure model' 'Structure summary'         
# 
loop_
_pdbx_audit_revision_category.ordinal 
_pdbx_audit_revision_category.revision_ordinal 
_pdbx_audit_revision_category.data_content_type 
_pdbx_audit_revision_category.category 
1  3 'Structure model' chem_comp_atom                
2  3 'Structure model' chem_comp_bond                
3  3 'Structure model' database_2                    
4  3 'Structure model' pdbx_database_status          
5  3 'Structure model' pdbx_initial_refinement_model 
6  3 'Structure model' pdbx_struct_conn_angle        
7  3 'Structure model' struct_conn                   
8  3 'Structure model' struct_site                   
9  4 'Structure model' pdbx_entry_details            
10 4 'Structure model' pdbx_modification_feature     
# 
loop_
_pdbx_audit_revision_item.ordinal 
_pdbx_audit_revision_item.revision_ordinal 
_pdbx_audit_revision_item.data_content_type 
_pdbx_audit_revision_item.item 
1  3 'Structure model' '_database_2.pdbx_DOI'                        
2  3 'Structure model' '_database_2.pdbx_database_accession'         
3  3 'Structure model' '_pdbx_database_status.status_code_sf'        
4  3 'Structure model' '_pdbx_struct_conn_angle.ptnr1_auth_comp_id'  
5  3 'Structure model' '_pdbx_struct_conn_angle.ptnr1_auth_seq_id'   
6  3 'Structure model' '_pdbx_struct_conn_angle.ptnr1_label_atom_id' 
7  3 'Structure model' '_pdbx_struct_conn_angle.ptnr1_label_comp_id' 
8  3 'Structure model' '_pdbx_struct_conn_angle.ptnr1_label_seq_id'  
9  3 'Structure model' '_pdbx_struct_conn_angle.ptnr1_symmetry'      
10 3 'Structure model' '_pdbx_struct_conn_angle.ptnr3_auth_comp_id'  
11 3 'Structure model' '_pdbx_struct_conn_angle.ptnr3_auth_seq_id'   
12 3 'Structure model' '_pdbx_struct_conn_angle.ptnr3_label_atom_id' 
13 3 'Structure model' '_pdbx_struct_conn_angle.ptnr3_label_comp_id' 
14 3 'Structure model' '_pdbx_struct_conn_angle.ptnr3_label_seq_id'  
15 3 'Structure model' '_pdbx_struct_conn_angle.ptnr3_symmetry'      
16 3 'Structure model' '_pdbx_struct_conn_angle.value'               
17 3 'Structure model' '_struct_conn.pdbx_dist_value'                
18 3 'Structure model' '_struct_conn.ptnr1_auth_comp_id'             
19 3 'Structure model' '_struct_conn.ptnr1_auth_seq_id'              
20 3 'Structure model' '_struct_conn.ptnr1_label_asym_id'            
21 3 'Structure model' '_struct_conn.ptnr1_label_atom_id'            
22 3 'Structure model' '_struct_conn.ptnr1_label_comp_id'            
23 3 'Structure model' '_struct_conn.ptnr1_label_seq_id'             
24 3 'Structure model' '_struct_conn.ptnr1_symmetry'                 
25 3 'Structure model' '_struct_conn.ptnr2_auth_comp_id'             
26 3 'Structure model' '_struct_conn.ptnr2_auth_seq_id'              
27 3 'Structure model' '_struct_conn.ptnr2_label_asym_id'            
28 3 'Structure model' '_struct_conn.ptnr2_label_atom_id'            
29 3 'Structure model' '_struct_conn.ptnr2_label_comp_id'            
30 3 'Structure model' '_struct_conn.ptnr2_label_seq_id'             
31 3 'Structure model' '_struct_conn.ptnr2_symmetry'                 
32 3 'Structure model' '_struct_site.pdbx_auth_asym_id'              
33 3 'Structure model' '_struct_site.pdbx_auth_comp_id'              
34 3 'Structure model' '_struct_site.pdbx_auth_seq_id'               
# 
_pdbx_database_status.status_code                     REL 
_pdbx_database_status.entry_id                        2VTG 
_pdbx_database_status.deposit_site                    PDBE 
_pdbx_database_status.process_site                    PDBE 
_pdbx_database_status.SG_entry                        . 
_pdbx_database_status.recvd_initial_deposition_date   2008-05-15 
_pdbx_database_status.pdb_format_compatible           Y 
_pdbx_database_status.status_code_sf                  REL 
_pdbx_database_status.status_code_mr                  ? 
_pdbx_database_status.status_code_cs                  ? 
_pdbx_database_status.methods_development_category    ? 
_pdbx_database_status.status_code_nmr_data            ? 
# 
_pdbx_database_related.db_name        PDB 
_pdbx_database_related.db_id          2JJZ 
_pdbx_database_related.content_type   unspecified 
_pdbx_database_related.details        'CRYSTAL STRUCTURE OF HUMAN IBA2, ORTHORHOMBIC CRYSTAL FORM' 
# 
loop_
_audit_author.name 
_audit_author.pdbx_ordinal 
'Schulze, J.O.' 1 
'Quedenau, C.'  2 
'Roske, Y.'     3 
'Turnbull, A.'  4 
'Mueller, U.'   5 
'Heinemann, U.' 6 
'Buessow, K.'   7 
# 
_citation.id                        primary 
_citation.title                     'Structural and Functional Characterization of Human Iba Proteins.' 
_citation.journal_abbrev            'FEBS J.' 
_citation.journal_volume            275 
_citation.page_first                4627 
_citation.page_last                 ? 
_citation.year                      2008 
_citation.journal_id_ASTM           ? 
_citation.country                   UK 
_citation.journal_id_ISSN           1742-464X 
_citation.journal_id_CSD            ? 
_citation.book_publisher            ? 
_citation.pdbx_database_id_PubMed   18699778 
_citation.pdbx_database_id_DOI      10.1111/J.1742-4658.2008.06605.X 
# 
loop_
_citation_author.citation_id 
_citation_author.name 
_citation_author.ordinal 
_citation_author.identifier_ORCID 
primary 'Schulze, J.O.'  1  ? 
primary 'Quedenau, C.'   2  ? 
primary 'Roske, Y.'      3  ? 
primary 'Adam, T.'       4  ? 
primary 'Schuler, H.'    5  ? 
primary 'Behlke, J.'     6  ? 
primary 'Turnbull, A.P.' 7  ? 
primary 'Sievert, V.'    8  ? 
primary 'Scheich, C.'    9  ? 
primary 'Mueller, U.'    10 ? 
primary 'Heinemann, U.'  11 ? 
primary 'Bussow, K.'     12 ? 
# 
loop_
_entity.id 
_entity.type 
_entity.src_method 
_entity.pdbx_description 
_entity.formula_weight 
_entity.pdbx_number_of_molecules 
_entity.pdbx_ec 
_entity.pdbx_mutation 
_entity.pdbx_fragment 
_entity.details 
1 polymer     man 'IONIZED CALCIUM-BINDING ADAPTER MOLECULE 2' 17092.838 1  ? ? ? ? 
2 non-polymer syn 'ZINC ION'                                   65.409    2  ? ? ? ? 
3 non-polymer syn 'ACETATE ION'                                59.044    1  ? ? ? ? 
4 water       nat water                                        18.015    38 ? ? ? ? 
# 
_entity_name_com.entity_id   1 
_entity_name_com.name        'IONIZED CALCIUM ADAPTER MOLDECULE 2' 
# 
_entity_poly.entity_id                      1 
_entity_poly.type                           'polypeptide(L)' 
_entity_poly.nstd_linkage                   no 
_entity_poly.nstd_monomer                   no 
_entity_poly.pdbx_seq_one_letter_code       
;MSGELSNRFQGGKAFGLLKARQERRLAEINREFLCDQKYSDEENLPEKLTAFKEKYMEFDLNNEGEIDLMSLKRMMEKLG
VPKTHLEMKKMISEVTGGVSDTISYRDFVNMMLGKRSAVLKLVMMFEGKANESSPKPVGPPPERDIASLP
;
_entity_poly.pdbx_seq_one_letter_code_can   
;MSGELSNRFQGGKAFGLLKARQERRLAEINREFLCDQKYSDEENLPEKLTAFKEKYMEFDLNNEGEIDLMSLKRMMEKLG
VPKTHLEMKKMISEVTGGVSDTISYRDFVNMMLGKRSAVLKLVMMFEGKANESSPKPVGPPPERDIASLP
;
_entity_poly.pdbx_strand_id                 A 
_entity_poly.pdbx_target_identifier         ? 
# 
loop_
_pdbx_entity_nonpoly.entity_id 
_pdbx_entity_nonpoly.name 
_pdbx_entity_nonpoly.comp_id 
2 'ZINC ION'    ZN  
3 'ACETATE ION' ACT 
4 water         HOH 
# 
loop_
_entity_poly_seq.entity_id 
_entity_poly_seq.num 
_entity_poly_seq.mon_id 
_entity_poly_seq.hetero 
1 1   MET n 
1 2   SER n 
1 3   GLY n 
1 4   GLU n 
1 5   LEU n 
1 6   SER n 
1 7   ASN n 
1 8   ARG n 
1 9   PHE n 
1 10  GLN n 
1 11  GLY n 
1 12  GLY n 
1 13  LYS n 
1 14  ALA n 
1 15  PHE n 
1 16  GLY n 
1 17  LEU n 
1 18  LEU n 
1 19  LYS n 
1 20  ALA n 
1 21  ARG n 
1 22  GLN n 
1 23  GLU n 
1 24  ARG n 
1 25  ARG n 
1 26  LEU n 
1 27  ALA n 
1 28  GLU n 
1 29  ILE n 
1 30  ASN n 
1 31  ARG n 
1 32  GLU n 
1 33  PHE n 
1 34  LEU n 
1 35  CYS n 
1 36  ASP n 
1 37  GLN n 
1 38  LYS n 
1 39  TYR n 
1 40  SER n 
1 41  ASP n 
1 42  GLU n 
1 43  GLU n 
1 44  ASN n 
1 45  LEU n 
1 46  PRO n 
1 47  GLU n 
1 48  LYS n 
1 49  LEU n 
1 50  THR n 
1 51  ALA n 
1 52  PHE n 
1 53  LYS n 
1 54  GLU n 
1 55  LYS n 
1 56  TYR n 
1 57  MET n 
1 58  GLU n 
1 59  PHE n 
1 60  ASP n 
1 61  LEU n 
1 62  ASN n 
1 63  ASN n 
1 64  GLU n 
1 65  GLY n 
1 66  GLU n 
1 67  ILE n 
1 68  ASP n 
1 69  LEU n 
1 70  MET n 
1 71  SER n 
1 72  LEU n 
1 73  LYS n 
1 74  ARG n 
1 75  MET n 
1 76  MET n 
1 77  GLU n 
1 78  LYS n 
1 79  LEU n 
1 80  GLY n 
1 81  VAL n 
1 82  PRO n 
1 83  LYS n 
1 84  THR n 
1 85  HIS n 
1 86  LEU n 
1 87  GLU n 
1 88  MET n 
1 89  LYS n 
1 90  LYS n 
1 91  MET n 
1 92  ILE n 
1 93  SER n 
1 94  GLU n 
1 95  VAL n 
1 96  THR n 
1 97  GLY n 
1 98  GLY n 
1 99  VAL n 
1 100 SER n 
1 101 ASP n 
1 102 THR n 
1 103 ILE n 
1 104 SER n 
1 105 TYR n 
1 106 ARG n 
1 107 ASP n 
1 108 PHE n 
1 109 VAL n 
1 110 ASN n 
1 111 MET n 
1 112 MET n 
1 113 LEU n 
1 114 GLY n 
1 115 LYS n 
1 116 ARG n 
1 117 SER n 
1 118 ALA n 
1 119 VAL n 
1 120 LEU n 
1 121 LYS n 
1 122 LEU n 
1 123 VAL n 
1 124 MET n 
1 125 MET n 
1 126 PHE n 
1 127 GLU n 
1 128 GLY n 
1 129 LYS n 
1 130 ALA n 
1 131 ASN n 
1 132 GLU n 
1 133 SER n 
1 134 SER n 
1 135 PRO n 
1 136 LYS n 
1 137 PRO n 
1 138 VAL n 
1 139 GLY n 
1 140 PRO n 
1 141 PRO n 
1 142 PRO n 
1 143 GLU n 
1 144 ARG n 
1 145 ASP n 
1 146 ILE n 
1 147 ALA n 
1 148 SER n 
1 149 LEU n 
1 150 PRO n 
# 
_entity_src_gen.entity_id                          1 
_entity_src_gen.pdbx_src_id                        1 
_entity_src_gen.pdbx_alt_source_flag               sample 
_entity_src_gen.pdbx_seq_type                      ? 
_entity_src_gen.pdbx_beg_seq_num                   ? 
_entity_src_gen.pdbx_end_seq_num                   ? 
_entity_src_gen.gene_src_common_name               HUMAN 
_entity_src_gen.gene_src_genus                     ? 
_entity_src_gen.pdbx_gene_src_gene                 ? 
_entity_src_gen.gene_src_species                   ? 
_entity_src_gen.gene_src_strain                    ? 
_entity_src_gen.gene_src_tissue                    ? 
_entity_src_gen.gene_src_tissue_fraction           ? 
_entity_src_gen.gene_src_details                   ? 
_entity_src_gen.pdbx_gene_src_fragment             ? 
_entity_src_gen.pdbx_gene_src_scientific_name      'HOMO SAPIENS' 
_entity_src_gen.pdbx_gene_src_ncbi_taxonomy_id     9606 
_entity_src_gen.pdbx_gene_src_variant              ? 
_entity_src_gen.pdbx_gene_src_cell_line            ? 
_entity_src_gen.pdbx_gene_src_atcc                 ? 
_entity_src_gen.pdbx_gene_src_organ                ? 
_entity_src_gen.pdbx_gene_src_organelle            ? 
_entity_src_gen.pdbx_gene_src_cell                 ? 
_entity_src_gen.pdbx_gene_src_cellular_location    ? 
_entity_src_gen.host_org_common_name               ? 
_entity_src_gen.pdbx_host_org_scientific_name      'ESCHERICHIA COLI' 
_entity_src_gen.pdbx_host_org_ncbi_taxonomy_id     562 
_entity_src_gen.host_org_genus                     ? 
_entity_src_gen.pdbx_host_org_gene                 ? 
_entity_src_gen.pdbx_host_org_organ                ? 
_entity_src_gen.host_org_species                   ? 
_entity_src_gen.pdbx_host_org_tissue               ? 
_entity_src_gen.pdbx_host_org_tissue_fraction      ? 
_entity_src_gen.pdbx_host_org_strain               SCS1 
_entity_src_gen.pdbx_host_org_variant              ? 
_entity_src_gen.pdbx_host_org_cell_line            ? 
_entity_src_gen.pdbx_host_org_atcc                 ? 
_entity_src_gen.pdbx_host_org_culture_collection   ? 
_entity_src_gen.pdbx_host_org_cell                 ? 
_entity_src_gen.pdbx_host_org_organelle            ? 
_entity_src_gen.pdbx_host_org_cellular_location    ? 
_entity_src_gen.pdbx_host_org_vector_type          ? 
_entity_src_gen.pdbx_host_org_vector               ? 
_entity_src_gen.host_org_details                   ? 
_entity_src_gen.expression_system_id               ? 
_entity_src_gen.plasmid_name                       ? 
_entity_src_gen.plasmid_details                    ? 
_entity_src_gen.pdbx_description                   ? 
# 
loop_
_chem_comp.id 
_chem_comp.type 
_chem_comp.mon_nstd_flag 
_chem_comp.name 
_chem_comp.pdbx_synonyms 
_chem_comp.formula 
_chem_comp.formula_weight 
ACT non-polymer         . 'ACETATE ION'   ? 'C2 H3 O2 -1'    59.044  
ALA 'L-peptide linking' y ALANINE         ? 'C3 H7 N O2'     89.093  
ARG 'L-peptide linking' y ARGININE        ? 'C6 H15 N4 O2 1' 175.209 
ASN 'L-peptide linking' y ASPARAGINE      ? 'C4 H8 N2 O3'    132.118 
ASP 'L-peptide linking' y 'ASPARTIC ACID' ? 'C4 H7 N O4'     133.103 
CYS 'L-peptide linking' y CYSTEINE        ? 'C3 H7 N O2 S'   121.158 
GLN 'L-peptide linking' y GLUTAMINE       ? 'C5 H10 N2 O3'   146.144 
GLU 'L-peptide linking' y 'GLUTAMIC ACID' ? 'C5 H9 N O4'     147.129 
GLY 'peptide linking'   y GLYCINE         ? 'C2 H5 N O2'     75.067  
HIS 'L-peptide linking' y HISTIDINE       ? 'C6 H10 N3 O2 1' 156.162 
HOH non-polymer         . WATER           ? 'H2 O'           18.015  
ILE 'L-peptide linking' y ISOLEUCINE      ? 'C6 H13 N O2'    131.173 
LEU 'L-peptide linking' y LEUCINE         ? 'C6 H13 N O2'    131.173 
LYS 'L-peptide linking' y LYSINE          ? 'C6 H15 N2 O2 1' 147.195 
MET 'L-peptide linking' y METHIONINE      ? 'C5 H11 N O2 S'  149.211 
PHE 'L-peptide linking' y PHENYLALANINE   ? 'C9 H11 N O2'    165.189 
PRO 'L-peptide linking' y PROLINE         ? 'C5 H9 N O2'     115.130 
SER 'L-peptide linking' y SERINE          ? 'C3 H7 N O3'     105.093 
THR 'L-peptide linking' y THREONINE       ? 'C4 H9 N O3'     119.119 
TYR 'L-peptide linking' y TYROSINE        ? 'C9 H11 N O3'    181.189 
VAL 'L-peptide linking' y VALINE          ? 'C5 H11 N O2'    117.146 
ZN  non-polymer         . 'ZINC ION'      ? 'Zn 2'           65.409  
# 
loop_
_pdbx_poly_seq_scheme.asym_id 
_pdbx_poly_seq_scheme.entity_id 
_pdbx_poly_seq_scheme.seq_id 
_pdbx_poly_seq_scheme.mon_id 
_pdbx_poly_seq_scheme.ndb_seq_num 
_pdbx_poly_seq_scheme.pdb_seq_num 
_pdbx_poly_seq_scheme.auth_seq_num 
_pdbx_poly_seq_scheme.pdb_mon_id 
_pdbx_poly_seq_scheme.auth_mon_id 
_pdbx_poly_seq_scheme.pdb_strand_id 
_pdbx_poly_seq_scheme.pdb_ins_code 
_pdbx_poly_seq_scheme.hetero 
A 1 1   MET 1   1   ?   ?   ?   A . n 
A 1 2   SER 2   2   ?   ?   ?   A . n 
A 1 3   GLY 3   3   ?   ?   ?   A . n 
A 1 4   GLU 4   4   ?   ?   ?   A . n 
A 1 5   LEU 5   5   ?   ?   ?   A . n 
A 1 6   SER 6   6   ?   ?   ?   A . n 
A 1 7   ASN 7   7   ?   ?   ?   A . n 
A 1 8   ARG 8   8   ?   ?   ?   A . n 
A 1 9   PHE 9   9   ?   ?   ?   A . n 
A 1 10  GLN 10  10  ?   ?   ?   A . n 
A 1 11  GLY 11  11  ?   ?   ?   A . n 
A 1 12  GLY 12  12  ?   ?   ?   A . n 
A 1 13  LYS 13  13  ?   ?   ?   A . n 
A 1 14  ALA 14  14  ?   ?   ?   A . n 
A 1 15  PHE 15  15  ?   ?   ?   A . n 
A 1 16  GLY 16  16  ?   ?   ?   A . n 
A 1 17  LEU 17  17  17  LEU LEU A . n 
A 1 18  LEU 18  18  18  LEU LEU A . n 
A 1 19  LYS 19  19  19  LYS LYS A . n 
A 1 20  ALA 20  20  20  ALA ALA A . n 
A 1 21  ARG 21  21  21  ARG ARG A . n 
A 1 22  GLN 22  22  22  GLN GLN A . n 
A 1 23  GLU 23  23  23  GLU GLU A . n 
A 1 24  ARG 24  24  24  ARG ARG A . n 
A 1 25  ARG 25  25  25  ARG ARG A . n 
A 1 26  LEU 26  26  26  LEU LEU A . n 
A 1 27  ALA 27  27  27  ALA ALA A . n 
A 1 28  GLU 28  28  28  GLU GLU A . n 
A 1 29  ILE 29  29  29  ILE ILE A . n 
A 1 30  ASN 30  30  30  ASN ASN A . n 
A 1 31  ARG 31  31  31  ARG ARG A . n 
A 1 32  GLU 32  32  32  GLU GLU A . n 
A 1 33  PHE 33  33  33  PHE PHE A . n 
A 1 34  LEU 34  34  34  LEU LEU A . n 
A 1 35  CYS 35  35  35  CYS CYS A . n 
A 1 36  ASP 36  36  36  ASP ASP A . n 
A 1 37  GLN 37  37  37  GLN GLN A . n 
A 1 38  LYS 38  38  38  LYS LYS A . n 
A 1 39  TYR 39  39  39  TYR TYR A . n 
A 1 40  SER 40  40  40  SER SER A . n 
A 1 41  ASP 41  41  41  ASP ASP A . n 
A 1 42  GLU 42  42  42  GLU GLU A . n 
A 1 43  GLU 43  43  43  GLU GLU A . n 
A 1 44  ASN 44  44  44  ASN ASN A . n 
A 1 45  LEU 45  45  45  LEU LEU A . n 
A 1 46  PRO 46  46  46  PRO PRO A . n 
A 1 47  GLU 47  47  47  GLU GLU A . n 
A 1 48  LYS 48  48  48  LYS LYS A . n 
A 1 49  LEU 49  49  49  LEU LEU A . n 
A 1 50  THR 50  50  50  THR THR A . n 
A 1 51  ALA 51  51  51  ALA ALA A . n 
A 1 52  PHE 52  52  52  PHE PHE A . n 
A 1 53  LYS 53  53  53  LYS LYS A . n 
A 1 54  GLU 54  54  54  GLU GLU A . n 
A 1 55  LYS 55  55  55  LYS LYS A . n 
A 1 56  TYR 56  56  56  TYR TYR A . n 
A 1 57  MET 57  57  57  MET MET A . n 
A 1 58  GLU 58  58  58  GLU GLU A . n 
A 1 59  PHE 59  59  59  PHE PHE A . n 
A 1 60  ASP 60  60  60  ASP ASP A . n 
A 1 61  LEU 61  61  61  LEU LEU A . n 
A 1 62  ASN 62  62  62  ASN ASN A . n 
A 1 63  ASN 63  63  63  ASN ASN A . n 
A 1 64  GLU 64  64  64  GLU GLU A . n 
A 1 65  GLY 65  65  65  GLY GLY A . n 
A 1 66  GLU 66  66  66  GLU GLU A . n 
A 1 67  ILE 67  67  67  ILE ILE A . n 
A 1 68  ASP 68  68  68  ASP ASP A . n 
A 1 69  LEU 69  69  69  LEU LEU A . n 
A 1 70  MET 70  70  70  MET MET A . n 
A 1 71  SER 71  71  71  SER SER A . n 
A 1 72  LEU 72  72  72  LEU LEU A . n 
A 1 73  LYS 73  73  73  LYS LYS A . n 
A 1 74  ARG 74  74  74  ARG ARG A . n 
A 1 75  MET 75  75  75  MET MET A . n 
A 1 76  MET 76  76  76  MET MET A . n 
A 1 77  GLU 77  77  77  GLU GLU A . n 
A 1 78  LYS 78  78  78  LYS LYS A . n 
A 1 79  LEU 79  79  79  LEU LEU A . n 
A 1 80  GLY 80  80  80  GLY GLY A . n 
A 1 81  VAL 81  81  81  VAL VAL A . n 
A 1 82  PRO 82  82  82  PRO PRO A . n 
A 1 83  LYS 83  83  83  LYS LYS A . n 
A 1 84  THR 84  84  84  THR THR A . n 
A 1 85  HIS 85  85  85  HIS HIS A . n 
A 1 86  LEU 86  86  86  LEU LEU A . n 
A 1 87  GLU 87  87  87  GLU GLU A . n 
A 1 88  MET 88  88  88  MET MET A . n 
A 1 89  LYS 89  89  89  LYS LYS A . n 
A 1 90  LYS 90  90  90  LYS LYS A . n 
A 1 91  MET 91  91  91  MET MET A . n 
A 1 92  ILE 92  92  92  ILE ILE A . n 
A 1 93  SER 93  93  93  SER SER A . n 
A 1 94  GLU 94  94  94  GLU GLU A . n 
A 1 95  VAL 95  95  95  VAL VAL A . n 
A 1 96  THR 96  96  96  THR THR A . n 
A 1 97  GLY 97  97  97  GLY GLY A . n 
A 1 98  GLY 98  98  98  GLY GLY A . n 
A 1 99  VAL 99  99  99  VAL VAL A . n 
A 1 100 SER 100 100 100 SER SER A . n 
A 1 101 ASP 101 101 101 ASP ASP A . n 
A 1 102 THR 102 102 102 THR THR A . n 
A 1 103 ILE 103 103 103 ILE ILE A . n 
A 1 104 SER 104 104 104 SER SER A . n 
A 1 105 TYR 105 105 105 TYR TYR A . n 
A 1 106 ARG 106 106 106 ARG ARG A . n 
A 1 107 ASP 107 107 107 ASP ASP A . n 
A 1 108 PHE 108 108 108 PHE PHE A . n 
A 1 109 VAL 109 109 109 VAL VAL A . n 
A 1 110 ASN 110 110 110 ASN ASN A . n 
A 1 111 MET 111 111 111 MET MET A . n 
A 1 112 MET 112 112 112 MET MET A . n 
A 1 113 LEU 113 113 113 LEU LEU A . n 
A 1 114 GLY 114 114 114 GLY GLY A . n 
A 1 115 LYS 115 115 115 LYS LYS A . n 
A 1 116 ARG 116 116 116 ARG ARG A . n 
A 1 117 SER 117 117 117 SER SER A . n 
A 1 118 ALA 118 118 118 ALA ALA A . n 
A 1 119 VAL 119 119 119 VAL VAL A . n 
A 1 120 LEU 120 120 120 LEU LEU A . n 
A 1 121 LYS 121 121 121 LYS LYS A . n 
A 1 122 LEU 122 122 122 LEU LEU A . n 
A 1 123 VAL 123 123 123 VAL VAL A . n 
A 1 124 MET 124 124 124 MET MET A . n 
A 1 125 MET 125 125 125 MET MET A . n 
A 1 126 PHE 126 126 ?   ?   ?   A . n 
A 1 127 GLU 127 127 ?   ?   ?   A . n 
A 1 128 GLY 128 128 ?   ?   ?   A . n 
A 1 129 LYS 129 129 ?   ?   ?   A . n 
A 1 130 ALA 130 130 ?   ?   ?   A . n 
A 1 131 ASN 131 131 ?   ?   ?   A . n 
A 1 132 GLU 132 132 ?   ?   ?   A . n 
A 1 133 SER 133 133 ?   ?   ?   A . n 
A 1 134 SER 134 134 ?   ?   ?   A . n 
A 1 135 PRO 135 135 ?   ?   ?   A . n 
A 1 136 LYS 136 136 ?   ?   ?   A . n 
A 1 137 PRO 137 137 ?   ?   ?   A . n 
A 1 138 VAL 138 138 ?   ?   ?   A . n 
A 1 139 GLY 139 139 ?   ?   ?   A . n 
A 1 140 PRO 140 140 ?   ?   ?   A . n 
A 1 141 PRO 141 141 ?   ?   ?   A . n 
A 1 142 PRO 142 142 ?   ?   ?   A . n 
A 1 143 GLU 143 143 ?   ?   ?   A . n 
A 1 144 ARG 144 144 ?   ?   ?   A . n 
A 1 145 ASP 145 145 ?   ?   ?   A . n 
A 1 146 ILE 146 146 ?   ?   ?   A . n 
A 1 147 ALA 147 147 ?   ?   ?   A . n 
A 1 148 SER 148 148 ?   ?   ?   A . n 
A 1 149 LEU 149 149 ?   ?   ?   A . n 
A 1 150 PRO 150 150 ?   ?   ?   A . n 
# 
loop_
_pdbx_nonpoly_scheme.asym_id 
_pdbx_nonpoly_scheme.entity_id 
_pdbx_nonpoly_scheme.mon_id 
_pdbx_nonpoly_scheme.ndb_seq_num 
_pdbx_nonpoly_scheme.pdb_seq_num 
_pdbx_nonpoly_scheme.auth_seq_num 
_pdbx_nonpoly_scheme.pdb_mon_id 
_pdbx_nonpoly_scheme.auth_mon_id 
_pdbx_nonpoly_scheme.pdb_strand_id 
_pdbx_nonpoly_scheme.pdb_ins_code 
B 2 ZN  1  1126 1126 ZN  ZN  A . 
C 2 ZN  1  1127 1127 ZN  ZN  A . 
D 3 ACT 1  1128 1128 ACT ACT A . 
E 4 HOH 1  2001 2001 HOH HOH A . 
E 4 HOH 2  2002 2002 HOH HOH A . 
E 4 HOH 3  2003 2003 HOH HOH A . 
E 4 HOH 4  2004 2004 HOH HOH A . 
E 4 HOH 5  2005 2005 HOH HOH A . 
E 4 HOH 6  2006 2006 HOH HOH A . 
E 4 HOH 7  2007 2007 HOH HOH A . 
E 4 HOH 8  2008 2008 HOH HOH A . 
E 4 HOH 9  2009 2009 HOH HOH A . 
E 4 HOH 10 2010 2010 HOH HOH A . 
E 4 HOH 11 2011 2011 HOH HOH A . 
E 4 HOH 12 2012 2012 HOH HOH A . 
E 4 HOH 13 2013 2013 HOH HOH A . 
E 4 HOH 14 2014 2014 HOH HOH A . 
E 4 HOH 15 2015 2015 HOH HOH A . 
E 4 HOH 16 2016 2016 HOH HOH A . 
E 4 HOH 17 2017 2017 HOH HOH A . 
E 4 HOH 18 2018 2018 HOH HOH A . 
E 4 HOH 19 2019 2019 HOH HOH A . 
E 4 HOH 20 2020 2020 HOH HOH A . 
E 4 HOH 21 2021 2021 HOH HOH A . 
E 4 HOH 22 2022 2022 HOH HOH A . 
E 4 HOH 23 2023 2023 HOH HOH A . 
E 4 HOH 24 2024 2024 HOH HOH A . 
E 4 HOH 25 2025 2025 HOH HOH A . 
E 4 HOH 26 2026 2026 HOH HOH A . 
E 4 HOH 27 2027 2027 HOH HOH A . 
E 4 HOH 28 2028 2028 HOH HOH A . 
E 4 HOH 29 2029 2029 HOH HOH A . 
E 4 HOH 30 2030 2030 HOH HOH A . 
E 4 HOH 31 2031 2031 HOH HOH A . 
E 4 HOH 32 2032 2032 HOH HOH A . 
E 4 HOH 33 2033 2033 HOH HOH A . 
E 4 HOH 34 2034 2034 HOH HOH A . 
E 4 HOH 35 2035 2035 HOH HOH A . 
E 4 HOH 36 2036 2036 HOH HOH A . 
E 4 HOH 37 2037 2037 HOH HOH A . 
E 4 HOH 38 2038 2038 HOH HOH A . 
# 
loop_
_software.name 
_software.classification 
_software.version 
_software.citation_id 
_software.pdbx_ordinal 
REFMAC refinement       5.3.0040 ? 1 
XDS    'data reduction' .        ? 2 
SCALA  'data scaling'   .        ? 3 
PHASER phasing          .        ? 4 
# 
_cell.entry_id           2VTG 
_cell.length_a           70.530 
_cell.length_b           70.530 
_cell.length_c           95.190 
_cell.angle_alpha        90.00 
_cell.angle_beta         90.00 
_cell.angle_gamma        120.00 
_cell.Z_PDB              6 
_cell.pdbx_unique_axis   ? 
# 
_symmetry.entry_id                         2VTG 
_symmetry.space_group_name_H-M             'P 32 2 1' 
_symmetry.pdbx_full_space_group_name_H-M   ? 
_symmetry.cell_setting                     ? 
_symmetry.Int_Tables_number                154 
# 
_exptl.entry_id          2VTG 
_exptl.method            'X-RAY DIFFRACTION' 
_exptl.crystals_number   1 
# 
_exptl_crystal.id                    1 
_exptl_crystal.density_meas          ? 
_exptl_crystal.density_Matthews      4 
_exptl_crystal.density_percent_sol   69 
_exptl_crystal.description           NONE 
# 
_diffrn.id                     1 
_diffrn.ambient_temp           100 
_diffrn.ambient_temp_details   ? 
_diffrn.crystal_id             1 
# 
_diffrn_detector.diffrn_id              1 
_diffrn_detector.detector               CCD 
_diffrn_detector.type                   MARRESEARCH 
_diffrn_detector.pdbx_collection_date   ? 
_diffrn_detector.details                MIRRORS 
# 
_diffrn_radiation.diffrn_id                        1 
_diffrn_radiation.wavelength_id                    1 
_diffrn_radiation.pdbx_monochromatic_or_laue_m_l   M 
_diffrn_radiation.monochromator                    'SI-111 DOUBLE CRYSTAL' 
_diffrn_radiation.pdbx_diffrn_protocol             'SINGLE WAVELENGTH' 
_diffrn_radiation.pdbx_scattering_type             x-ray 
# 
_diffrn_radiation_wavelength.id           1 
_diffrn_radiation_wavelength.wavelength   0.9184 
_diffrn_radiation_wavelength.wt           1.0 
# 
_diffrn_source.diffrn_id                   1 
_diffrn_source.source                      SYNCHROTRON 
_diffrn_source.type                        'BESSY BEAMLINE 14.1' 
_diffrn_source.pdbx_synchrotron_site       BESSY 
_diffrn_source.pdbx_synchrotron_beamline   14.1 
_diffrn_source.pdbx_wavelength             0.9184 
_diffrn_source.pdbx_wavelength_list        ? 
# 
_reflns.pdbx_diffrn_id               1 
_reflns.pdbx_ordinal                 1 
_reflns.entry_id                     2VTG 
_reflns.observed_criterion_sigma_I   3.0 
_reflns.observed_criterion_sigma_F   ? 
_reflns.d_resolution_low             30.00 
_reflns.d_resolution_high            2.45 
_reflns.number_obs                   10457 
_reflns.number_all                   ? 
_reflns.percent_possible_obs         99.6 
_reflns.pdbx_Rmerge_I_obs            0.06 
_reflns.pdbx_Rsym_value              ? 
_reflns.pdbx_netI_over_sigmaI        20.50 
_reflns.B_iso_Wilson_estimate        ? 
_reflns.pdbx_redundancy              7.9 
# 
_reflns_shell.pdbx_diffrn_id         1 
_reflns_shell.pdbx_ordinal           1 
_reflns_shell.d_res_high             2.45 
_reflns_shell.d_res_low              2.58 
_reflns_shell.percent_possible_all   99.9 
_reflns_shell.Rmerge_I_obs           0.65 
_reflns_shell.pdbx_Rsym_value        ? 
_reflns_shell.meanI_over_sigI_obs    3.50 
_reflns_shell.pdbx_redundancy        8.0 
# 
_refine.pdbx_refine_id                           'X-RAY DIFFRACTION' 
_refine.entry_id                                 2VTG 
_refine.pdbx_diffrn_id                           1 
_refine.pdbx_TLS_residual_ADP_flag               'LIKELY RESIDUAL' 
_refine.ls_number_reflns_obs                     9931 
_refine.ls_number_reflns_all                     ? 
_refine.pdbx_ls_sigma_I                          ? 
_refine.pdbx_ls_sigma_F                          ? 
_refine.pdbx_data_cutoff_high_absF               ? 
_refine.pdbx_data_cutoff_low_absF                ? 
_refine.pdbx_data_cutoff_high_rms_absF           ? 
_refine.ls_d_res_low                             61.08 
_refine.ls_d_res_high                            2.45 
_refine.ls_percent_reflns_obs                    99.5 
_refine.ls_R_factor_obs                          0.205 
_refine.ls_R_factor_all                          ? 
_refine.ls_R_factor_R_work                       0.204 
_refine.ls_R_factor_R_free                       0.232 
_refine.ls_R_factor_R_free_error                 ? 
_refine.ls_R_factor_R_free_error_details         ? 
_refine.ls_percent_reflns_R_free                 4.800 
_refine.ls_number_reflns_R_free                  500 
_refine.ls_number_parameters                     ? 
_refine.ls_number_restraints                     ? 
_refine.occupancy_min                            ? 
_refine.occupancy_max                            ? 
_refine.correlation_coeff_Fo_to_Fc               0.948 
_refine.correlation_coeff_Fo_to_Fc_free          0.932 
_refine.B_iso_mean                               36.65 
_refine.aniso_B[1][1]                            0.74000 
_refine.aniso_B[2][2]                            0.74000 
_refine.aniso_B[3][3]                            -1.11000 
_refine.aniso_B[1][2]                            0.37000 
_refine.aniso_B[1][3]                            0.00000 
_refine.aniso_B[2][3]                            0.00000 
_refine.solvent_model_details                    MASK 
_refine.solvent_model_param_ksol                 ? 
_refine.solvent_model_param_bsol                 ? 
_refine.pdbx_solvent_vdw_probe_radii             1.40 
_refine.pdbx_solvent_ion_probe_radii             0.80 
_refine.pdbx_solvent_shrinkage_radii             0.80 
_refine.pdbx_ls_cross_valid_method               THROUGHOUT 
_refine.details                                  'HYDROGENS HAVE BEEN ADDED IN THE RIDING POSITIONS.' 
_refine.pdbx_starting_model                      'PDB ENTRY 1WY9' 
_refine.pdbx_method_to_determine_struct          'MOLECULAR REPLACEMENT' 
_refine.pdbx_isotropic_thermal_model             ? 
_refine.pdbx_stereochemistry_target_values       'MAXIMUM LIKELIHOOD' 
_refine.pdbx_stereochem_target_val_spec_case     ? 
_refine.pdbx_R_Free_selection_details            RANDOM 
_refine.pdbx_overall_ESU_R                       0.199 
_refine.pdbx_overall_ESU_R_Free                  0.178 
_refine.overall_SU_ML                            0.123 
_refine.pdbx_overall_phase_error                 ? 
_refine.overall_SU_B                             9.683 
_refine.overall_SU_R_Cruickshank_DPI             ? 
_refine.pdbx_overall_SU_R_free_Cruickshank_DPI   ? 
_refine.pdbx_overall_SU_R_Blow_DPI               ? 
_refine.pdbx_overall_SU_R_free_Blow_DPI          ? 
# 
_refine_hist.pdbx_refine_id                   'X-RAY DIFFRACTION' 
_refine_hist.cycle_id                         LAST 
_refine_hist.pdbx_number_atoms_protein        888 
_refine_hist.pdbx_number_atoms_nucleic_acid   0 
_refine_hist.pdbx_number_atoms_ligand         6 
_refine_hist.number_atoms_solvent             38 
_refine_hist.number_atoms_total               932 
_refine_hist.d_res_high                       2.45 
_refine_hist.d_res_low                        61.08 
# 
loop_
_refine_ls_restr.type 
_refine_ls_restr.dev_ideal 
_refine_ls_restr.dev_ideal_target 
_refine_ls_restr.weight 
_refine_ls_restr.number 
_refine_ls_restr.pdbx_refine_id 
_refine_ls_restr.pdbx_restraint_function 
r_bond_refined_d             0.016  0.022  ? 911  'X-RAY DIFFRACTION' ? 
r_bond_other_d               ?      ?      ? ?    'X-RAY DIFFRACTION' ? 
r_angle_refined_deg          1.667  2.008  ? 1212 'X-RAY DIFFRACTION' ? 
r_angle_other_deg            ?      ?      ? ?    'X-RAY DIFFRACTION' ? 
r_dihedral_angle_1_deg       10.923 5.000  ? 112  'X-RAY DIFFRACTION' ? 
r_dihedral_angle_2_deg       34.905 24.762 ? 42   'X-RAY DIFFRACTION' ? 
r_dihedral_angle_3_deg       17.286 15.000 ? 203  'X-RAY DIFFRACTION' ? 
r_dihedral_angle_4_deg       16.471 15.000 ? 7    'X-RAY DIFFRACTION' ? 
r_chiral_restr               0.118  0.200  ? 134  'X-RAY DIFFRACTION' ? 
r_gen_planes_refined         0.006  0.020  ? 653  'X-RAY DIFFRACTION' ? 
r_gen_planes_other           ?      ?      ? ?    'X-RAY DIFFRACTION' ? 
r_nbd_refined                0.229  0.200  ? 388  'X-RAY DIFFRACTION' ? 
r_nbd_other                  ?      ?      ? ?    'X-RAY DIFFRACTION' ? 
r_nbtor_refined              0.316  0.200  ? 633  'X-RAY DIFFRACTION' ? 
r_nbtor_other                ?      ?      ? ?    'X-RAY DIFFRACTION' ? 
r_xyhbond_nbd_refined        0.154  0.200  ? 48   'X-RAY DIFFRACTION' ? 
r_xyhbond_nbd_other          ?      ?      ? ?    'X-RAY DIFFRACTION' ? 
r_metal_ion_refined          ?      ?      ? ?    'X-RAY DIFFRACTION' ? 
r_metal_ion_other            ?      ?      ? ?    'X-RAY DIFFRACTION' ? 
r_symmetry_vdw_refined       0.240  0.200  ? 25   'X-RAY DIFFRACTION' ? 
r_symmetry_vdw_other         ?      ?      ? ?    'X-RAY DIFFRACTION' ? 
r_symmetry_hbond_refined     0.149  0.200  ? 4    'X-RAY DIFFRACTION' ? 
r_symmetry_hbond_other       ?      ?      ? ?    'X-RAY DIFFRACTION' ? 
r_symmetry_metal_ion_refined ?      ?      ? ?    'X-RAY DIFFRACTION' ? 
r_symmetry_metal_ion_other   ?      ?      ? ?    'X-RAY DIFFRACTION' ? 
r_mcbond_it                  2.896  2.000  ? 577  'X-RAY DIFFRACTION' ? 
r_mcbond_other               ?      ?      ? ?    'X-RAY DIFFRACTION' ? 
r_mcangle_it                 4.232  3.000  ? 884  'X-RAY DIFFRACTION' ? 
r_mcangle_other              ?      ?      ? ?    'X-RAY DIFFRACTION' ? 
r_scbond_it                  3.185  2.000  ? 379  'X-RAY DIFFRACTION' ? 
r_scbond_other               ?      ?      ? ?    'X-RAY DIFFRACTION' ? 
r_scangle_it                 4.712  3.000  ? 326  'X-RAY DIFFRACTION' ? 
r_scangle_other              ?      ?      ? ?    'X-RAY DIFFRACTION' ? 
r_long_range_B_refined       ?      ?      ? ?    'X-RAY DIFFRACTION' ? 
r_long_range_B_other         ?      ?      ? ?    'X-RAY DIFFRACTION' ? 
r_rigid_bond_restr           ?      ?      ? ?    'X-RAY DIFFRACTION' ? 
r_sphericity_free            ?      ?      ? ?    'X-RAY DIFFRACTION' ? 
r_sphericity_bonded          ?      ?      ? ?    'X-RAY DIFFRACTION' ? 
# 
_refine_ls_shell.pdbx_refine_id                   'X-RAY DIFFRACTION' 
_refine_ls_shell.pdbx_total_number_of_bins_used   20 
_refine_ls_shell.d_res_high                       2.45 
_refine_ls_shell.d_res_low                        2.51 
_refine_ls_shell.number_reflns_R_work             746 
_refine_ls_shell.R_factor_R_work                  0.3410 
_refine_ls_shell.percent_reflns_obs               ? 
_refine_ls_shell.R_factor_R_free                  0.2490 
_refine_ls_shell.R_factor_R_free_error            ? 
_refine_ls_shell.percent_reflns_R_free            ? 
_refine_ls_shell.number_reflns_R_free             26 
_refine_ls_shell.number_reflns_all                ? 
_refine_ls_shell.R_factor_all                     ? 
# 
_struct.entry_id                  2VTG 
_struct.title                     'Crystal Structure of Human Iba2, trigonal crystal form' 
_struct.pdbx_model_details        ? 
_struct.pdbx_CASP_flag            ? 
_struct.pdbx_model_type_details   ? 
# 
_struct_keywords.entry_id        2VTG 
_struct_keywords.pdbx_keywords   'METAL BINDING PROTEIN' 
_struct_keywords.text            
;EF-HAND, CALCIUM BINDING, ACTIN CROSSLINKING, IONIZED CALCIUM BINDING ADAPTER MOLECULE 2, METAL-BINDING PROTEIN, METAL BINDING PROTEIN
;
# 
loop_
_struct_asym.id 
_struct_asym.pdbx_blank_PDB_chainid_flag 
_struct_asym.pdbx_modified 
_struct_asym.entity_id 
_struct_asym.details 
A N N 1 ? 
B N N 2 ? 
C N N 2 ? 
D N N 3 ? 
E N N 4 ? 
# 
_struct_ref.id                         1 
_struct_ref.db_name                    UNP 
_struct_ref.db_code                    IBA2_HUMAN 
_struct_ref.entity_id                  1 
_struct_ref.pdbx_seq_one_letter_code   ? 
_struct_ref.pdbx_align_begin           ? 
_struct_ref.pdbx_db_accession          Q9BQI0 
_struct_ref.pdbx_db_isoform            ? 
# 
_struct_ref_seq.align_id                      1 
_struct_ref_seq.ref_id                        1 
_struct_ref_seq.pdbx_PDB_id_code              2VTG 
_struct_ref_seq.pdbx_strand_id                A 
_struct_ref_seq.seq_align_beg                 1 
_struct_ref_seq.pdbx_seq_align_beg_ins_code   ? 
_struct_ref_seq.seq_align_end                 150 
_struct_ref_seq.pdbx_seq_align_end_ins_code   ? 
_struct_ref_seq.pdbx_db_accession             Q9BQI0 
_struct_ref_seq.db_align_beg                  1 
_struct_ref_seq.pdbx_db_align_beg_ins_code    ? 
_struct_ref_seq.db_align_end                  150 
_struct_ref_seq.pdbx_db_align_end_ins_code    ? 
_struct_ref_seq.pdbx_auth_seq_align_beg       1 
_struct_ref_seq.pdbx_auth_seq_align_end       150 
# 
_pdbx_struct_assembly.id                   1 
_pdbx_struct_assembly.details              software_defined_assembly 
_pdbx_struct_assembly.method_details       PQS 
_pdbx_struct_assembly.oligomeric_details   monomeric 
_pdbx_struct_assembly.oligomeric_count     1 
# 
_pdbx_struct_assembly_gen.assembly_id       1 
_pdbx_struct_assembly_gen.oper_expression   1 
_pdbx_struct_assembly_gen.asym_id_list      A,B,C,D,E 
# 
_pdbx_struct_oper_list.id                   1 
_pdbx_struct_oper_list.type                 'identity operation' 
_pdbx_struct_oper_list.name                 1_555 
_pdbx_struct_oper_list.symmetry_operation   x,y,z 
_pdbx_struct_oper_list.matrix[1][1]         1.0000000000 
_pdbx_struct_oper_list.matrix[1][2]         0.0000000000 
_pdbx_struct_oper_list.matrix[1][3]         0.0000000000 
_pdbx_struct_oper_list.vector[1]            0.0000000000 
_pdbx_struct_oper_list.matrix[2][1]         0.0000000000 
_pdbx_struct_oper_list.matrix[2][2]         1.0000000000 
_pdbx_struct_oper_list.matrix[2][3]         0.0000000000 
_pdbx_struct_oper_list.vector[2]            0.0000000000 
_pdbx_struct_oper_list.matrix[3][1]         0.0000000000 
_pdbx_struct_oper_list.matrix[3][2]         0.0000000000 
_pdbx_struct_oper_list.matrix[3][3]         1.0000000000 
_pdbx_struct_oper_list.vector[3]            0.0000000000 
# 
_struct_biol.id   1 
# 
loop_
_struct_conf.conf_type_id 
_struct_conf.id 
_struct_conf.pdbx_PDB_helix_id 
_struct_conf.beg_label_comp_id 
_struct_conf.beg_label_asym_id 
_struct_conf.beg_label_seq_id 
_struct_conf.pdbx_beg_PDB_ins_code 
_struct_conf.end_label_comp_id 
_struct_conf.end_label_asym_id 
_struct_conf.end_label_seq_id 
_struct_conf.pdbx_end_PDB_ins_code 
_struct_conf.beg_auth_comp_id 
_struct_conf.beg_auth_asym_id 
_struct_conf.beg_auth_seq_id 
_struct_conf.end_auth_comp_id 
_struct_conf.end_auth_asym_id 
_struct_conf.end_auth_seq_id 
_struct_conf.pdbx_PDB_helix_class 
_struct_conf.details 
_struct_conf.pdbx_PDB_helix_length 
HELX_P HELX_P1 1 LEU A 17  ? LEU A 34  ? LEU A 17  LEU A 34  1 ? 18 
HELX_P HELX_P2 2 ASP A 36  ? SER A 40  ? ASP A 36  SER A 40  5 ? 5  
HELX_P HELX_P3 3 ASN A 44  ? GLU A 58  ? ASN A 44  GLU A 58  1 ? 15 
HELX_P HELX_P4 4 ASP A 68  ? GLY A 80  ? ASP A 68  GLY A 80  1 ? 13 
HELX_P HELX_P5 5 THR A 84  ? GLY A 97  ? THR A 84  GLY A 97  1 ? 14 
HELX_P HELX_P6 6 SER A 104 ? GLY A 114 ? SER A 104 GLY A 114 1 ? 11 
HELX_P HELX_P7 7 ALA A 118 ? MET A 125 ? ALA A 118 MET A 125 1 ? 8  
# 
_struct_conf_type.id          HELX_P 
_struct_conf_type.criteria    ? 
_struct_conf_type.reference   ? 
# 
loop_
_struct_conn.id 
_struct_conn.conn_type_id 
_struct_conn.pdbx_leaving_atom_flag 
_struct_conn.pdbx_PDB_id 
_struct_conn.ptnr1_label_asym_id 
_struct_conn.ptnr1_label_comp_id 
_struct_conn.ptnr1_label_seq_id 
_struct_conn.ptnr1_label_atom_id 
_struct_conn.pdbx_ptnr1_label_alt_id 
_struct_conn.pdbx_ptnr1_PDB_ins_code 
_struct_conn.pdbx_ptnr1_standard_comp_id 
_struct_conn.ptnr1_symmetry 
_struct_conn.ptnr2_label_asym_id 
_struct_conn.ptnr2_label_comp_id 
_struct_conn.ptnr2_label_seq_id 
_struct_conn.ptnr2_label_atom_id 
_struct_conn.pdbx_ptnr2_label_alt_id 
_struct_conn.pdbx_ptnr2_PDB_ins_code 
_struct_conn.ptnr1_auth_asym_id 
_struct_conn.ptnr1_auth_comp_id 
_struct_conn.ptnr1_auth_seq_id 
_struct_conn.ptnr2_auth_asym_id 
_struct_conn.ptnr2_auth_comp_id 
_struct_conn.ptnr2_auth_seq_id 
_struct_conn.ptnr2_symmetry 
_struct_conn.pdbx_ptnr3_label_atom_id 
_struct_conn.pdbx_ptnr3_label_seq_id 
_struct_conn.pdbx_ptnr3_label_comp_id 
_struct_conn.pdbx_ptnr3_label_asym_id 
_struct_conn.pdbx_ptnr3_label_alt_id 
_struct_conn.pdbx_ptnr3_PDB_ins_code 
_struct_conn.details 
_struct_conn.pdbx_dist_value 
_struct_conn.pdbx_value_order 
_struct_conn.pdbx_role 
disulf1 disulf ? ? A CYS 35 SG  ? ? ? 1_555 A CYS 35 SG ? ? A CYS 35   A CYS 35   4_555 ? ? ? ? ? ? ? 2.045 ? ? 
metalc1 metalc ? ? A GLU 28 OE1 ? ? ? 4_555 B ZN  .  ZN ? ? A GLU 28   A ZN  1126 1_555 ? ? ? ? ? ? ? 1.947 ? ? 
metalc2 metalc ? ? A GLU 28 OE2 ? ? ? 4_555 B ZN  .  ZN ? ? A GLU 28   A ZN  1126 1_555 ? ? ? ? ? ? ? 2.522 ? ? 
metalc3 metalc ? ? A GLU 43 OE1 ? ? ? 1_555 B ZN  .  ZN ? ? A GLU 43   A ZN  1126 1_555 ? ? ? ? ? ? ? 2.113 ? ? 
metalc4 metalc ? ? A GLU 47 OE1 ? ? ? 1_555 C ZN  .  ZN ? ? A GLU 47   A ZN  1127 1_555 ? ? ? ? ? ? ? 2.280 ? ? 
metalc5 metalc ? ? A HIS 85 NE2 ? ? ? 5_445 B ZN  .  ZN ? ? A HIS 85   A ZN  1126 1_555 ? ? ? ? ? ? ? 1.874 ? ? 
metalc6 metalc ? ? B ZN  .  ZN  ? ? ? 1_555 D ACT .  O  ? ? A ZN  1126 A ACT 1128 4_555 ? ? ? ? ? ? ? 1.883 ? ? 
# 
loop_
_struct_conn_type.id 
_struct_conn_type.criteria 
_struct_conn_type.reference 
disulf ? ? 
metalc ? ? 
# 
loop_
_pdbx_struct_conn_angle.id 
_pdbx_struct_conn_angle.ptnr1_label_atom_id 
_pdbx_struct_conn_angle.ptnr1_label_alt_id 
_pdbx_struct_conn_angle.ptnr1_label_asym_id 
_pdbx_struct_conn_angle.ptnr1_label_comp_id 
_pdbx_struct_conn_angle.ptnr1_label_seq_id 
_pdbx_struct_conn_angle.ptnr1_auth_atom_id 
_pdbx_struct_conn_angle.ptnr1_auth_asym_id 
_pdbx_struct_conn_angle.ptnr1_auth_comp_id 
_pdbx_struct_conn_angle.ptnr1_auth_seq_id 
_pdbx_struct_conn_angle.ptnr1_PDB_ins_code 
_pdbx_struct_conn_angle.ptnr1_symmetry 
_pdbx_struct_conn_angle.ptnr2_label_atom_id 
_pdbx_struct_conn_angle.ptnr2_label_alt_id 
_pdbx_struct_conn_angle.ptnr2_label_asym_id 
_pdbx_struct_conn_angle.ptnr2_label_comp_id 
_pdbx_struct_conn_angle.ptnr2_label_seq_id 
_pdbx_struct_conn_angle.ptnr2_auth_atom_id 
_pdbx_struct_conn_angle.ptnr2_auth_asym_id 
_pdbx_struct_conn_angle.ptnr2_auth_comp_id 
_pdbx_struct_conn_angle.ptnr2_auth_seq_id 
_pdbx_struct_conn_angle.ptnr2_PDB_ins_code 
_pdbx_struct_conn_angle.ptnr2_symmetry 
_pdbx_struct_conn_angle.ptnr3_label_atom_id 
_pdbx_struct_conn_angle.ptnr3_label_alt_id 
_pdbx_struct_conn_angle.ptnr3_label_asym_id 
_pdbx_struct_conn_angle.ptnr3_label_comp_id 
_pdbx_struct_conn_angle.ptnr3_label_seq_id 
_pdbx_struct_conn_angle.ptnr3_auth_atom_id 
_pdbx_struct_conn_angle.ptnr3_auth_asym_id 
_pdbx_struct_conn_angle.ptnr3_auth_comp_id 
_pdbx_struct_conn_angle.ptnr3_auth_seq_id 
_pdbx_struct_conn_angle.ptnr3_PDB_ins_code 
_pdbx_struct_conn_angle.ptnr3_symmetry 
_pdbx_struct_conn_angle.value 
_pdbx_struct_conn_angle.value_esd 
1  OE1 ? A GLU 28 ? A GLU 28 ? 4_555 ZN ? B ZN . ? A ZN 1126 ? 1_555 OE2 ? A GLU 28 ? A GLU 28   ? 4_555 56.1  ? 
2  OE1 ? A GLU 28 ? A GLU 28 ? 4_555 ZN ? B ZN . ? A ZN 1126 ? 1_555 OE1 ? A GLU 43 ? A GLU 43   ? 1_555 102.3 ? 
3  OE2 ? A GLU 28 ? A GLU 28 ? 4_555 ZN ? B ZN . ? A ZN 1126 ? 1_555 OE1 ? A GLU 43 ? A GLU 43   ? 1_555 158.0 ? 
4  OE1 ? A GLU 28 ? A GLU 28 ? 4_555 ZN ? B ZN . ? A ZN 1126 ? 1_555 NE2 ? A HIS 85 ? A HIS 85   ? 5_445 128.4 ? 
5  OE2 ? A GLU 28 ? A GLU 28 ? 4_555 ZN ? B ZN . ? A ZN 1126 ? 1_555 NE2 ? A HIS 85 ? A HIS 85   ? 5_445 88.0  ? 
6  OE1 ? A GLU 43 ? A GLU 43 ? 1_555 ZN ? B ZN . ? A ZN 1126 ? 1_555 NE2 ? A HIS 85 ? A HIS 85   ? 5_445 111.5 ? 
7  OE1 ? A GLU 28 ? A GLU 28 ? 4_555 ZN ? B ZN . ? A ZN 1126 ? 1_555 O   ? D ACT .  ? A ACT 1128 ? 4_555 108.6 ? 
8  OE2 ? A GLU 28 ? A GLU 28 ? 4_555 ZN ? B ZN . ? A ZN 1126 ? 1_555 O   ? D ACT .  ? A ACT 1128 ? 4_555 95.0  ? 
9  OE1 ? A GLU 43 ? A GLU 43 ? 1_555 ZN ? B ZN . ? A ZN 1126 ? 1_555 O   ? D ACT .  ? A ACT 1128 ? 4_555 87.8  ? 
10 NE2 ? A HIS 85 ? A HIS 85 ? 5_445 ZN ? B ZN . ? A ZN 1126 ? 1_555 O   ? D ACT .  ? A ACT 1128 ? 4_555 110.5 ? 
# 
_pdbx_modification_feature.ordinal                            1 
_pdbx_modification_feature.label_comp_id                      CYS 
_pdbx_modification_feature.label_asym_id                      A 
_pdbx_modification_feature.label_seq_id                       35 
_pdbx_modification_feature.label_alt_id                       ? 
_pdbx_modification_feature.modified_residue_label_comp_id     CYS 
_pdbx_modification_feature.modified_residue_label_asym_id     A 
_pdbx_modification_feature.modified_residue_label_seq_id      35 
_pdbx_modification_feature.modified_residue_label_alt_id      ? 
_pdbx_modification_feature.auth_comp_id                       CYS 
_pdbx_modification_feature.auth_asym_id                       A 
_pdbx_modification_feature.auth_seq_id                        35 
_pdbx_modification_feature.PDB_ins_code                       ? 
_pdbx_modification_feature.symmetry                           1_555 
_pdbx_modification_feature.modified_residue_auth_comp_id      CYS 
_pdbx_modification_feature.modified_residue_auth_asym_id      A 
_pdbx_modification_feature.modified_residue_auth_seq_id       35 
_pdbx_modification_feature.modified_residue_PDB_ins_code      ? 
_pdbx_modification_feature.modified_residue_symmetry          4_555 
_pdbx_modification_feature.comp_id_linking_atom               SG 
_pdbx_modification_feature.modified_residue_id_linking_atom   SG 
_pdbx_modification_feature.modified_residue_id                . 
_pdbx_modification_feature.ref_pcm_id                         . 
_pdbx_modification_feature.ref_comp_id                        . 
_pdbx_modification_feature.type                               None 
_pdbx_modification_feature.category                           'Disulfide bridge' 
# 
loop_
_struct_site.id 
_struct_site.pdbx_evidence_code 
_struct_site.pdbx_auth_asym_id 
_struct_site.pdbx_auth_comp_id 
_struct_site.pdbx_auth_seq_id 
_struct_site.pdbx_auth_ins_code 
_struct_site.pdbx_num_residues 
_struct_site.details 
AC1 Software A ZN  1126 ? 4 'BINDING SITE FOR RESIDUE ZN A 1126'  
AC2 Software A ZN  1127 ? 1 'BINDING SITE FOR RESIDUE ZN A 1127'  
AC3 Software A ACT 1128 ? 7 'BINDING SITE FOR RESIDUE ACT A 1128' 
# 
loop_
_struct_site_gen.id 
_struct_site_gen.site_id 
_struct_site_gen.pdbx_num_res 
_struct_site_gen.label_comp_id 
_struct_site_gen.label_asym_id 
_struct_site_gen.label_seq_id 
_struct_site_gen.pdbx_auth_ins_code 
_struct_site_gen.auth_comp_id 
_struct_site_gen.auth_asym_id 
_struct_site_gen.auth_seq_id 
_struct_site_gen.label_atom_id 
_struct_site_gen.label_alt_id 
_struct_site_gen.symmetry 
_struct_site_gen.details 
1  AC1 4 GLU A 28 ? GLU A 28   . ? 4_555 ? 
2  AC1 4 GLU A 43 ? GLU A 43   . ? 1_555 ? 
3  AC1 4 HIS A 85 ? HIS A 85   . ? 5_445 ? 
4  AC1 4 ACT D .  ? ACT A 1128 . ? 4_555 ? 
5  AC2 1 GLU A 47 ? GLU A 47   . ? 1_555 ? 
6  AC3 7 ARG A 24 ? ARG A 24   . ? 1_555 ? 
7  AC3 7 GLU A 28 ? GLU A 28   . ? 1_555 ? 
8  AC3 7 ARG A 31 ? ARG A 31   . ? 1_555 ? 
9  AC3 7 GLU A 43 ? GLU A 43   . ? 4_555 ? 
10 AC3 7 ASN A 44 ? ASN A 44   . ? 4_555 ? 
11 AC3 7 HIS A 85 ? HIS A 85   . ? 2_444 ? 
12 AC3 7 ZN  B .  ? ZN  A 1126 . ? 4_555 ? 
# 
_pdbx_entry_details.entry_id                   2VTG 
_pdbx_entry_details.compound_details           ? 
_pdbx_entry_details.source_details             ? 
_pdbx_entry_details.nonpolymer_details         ? 
_pdbx_entry_details.sequence_details           ? 
_pdbx_entry_details.has_ligand_of_interest     ? 
_pdbx_entry_details.has_protein_modification   Y 
# 
_pdbx_validate_rmsd_angle.id                         1 
_pdbx_validate_rmsd_angle.PDB_model_num              1 
_pdbx_validate_rmsd_angle.auth_atom_id_1             N 
_pdbx_validate_rmsd_angle.auth_asym_id_1             A 
_pdbx_validate_rmsd_angle.auth_comp_id_1             GLU 
_pdbx_validate_rmsd_angle.auth_seq_id_1              64 
_pdbx_validate_rmsd_angle.PDB_ins_code_1             ? 
_pdbx_validate_rmsd_angle.label_alt_id_1             ? 
_pdbx_validate_rmsd_angle.auth_atom_id_2             CA 
_pdbx_validate_rmsd_angle.auth_asym_id_2             A 
_pdbx_validate_rmsd_angle.auth_comp_id_2             GLU 
_pdbx_validate_rmsd_angle.auth_seq_id_2              64 
_pdbx_validate_rmsd_angle.PDB_ins_code_2             ? 
_pdbx_validate_rmsd_angle.label_alt_id_2             ? 
_pdbx_validate_rmsd_angle.auth_atom_id_3             C 
_pdbx_validate_rmsd_angle.auth_asym_id_3             A 
_pdbx_validate_rmsd_angle.auth_comp_id_3             GLU 
_pdbx_validate_rmsd_angle.auth_seq_id_3              64 
_pdbx_validate_rmsd_angle.PDB_ins_code_3             ? 
_pdbx_validate_rmsd_angle.label_alt_id_3             ? 
_pdbx_validate_rmsd_angle.angle_value                130.60 
_pdbx_validate_rmsd_angle.angle_target_value         111.00 
_pdbx_validate_rmsd_angle.angle_deviation            19.60 
_pdbx_validate_rmsd_angle.angle_standard_deviation   2.70 
_pdbx_validate_rmsd_angle.linker_flag                N 
# 
_pdbx_validate_torsion.id              1 
_pdbx_validate_torsion.PDB_model_num   1 
_pdbx_validate_torsion.auth_comp_id    ASN 
_pdbx_validate_torsion.auth_asym_id    A 
_pdbx_validate_torsion.auth_seq_id     62 
_pdbx_validate_torsion.PDB_ins_code    ? 
_pdbx_validate_torsion.label_alt_id    ? 
_pdbx_validate_torsion.phi             -67.59 
_pdbx_validate_torsion.psi             -170.50 
# 
_pdbx_validate_peptide_omega.id               1 
_pdbx_validate_peptide_omega.PDB_model_num    1 
_pdbx_validate_peptide_omega.auth_comp_id_1   ASN 
_pdbx_validate_peptide_omega.auth_asym_id_1   A 
_pdbx_validate_peptide_omega.auth_seq_id_1    63 
_pdbx_validate_peptide_omega.PDB_ins_code_1   ? 
_pdbx_validate_peptide_omega.label_alt_id_1   ? 
_pdbx_validate_peptide_omega.auth_comp_id_2   GLU 
_pdbx_validate_peptide_omega.auth_asym_id_2   A 
_pdbx_validate_peptide_omega.auth_seq_id_2    64 
_pdbx_validate_peptide_omega.PDB_ins_code_2   ? 
_pdbx_validate_peptide_omega.label_alt_id_2   ? 
_pdbx_validate_peptide_omega.omega            103.52 
# 
_pdbx_refine_tls.pdbx_refine_id   'X-RAY DIFFRACTION' 
_pdbx_refine_tls.id               1 
_pdbx_refine_tls.details          ? 
_pdbx_refine_tls.method           refined 
_pdbx_refine_tls.origin_x         -0.0746 
_pdbx_refine_tls.origin_y         0.1982 
_pdbx_refine_tls.origin_z         -0.2759 
_pdbx_refine_tls.T[1][1]          0.1922 
_pdbx_refine_tls.T[2][2]          0.2415 
_pdbx_refine_tls.T[3][3]          0.1463 
_pdbx_refine_tls.T[1][2]          0.1117 
_pdbx_refine_tls.T[1][3]          0.0268 
_pdbx_refine_tls.T[2][3]          0.0271 
_pdbx_refine_tls.L[1][1]          0.8330 
_pdbx_refine_tls.L[2][2]          1.3271 
_pdbx_refine_tls.L[3][3]          4.7457 
_pdbx_refine_tls.L[1][2]          -0.7578 
_pdbx_refine_tls.L[1][3]          1.9490 
_pdbx_refine_tls.L[2][3]          -1.4285 
_pdbx_refine_tls.S[1][1]          0.0014 
_pdbx_refine_tls.S[1][2]          -0.1396 
_pdbx_refine_tls.S[1][3]          0.0647 
_pdbx_refine_tls.S[2][1]          -0.1802 
_pdbx_refine_tls.S[2][2]          0.0235 
_pdbx_refine_tls.S[2][3]          -0.1083 
_pdbx_refine_tls.S[3][1]          0.1151 
_pdbx_refine_tls.S[3][2]          0.0925 
_pdbx_refine_tls.S[3][3]          -0.0248 
# 
_pdbx_refine_tls_group.pdbx_refine_id      'X-RAY DIFFRACTION' 
_pdbx_refine_tls_group.id                  1 
_pdbx_refine_tls_group.refine_tls_id       1 
_pdbx_refine_tls_group.beg_auth_asym_id    A 
_pdbx_refine_tls_group.beg_auth_seq_id     1 
_pdbx_refine_tls_group.beg_label_asym_id   ? 
_pdbx_refine_tls_group.beg_label_seq_id    ? 
_pdbx_refine_tls_group.end_auth_asym_id    A 
_pdbx_refine_tls_group.end_auth_seq_id     150 
_pdbx_refine_tls_group.end_label_asym_id   ? 
_pdbx_refine_tls_group.end_label_seq_id    ? 
_pdbx_refine_tls_group.selection           ? 
_pdbx_refine_tls_group.selection_details   ? 
# 
loop_
_pdbx_unobs_or_zero_occ_residues.id 
_pdbx_unobs_or_zero_occ_residues.PDB_model_num 
_pdbx_unobs_or_zero_occ_residues.polymer_flag 
_pdbx_unobs_or_zero_occ_residues.occupancy_flag 
_pdbx_unobs_or_zero_occ_residues.auth_asym_id 
_pdbx_unobs_or_zero_occ_residues.auth_comp_id 
_pdbx_unobs_or_zero_occ_residues.auth_seq_id 
_pdbx_unobs_or_zero_occ_residues.PDB_ins_code 
_pdbx_unobs_or_zero_occ_residues.label_asym_id 
_pdbx_unobs_or_zero_occ_residues.label_comp_id 
_pdbx_unobs_or_zero_occ_residues.label_seq_id 
1  1 Y 1 A MET 1   ? A MET 1   
2  1 Y 1 A SER 2   ? A SER 2   
3  1 Y 1 A GLY 3   ? A GLY 3   
4  1 Y 1 A GLU 4   ? A GLU 4   
5  1 Y 1 A LEU 5   ? A LEU 5   
6  1 Y 1 A SER 6   ? A SER 6   
7  1 Y 1 A ASN 7   ? A ASN 7   
8  1 Y 1 A ARG 8   ? A ARG 8   
9  1 Y 1 A PHE 9   ? A PHE 9   
10 1 Y 1 A GLN 10  ? A GLN 10  
11 1 Y 1 A GLY 11  ? A GLY 11  
12 1 Y 1 A GLY 12  ? A GLY 12  
13 1 Y 1 A LYS 13  ? A LYS 13  
14 1 Y 1 A ALA 14  ? A ALA 14  
15 1 Y 1 A PHE 15  ? A PHE 15  
16 1 Y 1 A GLY 16  ? A GLY 16  
17 1 Y 1 A PHE 126 ? A PHE 126 
18 1 Y 1 A GLU 127 ? A GLU 127 
19 1 Y 1 A GLY 128 ? A GLY 128 
20 1 Y 1 A LYS 129 ? A LYS 129 
21 1 Y 1 A ALA 130 ? A ALA 130 
22 1 Y 1 A ASN 131 ? A ASN 131 
23 1 Y 1 A GLU 132 ? A GLU 132 
24 1 Y 1 A SER 133 ? A SER 133 
25 1 Y 1 A SER 134 ? A SER 134 
26 1 Y 1 A PRO 135 ? A PRO 135 
27 1 Y 1 A LYS 136 ? A LYS 136 
28 1 Y 1 A PRO 137 ? A PRO 137 
29 1 Y 1 A VAL 138 ? A VAL 138 
30 1 Y 1 A GLY 139 ? A GLY 139 
31 1 Y 1 A PRO 140 ? A PRO 140 
32 1 Y 1 A PRO 141 ? A PRO 141 
33 1 Y 1 A PRO 142 ? A PRO 142 
34 1 Y 1 A GLU 143 ? A GLU 143 
35 1 Y 1 A ARG 144 ? A ARG 144 
36 1 Y 1 A ASP 145 ? A ASP 145 
37 1 Y 1 A ILE 146 ? A ILE 146 
38 1 Y 1 A ALA 147 ? A ALA 147 
39 1 Y 1 A SER 148 ? A SER 148 
40 1 Y 1 A LEU 149 ? A LEU 149 
41 1 Y 1 A PRO 150 ? A PRO 150 
# 
loop_
_chem_comp_atom.comp_id 
_chem_comp_atom.atom_id 
_chem_comp_atom.type_symbol 
_chem_comp_atom.pdbx_aromatic_flag 
_chem_comp_atom.pdbx_stereo_config 
_chem_comp_atom.pdbx_ordinal 
ACT C    C  N N 1   
ACT O    O  N N 2   
ACT OXT  O  N N 3   
ACT CH3  C  N N 4   
ACT H1   H  N N 5   
ACT H2   H  N N 6   
ACT H3   H  N N 7   
ALA N    N  N N 8   
ALA CA   C  N S 9   
ALA C    C  N N 10  
ALA O    O  N N 11  
ALA CB   C  N N 12  
ALA OXT  O  N N 13  
ALA H    H  N N 14  
ALA H2   H  N N 15  
ALA HA   H  N N 16  
ALA HB1  H  N N 17  
ALA HB2  H  N N 18  
ALA HB3  H  N N 19  
ALA HXT  H  N N 20  
ARG N    N  N N 21  
ARG CA   C  N S 22  
ARG C    C  N N 23  
ARG O    O  N N 24  
ARG CB   C  N N 25  
ARG CG   C  N N 26  
ARG CD   C  N N 27  
ARG NE   N  N N 28  
ARG CZ   C  N N 29  
ARG NH1  N  N N 30  
ARG NH2  N  N N 31  
ARG OXT  O  N N 32  
ARG H    H  N N 33  
ARG H2   H  N N 34  
ARG HA   H  N N 35  
ARG HB2  H  N N 36  
ARG HB3  H  N N 37  
ARG HG2  H  N N 38  
ARG HG3  H  N N 39  
ARG HD2  H  N N 40  
ARG HD3  H  N N 41  
ARG HE   H  N N 42  
ARG HH11 H  N N 43  
ARG HH12 H  N N 44  
ARG HH21 H  N N 45  
ARG HH22 H  N N 46  
ARG HXT  H  N N 47  
ASN N    N  N N 48  
ASN CA   C  N S 49  
ASN C    C  N N 50  
ASN O    O  N N 51  
ASN CB   C  N N 52  
ASN CG   C  N N 53  
ASN OD1  O  N N 54  
ASN ND2  N  N N 55  
ASN OXT  O  N N 56  
ASN H    H  N N 57  
ASN H2   H  N N 58  
ASN HA   H  N N 59  
ASN HB2  H  N N 60  
ASN HB3  H  N N 61  
ASN HD21 H  N N 62  
ASN HD22 H  N N 63  
ASN HXT  H  N N 64  
ASP N    N  N N 65  
ASP CA   C  N S 66  
ASP C    C  N N 67  
ASP O    O  N N 68  
ASP CB   C  N N 69  
ASP CG   C  N N 70  
ASP OD1  O  N N 71  
ASP OD2  O  N N 72  
ASP OXT  O  N N 73  
ASP H    H  N N 74  
ASP H2   H  N N 75  
ASP HA   H  N N 76  
ASP HB2  H  N N 77  
ASP HB3  H  N N 78  
ASP HD2  H  N N 79  
ASP HXT  H  N N 80  
CYS N    N  N N 81  
CYS CA   C  N R 82  
CYS C    C  N N 83  
CYS O    O  N N 84  
CYS CB   C  N N 85  
CYS SG   S  N N 86  
CYS OXT  O  N N 87  
CYS H    H  N N 88  
CYS H2   H  N N 89  
CYS HA   H  N N 90  
CYS HB2  H  N N 91  
CYS HB3  H  N N 92  
CYS HG   H  N N 93  
CYS HXT  H  N N 94  
GLN N    N  N N 95  
GLN CA   C  N S 96  
GLN C    C  N N 97  
GLN O    O  N N 98  
GLN CB   C  N N 99  
GLN CG   C  N N 100 
GLN CD   C  N N 101 
GLN OE1  O  N N 102 
GLN NE2  N  N N 103 
GLN OXT  O  N N 104 
GLN H    H  N N 105 
GLN H2   H  N N 106 
GLN HA   H  N N 107 
GLN HB2  H  N N 108 
GLN HB3  H  N N 109 
GLN HG2  H  N N 110 
GLN HG3  H  N N 111 
GLN HE21 H  N N 112 
GLN HE22 H  N N 113 
GLN HXT  H  N N 114 
GLU N    N  N N 115 
GLU CA   C  N S 116 
GLU C    C  N N 117 
GLU O    O  N N 118 
GLU CB   C  N N 119 
GLU CG   C  N N 120 
GLU CD   C  N N 121 
GLU OE1  O  N N 122 
GLU OE2  O  N N 123 
GLU OXT  O  N N 124 
GLU H    H  N N 125 
GLU H2   H  N N 126 
GLU HA   H  N N 127 
GLU HB2  H  N N 128 
GLU HB3  H  N N 129 
GLU HG2  H  N N 130 
GLU HG3  H  N N 131 
GLU HE2  H  N N 132 
GLU HXT  H  N N 133 
GLY N    N  N N 134 
GLY CA   C  N N 135 
GLY C    C  N N 136 
GLY O    O  N N 137 
GLY OXT  O  N N 138 
GLY H    H  N N 139 
GLY H2   H  N N 140 
GLY HA2  H  N N 141 
GLY HA3  H  N N 142 
GLY HXT  H  N N 143 
HIS N    N  N N 144 
HIS CA   C  N S 145 
HIS C    C  N N 146 
HIS O    O  N N 147 
HIS CB   C  N N 148 
HIS CG   C  Y N 149 
HIS ND1  N  Y N 150 
HIS CD2  C  Y N 151 
HIS CE1  C  Y N 152 
HIS NE2  N  Y N 153 
HIS OXT  O  N N 154 
HIS H    H  N N 155 
HIS H2   H  N N 156 
HIS HA   H  N N 157 
HIS HB2  H  N N 158 
HIS HB3  H  N N 159 
HIS HD1  H  N N 160 
HIS HD2  H  N N 161 
HIS HE1  H  N N 162 
HIS HE2  H  N N 163 
HIS HXT  H  N N 164 
HOH O    O  N N 165 
HOH H1   H  N N 166 
HOH H2   H  N N 167 
ILE N    N  N N 168 
ILE CA   C  N S 169 
ILE C    C  N N 170 
ILE O    O  N N 171 
ILE CB   C  N S 172 
ILE CG1  C  N N 173 
ILE CG2  C  N N 174 
ILE CD1  C  N N 175 
ILE OXT  O  N N 176 
ILE H    H  N N 177 
ILE H2   H  N N 178 
ILE HA   H  N N 179 
ILE HB   H  N N 180 
ILE HG12 H  N N 181 
ILE HG13 H  N N 182 
ILE HG21 H  N N 183 
ILE HG22 H  N N 184 
ILE HG23 H  N N 185 
ILE HD11 H  N N 186 
ILE HD12 H  N N 187 
ILE HD13 H  N N 188 
ILE HXT  H  N N 189 
LEU N    N  N N 190 
LEU CA   C  N S 191 
LEU C    C  N N 192 
LEU O    O  N N 193 
LEU CB   C  N N 194 
LEU CG   C  N N 195 
LEU CD1  C  N N 196 
LEU CD2  C  N N 197 
LEU OXT  O  N N 198 
LEU H    H  N N 199 
LEU H2   H  N N 200 
LEU HA   H  N N 201 
LEU HB2  H  N N 202 
LEU HB3  H  N N 203 
LEU HG   H  N N 204 
LEU HD11 H  N N 205 
LEU HD12 H  N N 206 
LEU HD13 H  N N 207 
LEU HD21 H  N N 208 
LEU HD22 H  N N 209 
LEU HD23 H  N N 210 
LEU HXT  H  N N 211 
LYS N    N  N N 212 
LYS CA   C  N S 213 
LYS C    C  N N 214 
LYS O    O  N N 215 
LYS CB   C  N N 216 
LYS CG   C  N N 217 
LYS CD   C  N N 218 
LYS CE   C  N N 219 
LYS NZ   N  N N 220 
LYS OXT  O  N N 221 
LYS H    H  N N 222 
LYS H2   H  N N 223 
LYS HA   H  N N 224 
LYS HB2  H  N N 225 
LYS HB3  H  N N 226 
LYS HG2  H  N N 227 
LYS HG3  H  N N 228 
LYS HD2  H  N N 229 
LYS HD3  H  N N 230 
LYS HE2  H  N N 231 
LYS HE3  H  N N 232 
LYS HZ1  H  N N 233 
LYS HZ2  H  N N 234 
LYS HZ3  H  N N 235 
LYS HXT  H  N N 236 
MET N    N  N N 237 
MET CA   C  N S 238 
MET C    C  N N 239 
MET O    O  N N 240 
MET CB   C  N N 241 
MET CG   C  N N 242 
MET SD   S  N N 243 
MET CE   C  N N 244 
MET OXT  O  N N 245 
MET H    H  N N 246 
MET H2   H  N N 247 
MET HA   H  N N 248 
MET HB2  H  N N 249 
MET HB3  H  N N 250 
MET HG2  H  N N 251 
MET HG3  H  N N 252 
MET HE1  H  N N 253 
MET HE2  H  N N 254 
MET HE3  H  N N 255 
MET HXT  H  N N 256 
PHE N    N  N N 257 
PHE CA   C  N S 258 
PHE C    C  N N 259 
PHE O    O  N N 260 
PHE CB   C  N N 261 
PHE CG   C  Y N 262 
PHE CD1  C  Y N 263 
PHE CD2  C  Y N 264 
PHE CE1  C  Y N 265 
PHE CE2  C  Y N 266 
PHE CZ   C  Y N 267 
PHE OXT  O  N N 268 
PHE H    H  N N 269 
PHE H2   H  N N 270 
PHE HA   H  N N 271 
PHE HB2  H  N N 272 
PHE HB3  H  N N 273 
PHE HD1  H  N N 274 
PHE HD2  H  N N 275 
PHE HE1  H  N N 276 
PHE HE2  H  N N 277 
PHE HZ   H  N N 278 
PHE HXT  H  N N 279 
PRO N    N  N N 280 
PRO CA   C  N S 281 
PRO C    C  N N 282 
PRO O    O  N N 283 
PRO CB   C  N N 284 
PRO CG   C  N N 285 
PRO CD   C  N N 286 
PRO OXT  O  N N 287 
PRO H    H  N N 288 
PRO HA   H  N N 289 
PRO HB2  H  N N 290 
PRO HB3  H  N N 291 
PRO HG2  H  N N 292 
PRO HG3  H  N N 293 
PRO HD2  H  N N 294 
PRO HD3  H  N N 295 
PRO HXT  H  N N 296 
SER N    N  N N 297 
SER CA   C  N S 298 
SER C    C  N N 299 
SER O    O  N N 300 
SER CB   C  N N 301 
SER OG   O  N N 302 
SER OXT  O  N N 303 
SER H    H  N N 304 
SER H2   H  N N 305 
SER HA   H  N N 306 
SER HB2  H  N N 307 
SER HB3  H  N N 308 
SER HG   H  N N 309 
SER HXT  H  N N 310 
THR N    N  N N 311 
THR CA   C  N S 312 
THR C    C  N N 313 
THR O    O  N N 314 
THR CB   C  N R 315 
THR OG1  O  N N 316 
THR CG2  C  N N 317 
THR OXT  O  N N 318 
THR H    H  N N 319 
THR H2   H  N N 320 
THR HA   H  N N 321 
THR HB   H  N N 322 
THR HG1  H  N N 323 
THR HG21 H  N N 324 
THR HG22 H  N N 325 
THR HG23 H  N N 326 
THR HXT  H  N N 327 
TYR N    N  N N 328 
TYR CA   C  N S 329 
TYR C    C  N N 330 
TYR O    O  N N 331 
TYR CB   C  N N 332 
TYR CG   C  Y N 333 
TYR CD1  C  Y N 334 
TYR CD2  C  Y N 335 
TYR CE1  C  Y N 336 
TYR CE2  C  Y N 337 
TYR CZ   C  Y N 338 
TYR OH   O  N N 339 
TYR OXT  O  N N 340 
TYR H    H  N N 341 
TYR H2   H  N N 342 
TYR HA   H  N N 343 
TYR HB2  H  N N 344 
TYR HB3  H  N N 345 
TYR HD1  H  N N 346 
TYR HD2  H  N N 347 
TYR HE1  H  N N 348 
TYR HE2  H  N N 349 
TYR HH   H  N N 350 
TYR HXT  H  N N 351 
VAL N    N  N N 352 
VAL CA   C  N S 353 
VAL C    C  N N 354 
VAL O    O  N N 355 
VAL CB   C  N N 356 
VAL CG1  C  N N 357 
VAL CG2  C  N N 358 
VAL OXT  O  N N 359 
VAL H    H  N N 360 
VAL H2   H  N N 361 
VAL HA   H  N N 362 
VAL HB   H  N N 363 
VAL HG11 H  N N 364 
VAL HG12 H  N N 365 
VAL HG13 H  N N 366 
VAL HG21 H  N N 367 
VAL HG22 H  N N 368 
VAL HG23 H  N N 369 
VAL HXT  H  N N 370 
ZN  ZN   ZN N N 371 
# 
loop_
_chem_comp_bond.comp_id 
_chem_comp_bond.atom_id_1 
_chem_comp_bond.atom_id_2 
_chem_comp_bond.value_order 
_chem_comp_bond.pdbx_aromatic_flag 
_chem_comp_bond.pdbx_stereo_config 
_chem_comp_bond.pdbx_ordinal 
ACT C   O    doub N N 1   
ACT C   OXT  sing N N 2   
ACT C   CH3  sing N N 3   
ACT CH3 H1   sing N N 4   
ACT CH3 H2   sing N N 5   
ACT CH3 H3   sing N N 6   
ALA N   CA   sing N N 7   
ALA N   H    sing N N 8   
ALA N   H2   sing N N 9   
ALA CA  C    sing N N 10  
ALA CA  CB   sing N N 11  
ALA CA  HA   sing N N 12  
ALA C   O    doub N N 13  
ALA C   OXT  sing N N 14  
ALA CB  HB1  sing N N 15  
ALA CB  HB2  sing N N 16  
ALA CB  HB3  sing N N 17  
ALA OXT HXT  sing N N 18  
ARG N   CA   sing N N 19  
ARG N   H    sing N N 20  
ARG N   H2   sing N N 21  
ARG CA  C    sing N N 22  
ARG CA  CB   sing N N 23  
ARG CA  HA   sing N N 24  
ARG C   O    doub N N 25  
ARG C   OXT  sing N N 26  
ARG CB  CG   sing N N 27  
ARG CB  HB2  sing N N 28  
ARG CB  HB3  sing N N 29  
ARG CG  CD   sing N N 30  
ARG CG  HG2  sing N N 31  
ARG CG  HG3  sing N N 32  
ARG CD  NE   sing N N 33  
ARG CD  HD2  sing N N 34  
ARG CD  HD3  sing N N 35  
ARG NE  CZ   sing N N 36  
ARG NE  HE   sing N N 37  
ARG CZ  NH1  sing N N 38  
ARG CZ  NH2  doub N N 39  
ARG NH1 HH11 sing N N 40  
ARG NH1 HH12 sing N N 41  
ARG NH2 HH21 sing N N 42  
ARG NH2 HH22 sing N N 43  
ARG OXT HXT  sing N N 44  
ASN N   CA   sing N N 45  
ASN N   H    sing N N 46  
ASN N   H2   sing N N 47  
ASN CA  C    sing N N 48  
ASN CA  CB   sing N N 49  
ASN CA  HA   sing N N 50  
ASN C   O    doub N N 51  
ASN C   OXT  sing N N 52  
ASN CB  CG   sing N N 53  
ASN CB  HB2  sing N N 54  
ASN CB  HB3  sing N N 55  
ASN CG  OD1  doub N N 56  
ASN CG  ND2  sing N N 57  
ASN ND2 HD21 sing N N 58  
ASN ND2 HD22 sing N N 59  
ASN OXT HXT  sing N N 60  
ASP N   CA   sing N N 61  
ASP N   H    sing N N 62  
ASP N   H2   sing N N 63  
ASP CA  C    sing N N 64  
ASP CA  CB   sing N N 65  
ASP CA  HA   sing N N 66  
ASP C   O    doub N N 67  
ASP C   OXT  sing N N 68  
ASP CB  CG   sing N N 69  
ASP CB  HB2  sing N N 70  
ASP CB  HB3  sing N N 71  
ASP CG  OD1  doub N N 72  
ASP CG  OD2  sing N N 73  
ASP OD2 HD2  sing N N 74  
ASP OXT HXT  sing N N 75  
CYS N   CA   sing N N 76  
CYS N   H    sing N N 77  
CYS N   H2   sing N N 78  
CYS CA  C    sing N N 79  
CYS CA  CB   sing N N 80  
CYS CA  HA   sing N N 81  
CYS C   O    doub N N 82  
CYS C   OXT  sing N N 83  
CYS CB  SG   sing N N 84  
CYS CB  HB2  sing N N 85  
CYS CB  HB3  sing N N 86  
CYS SG  HG   sing N N 87  
CYS OXT HXT  sing N N 88  
GLN N   CA   sing N N 89  
GLN N   H    sing N N 90  
GLN N   H2   sing N N 91  
GLN CA  C    sing N N 92  
GLN CA  CB   sing N N 93  
GLN CA  HA   sing N N 94  
GLN C   O    doub N N 95  
GLN C   OXT  sing N N 96  
GLN CB  CG   sing N N 97  
GLN CB  HB2  sing N N 98  
GLN CB  HB3  sing N N 99  
GLN CG  CD   sing N N 100 
GLN CG  HG2  sing N N 101 
GLN CG  HG3  sing N N 102 
GLN CD  OE1  doub N N 103 
GLN CD  NE2  sing N N 104 
GLN NE2 HE21 sing N N 105 
GLN NE2 HE22 sing N N 106 
GLN OXT HXT  sing N N 107 
GLU N   CA   sing N N 108 
GLU N   H    sing N N 109 
GLU N   H2   sing N N 110 
GLU CA  C    sing N N 111 
GLU CA  CB   sing N N 112 
GLU CA  HA   sing N N 113 
GLU C   O    doub N N 114 
GLU C   OXT  sing N N 115 
GLU CB  CG   sing N N 116 
GLU CB  HB2  sing N N 117 
GLU CB  HB3  sing N N 118 
GLU CG  CD   sing N N 119 
GLU CG  HG2  sing N N 120 
GLU CG  HG3  sing N N 121 
GLU CD  OE1  doub N N 122 
GLU CD  OE2  sing N N 123 
GLU OE2 HE2  sing N N 124 
GLU OXT HXT  sing N N 125 
GLY N   CA   sing N N 126 
GLY N   H    sing N N 127 
GLY N   H2   sing N N 128 
GLY CA  C    sing N N 129 
GLY CA  HA2  sing N N 130 
GLY CA  HA3  sing N N 131 
GLY C   O    doub N N 132 
GLY C   OXT  sing N N 133 
GLY OXT HXT  sing N N 134 
HIS N   CA   sing N N 135 
HIS N   H    sing N N 136 
HIS N   H2   sing N N 137 
HIS CA  C    sing N N 138 
HIS CA  CB   sing N N 139 
HIS CA  HA   sing N N 140 
HIS C   O    doub N N 141 
HIS C   OXT  sing N N 142 
HIS CB  CG   sing N N 143 
HIS CB  HB2  sing N N 144 
HIS CB  HB3  sing N N 145 
HIS CG  ND1  sing Y N 146 
HIS CG  CD2  doub Y N 147 
HIS ND1 CE1  doub Y N 148 
HIS ND1 HD1  sing N N 149 
HIS CD2 NE2  sing Y N 150 
HIS CD2 HD2  sing N N 151 
HIS CE1 NE2  sing Y N 152 
HIS CE1 HE1  sing N N 153 
HIS NE2 HE2  sing N N 154 
HIS OXT HXT  sing N N 155 
HOH O   H1   sing N N 156 
HOH O   H2   sing N N 157 
ILE N   CA   sing N N 158 
ILE N   H    sing N N 159 
ILE N   H2   sing N N 160 
ILE CA  C    sing N N 161 
ILE CA  CB   sing N N 162 
ILE CA  HA   sing N N 163 
ILE C   O    doub N N 164 
ILE C   OXT  sing N N 165 
ILE CB  CG1  sing N N 166 
ILE CB  CG2  sing N N 167 
ILE CB  HB   sing N N 168 
ILE CG1 CD1  sing N N 169 
ILE CG1 HG12 sing N N 170 
ILE CG1 HG13 sing N N 171 
ILE CG2 HG21 sing N N 172 
ILE CG2 HG22 sing N N 173 
ILE CG2 HG23 sing N N 174 
ILE CD1 HD11 sing N N 175 
ILE CD1 HD12 sing N N 176 
ILE CD1 HD13 sing N N 177 
ILE OXT HXT  sing N N 178 
LEU N   CA   sing N N 179 
LEU N   H    sing N N 180 
LEU N   H2   sing N N 181 
LEU CA  C    sing N N 182 
LEU CA  CB   sing N N 183 
LEU CA  HA   sing N N 184 
LEU C   O    doub N N 185 
LEU C   OXT  sing N N 186 
LEU CB  CG   sing N N 187 
LEU CB  HB2  sing N N 188 
LEU CB  HB3  sing N N 189 
LEU CG  CD1  sing N N 190 
LEU CG  CD2  sing N N 191 
LEU CG  HG   sing N N 192 
LEU CD1 HD11 sing N N 193 
LEU CD1 HD12 sing N N 194 
LEU CD1 HD13 sing N N 195 
LEU CD2 HD21 sing N N 196 
LEU CD2 HD22 sing N N 197 
LEU CD2 HD23 sing N N 198 
LEU OXT HXT  sing N N 199 
LYS N   CA   sing N N 200 
LYS N   H    sing N N 201 
LYS N   H2   sing N N 202 
LYS CA  C    sing N N 203 
LYS CA  CB   sing N N 204 
LYS CA  HA   sing N N 205 
LYS C   O    doub N N 206 
LYS C   OXT  sing N N 207 
LYS CB  CG   sing N N 208 
LYS CB  HB2  sing N N 209 
LYS CB  HB3  sing N N 210 
LYS CG  CD   sing N N 211 
LYS CG  HG2  sing N N 212 
LYS CG  HG3  sing N N 213 
LYS CD  CE   sing N N 214 
LYS CD  HD2  sing N N 215 
LYS CD  HD3  sing N N 216 
LYS CE  NZ   sing N N 217 
LYS CE  HE2  sing N N 218 
LYS CE  HE3  sing N N 219 
LYS NZ  HZ1  sing N N 220 
LYS NZ  HZ2  sing N N 221 
LYS NZ  HZ3  sing N N 222 
LYS OXT HXT  sing N N 223 
MET N   CA   sing N N 224 
MET N   H    sing N N 225 
MET N   H2   sing N N 226 
MET CA  C    sing N N 227 
MET CA  CB   sing N N 228 
MET CA  HA   sing N N 229 
MET C   O    doub N N 230 
MET C   OXT  sing N N 231 
MET CB  CG   sing N N 232 
MET CB  HB2  sing N N 233 
MET CB  HB3  sing N N 234 
MET CG  SD   sing N N 235 
MET CG  HG2  sing N N 236 
MET CG  HG3  sing N N 237 
MET SD  CE   sing N N 238 
MET CE  HE1  sing N N 239 
MET CE  HE2  sing N N 240 
MET CE  HE3  sing N N 241 
MET OXT HXT  sing N N 242 
PHE N   CA   sing N N 243 
PHE N   H    sing N N 244 
PHE N   H2   sing N N 245 
PHE CA  C    sing N N 246 
PHE CA  CB   sing N N 247 
PHE CA  HA   sing N N 248 
PHE C   O    doub N N 249 
PHE C   OXT  sing N N 250 
PHE CB  CG   sing N N 251 
PHE CB  HB2  sing N N 252 
PHE CB  HB3  sing N N 253 
PHE CG  CD1  doub Y N 254 
PHE CG  CD2  sing Y N 255 
PHE CD1 CE1  sing Y N 256 
PHE CD1 HD1  sing N N 257 
PHE CD2 CE2  doub Y N 258 
PHE CD2 HD2  sing N N 259 
PHE CE1 CZ   doub Y N 260 
PHE CE1 HE1  sing N N 261 
PHE CE2 CZ   sing Y N 262 
PHE CE2 HE2  sing N N 263 
PHE CZ  HZ   sing N N 264 
PHE OXT HXT  sing N N 265 
PRO N   CA   sing N N 266 
PRO N   CD   sing N N 267 
PRO N   H    sing N N 268 
PRO CA  C    sing N N 269 
PRO CA  CB   sing N N 270 
PRO CA  HA   sing N N 271 
PRO C   O    doub N N 272 
PRO C   OXT  sing N N 273 
PRO CB  CG   sing N N 274 
PRO CB  HB2  sing N N 275 
PRO CB  HB3  sing N N 276 
PRO CG  CD   sing N N 277 
PRO CG  HG2  sing N N 278 
PRO CG  HG3  sing N N 279 
PRO CD  HD2  sing N N 280 
PRO CD  HD3  sing N N 281 
PRO OXT HXT  sing N N 282 
SER N   CA   sing N N 283 
SER N   H    sing N N 284 
SER N   H2   sing N N 285 
SER CA  C    sing N N 286 
SER CA  CB   sing N N 287 
SER CA  HA   sing N N 288 
SER C   O    doub N N 289 
SER C   OXT  sing N N 290 
SER CB  OG   sing N N 291 
SER CB  HB2  sing N N 292 
SER CB  HB3  sing N N 293 
SER OG  HG   sing N N 294 
SER OXT HXT  sing N N 295 
THR N   CA   sing N N 296 
THR N   H    sing N N 297 
THR N   H2   sing N N 298 
THR CA  C    sing N N 299 
THR CA  CB   sing N N 300 
THR CA  HA   sing N N 301 
THR C   O    doub N N 302 
THR C   OXT  sing N N 303 
THR CB  OG1  sing N N 304 
THR CB  CG2  sing N N 305 
THR CB  HB   sing N N 306 
THR OG1 HG1  sing N N 307 
THR CG2 HG21 sing N N 308 
THR CG2 HG22 sing N N 309 
THR CG2 HG23 sing N N 310 
THR OXT HXT  sing N N 311 
TYR N   CA   sing N N 312 
TYR N   H    sing N N 313 
TYR N   H2   sing N N 314 
TYR CA  C    sing N N 315 
TYR CA  CB   sing N N 316 
TYR CA  HA   sing N N 317 
TYR C   O    doub N N 318 
TYR C   OXT  sing N N 319 
TYR CB  CG   sing N N 320 
TYR CB  HB2  sing N N 321 
TYR CB  HB3  sing N N 322 
TYR CG  CD1  doub Y N 323 
TYR CG  CD2  sing Y N 324 
TYR CD1 CE1  sing Y N 325 
TYR CD1 HD1  sing N N 326 
TYR CD2 CE2  doub Y N 327 
TYR CD2 HD2  sing N N 328 
TYR CE1 CZ   doub Y N 329 
TYR CE1 HE1  sing N N 330 
TYR CE2 CZ   sing Y N 331 
TYR CE2 HE2  sing N N 332 
TYR CZ  OH   sing N N 333 
TYR OH  HH   sing N N 334 
TYR OXT HXT  sing N N 335 
VAL N   CA   sing N N 336 
VAL N   H    sing N N 337 
VAL N   H2   sing N N 338 
VAL CA  C    sing N N 339 
VAL CA  CB   sing N N 340 
VAL CA  HA   sing N N 341 
VAL C   O    doub N N 342 
VAL C   OXT  sing N N 343 
VAL CB  CG1  sing N N 344 
VAL CB  CG2  sing N N 345 
VAL CB  HB   sing N N 346 
VAL CG1 HG11 sing N N 347 
VAL CG1 HG12 sing N N 348 
VAL CG1 HG13 sing N N 349 
VAL CG2 HG21 sing N N 350 
VAL CG2 HG22 sing N N 351 
VAL CG2 HG23 sing N N 352 
VAL OXT HXT  sing N N 353 
# 
_pdbx_initial_refinement_model.id               1 
_pdbx_initial_refinement_model.entity_id_list   ? 
_pdbx_initial_refinement_model.type             'experimental model' 
_pdbx_initial_refinement_model.source_name      PDB 
_pdbx_initial_refinement_model.accession_code   1WY9 
_pdbx_initial_refinement_model.details          'PDB ENTRY 1WY9' 
# 
_atom_sites.entry_id                    2VTG 
_atom_sites.fract_transf_matrix[1][1]   0.01548096 
_atom_sites.fract_transf_matrix[1][2]   -0.00368905 
_atom_sites.fract_transf_matrix[1][3]   0.00384150 
_atom_sites.fract_transf_matrix[2][1]   0.01172257 
_atom_sites.fract_transf_matrix[2][2]   0.01133430 
_atom_sites.fract_transf_matrix[2][3]   -0.00146885 
_atom_sites.fract_transf_matrix[3][1]   -0.00172526 
_atom_sites.fract_transf_matrix[3][2]   0.00306709 
_atom_sites.fract_transf_matrix[3][3]   0.00989805 
_atom_sites.fract_transf_vector[1]      -0.255290 
_atom_sites.fract_transf_vector[2]      -0.477531 
_atom_sites.fract_transf_vector[3]      0.134094 
# 
loop_
_atom_type.symbol 
C  
N  
O  
S  
ZN 
# 
loop_
_atom_site.group_PDB 
_atom_site.id 
_atom_site.type_symbol 
_atom_site.label_atom_id 
_atom_site.label_alt_id 
_atom_site.label_comp_id 
_atom_site.label_asym_id 
_atom_site.label_entity_id 
_atom_site.label_seq_id 
_atom_site.pdbx_PDB_ins_code 
_atom_site.Cartn_x 
_atom_site.Cartn_y 
_atom_site.Cartn_z 
_atom_site.occupancy 
_atom_site.B_iso_or_equiv 
_atom_site.pdbx_formal_charge 
_atom_site.auth_seq_id 
_atom_site.auth_comp_id 
_atom_site.auth_asym_id 
_atom_site.auth_atom_id 
_atom_site.pdbx_PDB_model_num 
ATOM   1   N  N   . LEU A 1 17  ? 13.847  -10.868 -11.901 1.00 85.36 ? 17   LEU A N   1 
ATOM   2   C  CA  . LEU A 1 17  ? 12.889  -10.260 -12.875 1.00 85.08 ? 17   LEU A CA  1 
ATOM   3   C  C   . LEU A 1 17  ? 11.433  -10.425 -12.401 1.00 84.66 ? 17   LEU A C   1 
ATOM   4   O  O   . LEU A 1 17  ? 10.481  -10.242 -13.172 1.00 84.73 ? 17   LEU A O   1 
ATOM   5   C  CB  . LEU A 1 17  ? 13.106  -10.852 -14.274 1.00 85.13 ? 17   LEU A CB  1 
ATOM   6   C  CG  . LEU A 1 17  ? 12.899  -9.993  -15.532 1.00 85.88 ? 17   LEU A CG  1 
ATOM   7   C  CD1 . LEU A 1 17  ? 13.371  -8.531  -15.389 1.00 85.36 ? 17   LEU A CD1 1 
ATOM   8   C  CD2 . LEU A 1 17  ? 13.591  -10.672 -16.718 1.00 85.30 ? 17   LEU A CD2 1 
ATOM   9   N  N   . LEU A 1 18  ? 11.280  -10.772 -11.122 1.00 82.10 ? 18   LEU A N   1 
ATOM   10  C  CA  . LEU A 1 18  ? 9.982   -10.818 -10.463 1.00 80.75 ? 18   LEU A CA  1 
ATOM   11  C  C   . LEU A 1 18  ? 9.437   -9.393  -10.245 1.00 79.46 ? 18   LEU A C   1 
ATOM   12  O  O   . LEU A 1 18  ? 8.253   -9.136  -10.486 1.00 78.19 ? 18   LEU A O   1 
ATOM   13  C  CB  . LEU A 1 18  ? 10.077  -11.581 -9.127  1.00 81.44 ? 18   LEU A CB  1 
ATOM   14  C  CG  . LEU A 1 18  ? 8.930   -11.471 -8.095  1.00 81.82 ? 18   LEU A CG  1 
ATOM   15  C  CD1 . LEU A 1 18  ? 7.715   -12.338 -8.460  1.00 81.57 ? 18   LEU A CD1 1 
ATOM   16  C  CD2 . LEU A 1 18  ? 9.412   -11.778 -6.669  1.00 81.62 ? 18   LEU A CD2 1 
ATOM   17  N  N   . LYS A 1 19  ? 10.309  -8.480  -9.804  1.00 77.18 ? 19   LYS A N   1 
ATOM   18  C  CA  . LYS A 1 19  ? 9.934   -7.085  -9.553  1.00 75.25 ? 19   LYS A CA  1 
ATOM   19  C  C   . LYS A 1 19  ? 9.585   -6.285  -10.815 1.00 72.29 ? 19   LYS A C   1 
ATOM   20  O  O   . LYS A 1 19  ? 9.102   -5.156  -10.700 1.00 72.46 ? 19   LYS A O   1 
ATOM   21  C  CB  . LYS A 1 19  ? 10.997  -6.350  -8.717  1.00 77.74 ? 19   LYS A CB  1 
ATOM   22  C  CG  . LYS A 1 19  ? 10.933  -6.662  -7.217  1.00 78.94 ? 19   LYS A CG  1 
ATOM   23  C  CD  . LYS A 1 19  ? 11.145  -5.415  -6.346  1.00 79.82 ? 19   LYS A CD  1 
ATOM   24  C  CE  . LYS A 1 19  ? 11.290  -5.799  -4.859  1.00 80.54 ? 19   LYS A CE  1 
ATOM   25  N  NZ  . LYS A 1 19  ? 10.942  -4.702  -3.889  1.00 79.88 ? 19   LYS A NZ  1 
ATOM   26  N  N   . ALA A 1 20  ? 9.832   -6.862  -11.997 1.00 67.23 ? 20   ALA A N   1 
ATOM   27  C  CA  . ALA A 1 20  ? 9.381   -6.286  -13.268 1.00 62.58 ? 20   ALA A CA  1 
ATOM   28  C  C   . ALA A 1 20  ? 7.961   -6.759  -13.626 1.00 60.24 ? 20   ALA A C   1 
ATOM   29  O  O   . ALA A 1 20  ? 7.185   -6.026  -14.250 1.00 56.67 ? 20   ALA A O   1 
ATOM   30  C  CB  . ALA A 1 20  ? 10.357  -6.611  -14.387 1.00 61.81 ? 20   ALA A CB  1 
ATOM   31  N  N   . ARG A 1 21  ? 7.641   -7.989  -13.234 1.00 59.29 ? 21   ARG A N   1 
ATOM   32  C  CA  . ARG A 1 21  ? 6.306   -8.556  -13.404 1.00 61.20 ? 21   ARG A CA  1 
ATOM   33  C  C   . ARG A 1 21  ? 5.344   -7.894  -12.418 1.00 56.64 ? 21   ARG A C   1 
ATOM   34  O  O   . ARG A 1 21  ? 4.194   -7.575  -12.760 1.00 55.65 ? 21   ARG A O   1 
ATOM   35  C  CB  . ARG A 1 21  ? 6.363   -10.072 -13.185 1.00 64.16 ? 21   ARG A CB  1 
ATOM   36  C  CG  . ARG A 1 21  ? 5.025   -10.834 -13.285 1.00 68.19 ? 21   ARG A CG  1 
ATOM   37  C  CD  . ARG A 1 21  ? 5.222   -12.321 -13.706 1.00 69.76 ? 21   ARG A CD  1 
ATOM   38  N  NE  . ARG A 1 21  ? 6.537   -12.886 -13.348 1.00 74.00 ? 21   ARG A NE  1 
ATOM   39  C  CZ  . ARG A 1 21  ? 6.848   -13.440 -12.171 1.00 76.87 ? 21   ARG A CZ  1 
ATOM   40  N  NH1 . ARG A 1 21  ? 5.944   -13.524 -11.189 1.00 78.05 ? 21   ARG A NH1 1 
ATOM   41  N  NH2 . ARG A 1 21  ? 8.078   -13.911 -11.964 1.00 76.41 ? 21   ARG A NH2 1 
ATOM   42  N  N   . GLN A 1 22  ? 5.843   -7.683  -11.201 1.00 50.83 ? 22   GLN A N   1 
ATOM   43  C  CA  . GLN A 1 22  ? 5.127   -6.962  -10.176 1.00 47.49 ? 22   GLN A CA  1 
ATOM   44  C  C   . GLN A 1 22  ? 4.839   -5.535  -10.591 1.00 43.75 ? 22   GLN A C   1 
ATOM   45  O  O   . GLN A 1 22  ? 3.705   -5.086  -10.426 1.00 41.92 ? 22   GLN A O   1 
ATOM   46  C  CB  . GLN A 1 22  ? 5.850   -7.032  -8.818  1.00 48.85 ? 22   GLN A CB  1 
ATOM   47  C  CG  . GLN A 1 22  ? 5.583   -8.353  -8.095  1.00 49.13 ? 22   GLN A CG  1 
ATOM   48  C  CD  . GLN A 1 22  ? 6.378   -8.536  -6.814  1.00 50.55 ? 22   GLN A CD  1 
ATOM   49  O  OE1 . GLN A 1 22  ? 7.277   -7.742  -6.496  1.00 51.93 ? 22   GLN A OE1 1 
ATOM   50  N  NE2 . GLN A 1 22  ? 6.054   -9.603  -6.067  1.00 49.08 ? 22   GLN A NE2 1 
ATOM   51  N  N   . GLU A 1 23  ? 5.832   -4.842  -11.153 1.00 41.62 ? 23   GLU A N   1 
ATOM   52  C  CA  . GLU A 1 23  ? 5.622   -3.478  -11.694 1.00 43.68 ? 23   GLU A CA  1 
ATOM   53  C  C   . GLU A 1 23  ? 4.546   -3.424  -12.759 1.00 39.73 ? 23   GLU A C   1 
ATOM   54  O  O   . GLU A 1 23  ? 3.736   -2.495  -12.780 1.00 40.29 ? 23   GLU A O   1 
ATOM   55  C  CB  . GLU A 1 23  ? 6.909   -2.859  -12.273 1.00 47.72 ? 23   GLU A CB  1 
ATOM   56  C  CG  . GLU A 1 23  ? 6.873   -1.318  -12.422 1.00 52.30 ? 23   GLU A CG  1 
ATOM   57  C  CD  . GLU A 1 23  ? 6.316   -0.832  -13.775 1.00 57.95 ? 23   GLU A CD  1 
ATOM   58  O  OE1 . GLU A 1 23  ? 5.705   0.269   -13.821 1.00 58.50 ? 23   GLU A OE1 1 
ATOM   59  O  OE2 . GLU A 1 23  ? 6.492   -1.545  -14.798 1.00 59.86 ? 23   GLU A OE2 1 
ATOM   60  N  N   . ARG A 1 24  ? 4.540   -4.421  -13.631 1.00 37.63 ? 24   ARG A N   1 
ATOM   61  C  CA  . ARG A 1 24  ? 3.706   -4.397  -14.831 1.00 37.21 ? 24   ARG A CA  1 
ATOM   62  C  C   . ARG A 1 24  ? 2.261   -4.575  -14.416 1.00 32.09 ? 24   ARG A C   1 
ATOM   63  O  O   . ARG A 1 24  ? 1.375   -3.874  -14.879 1.00 34.34 ? 24   ARG A O   1 
ATOM   64  C  CB  . ARG A 1 24  ? 4.151   -5.485  -15.831 1.00 41.84 ? 24   ARG A CB  1 
ATOM   65  C  CG  . ARG A 1 24  ? 4.122   -5.057  -17.313 1.00 50.58 ? 24   ARG A CG  1 
ATOM   66  C  CD  . ARG A 1 24  ? 2.684   -4.749  -17.819 1.00 53.19 ? 24   ARG A CD  1 
ATOM   67  N  NE  . ARG A 1 24  ? 2.612   -4.155  -19.158 1.00 54.21 ? 24   ARG A NE  1 
ATOM   68  C  CZ  . ARG A 1 24  ? 2.952   -2.892  -19.446 1.00 55.68 ? 24   ARG A CZ  1 
ATOM   69  N  NH1 . ARG A 1 24  ? 2.809   -2.418  -20.698 1.00 49.11 ? 24   ARG A NH1 1 
ATOM   70  N  NH2 . ARG A 1 24  ? 3.429   -2.098  -18.475 1.00 55.97 ? 24   ARG A NH2 1 
ATOM   71  N  N   . ARG A 1 25  ? 2.039   -5.480  -13.485 1.00 29.97 ? 25   ARG A N   1 
ATOM   72  C  CA  . ARG A 1 25  ? 0.722   -5.686  -12.923 1.00 29.86 ? 25   ARG A CA  1 
ATOM   73  C  C   . ARG A 1 25  ? 0.178   -4.432  -12.206 1.00 26.24 ? 25   ARG A C   1 
ATOM   74  O  O   . ARG A 1 25  ? -1.003  -4.102  -12.346 1.00 21.86 ? 25   ARG A O   1 
ATOM   75  C  CB  . ARG A 1 25  ? 0.780   -6.864  -11.986 1.00 35.51 ? 25   ARG A CB  1 
ATOM   76  C  CG  . ARG A 1 25  ? -0.557  -7.350  -11.543 1.00 45.87 ? 25   ARG A CG  1 
ATOM   77  C  CD  . ARG A 1 25  ? -0.373  -8.417  -10.474 1.00 53.16 ? 25   ARG A CD  1 
ATOM   78  N  NE  . ARG A 1 25  ? -1.625  -8.649  -9.755  1.00 59.55 ? 25   ARG A NE  1 
ATOM   79  C  CZ  . ARG A 1 25  ? -1.787  -9.565  -8.800  1.00 61.81 ? 25   ARG A CZ  1 
ATOM   80  N  NH1 . ARG A 1 25  ? -0.766  -10.347 -8.433  1.00 62.68 ? 25   ARG A NH1 1 
ATOM   81  N  NH2 . ARG A 1 25  ? -2.973  -9.694  -8.210  1.00 61.18 ? 25   ARG A NH2 1 
ATOM   82  N  N   . LEU A 1 26  ? 1.041   -3.723  -11.474 1.00 23.51 ? 26   LEU A N   1 
ATOM   83  C  CA  . LEU A 1 26  ? 0.640   -2.447  -10.808 1.00 23.67 ? 26   LEU A CA  1 
ATOM   84  C  C   . LEU A 1 26  ? 0.395   -1.379  -11.809 1.00 22.36 ? 26   LEU A C   1 
ATOM   85  O  O   . LEU A 1 26  ? -0.542  -0.574  -11.640 1.00 26.06 ? 26   LEU A O   1 
ATOM   86  C  CB  . LEU A 1 26  ? 1.670   -1.950  -9.789  1.00 21.99 ? 26   LEU A CB  1 
ATOM   87  C  CG  . LEU A 1 26  ? 1.785   -2.938  -8.635  1.00 20.82 ? 26   LEU A CG  1 
ATOM   88  C  CD1 . LEU A 1 26  ? 3.049   -2.724  -7.859  1.00 21.86 ? 26   LEU A CD1 1 
ATOM   89  C  CD2 . LEU A 1 26  ? 0.598   -2.734  -7.771  1.00 21.51 ? 26   LEU A CD2 1 
ATOM   90  N  N   . ALA A 1 27  ? 1.195   -1.380  -12.876 1.00 20.84 ? 27   ALA A N   1 
ATOM   91  C  CA  . ALA A 1 27  ? 0.965   -0.431  -13.977 1.00 22.59 ? 27   ALA A CA  1 
ATOM   92  C  C   . ALA A 1 27  ? -0.415  -0.661  -14.579 1.00 22.96 ? 27   ALA A C   1 
ATOM   93  O  O   . ALA A 1 27  ? -1.107  0.294   -14.928 1.00 25.01 ? 27   ALA A O   1 
ATOM   94  C  CB  . ALA A 1 27  ? 2.075   -0.549  -15.070 1.00 19.11 ? 27   ALA A CB  1 
ATOM   95  N  N   . GLU A 1 28  ? -0.821  -1.931  -14.691 1.00 21.21 ? 28   GLU A N   1 
ATOM   96  C  CA  . GLU A 1 28  ? -2.139  -2.239  -15.265 1.00 20.02 ? 28   GLU A CA  1 
ATOM   97  C  C   . GLU A 1 28  ? -3.241  -1.879  -14.298 1.00 18.57 ? 28   GLU A C   1 
ATOM   98  O  O   . GLU A 1 28  ? -4.274  -1.321  -14.699 1.00 23.79 ? 28   GLU A O   1 
ATOM   99  C  CB  . GLU A 1 28  ? -2.267  -3.699  -15.737 1.00 18.55 ? 28   GLU A CB  1 
ATOM   100 C  CG  . GLU A 1 28  ? -1.382  -4.089  -16.928 1.00 13.91 ? 28   GLU A CG  1 
ATOM   101 C  CD  . GLU A 1 28  ? -1.823  -3.399  -18.208 1.00 20.82 ? 28   GLU A CD  1 
ATOM   102 O  OE1 . GLU A 1 28  ? -1.215  -3.629  -19.270 1.00 26.14 ? 28   GLU A OE1 1 
ATOM   103 O  OE2 . GLU A 1 28  ? -2.768  -2.587  -18.183 1.00 20.92 ? 28   GLU A OE2 1 
ATOM   104 N  N   . ILE A 1 29  ? -3.020  -2.154  -13.022 1.00 18.32 ? 29   ILE A N   1 
ATOM   105 C  CA  . ILE A 1 29  ? -3.982  -1.754  -11.976 1.00 20.35 ? 29   ILE A CA  1 
ATOM   106 C  C   . ILE A 1 29  ? -4.144  -0.233  -11.999 1.00 22.76 ? 29   ILE A C   1 
ATOM   107 O  O   . ILE A 1 29  ? -5.280  0.259   -12.057 1.00 26.76 ? 29   ILE A O   1 
ATOM   108 C  CB  . ILE A 1 29  ? -3.597  -2.369  -10.599 1.00 24.01 ? 29   ILE A CB  1 
ATOM   109 C  CG1 . ILE A 1 29  ? -3.724  -3.913  -10.699 1.00 18.78 ? 29   ILE A CG1 1 
ATOM   110 C  CG2 . ILE A 1 29  ? -4.493  -1.872  -9.471  1.00 22.08 ? 29   ILE A CG2 1 
ATOM   111 C  CD1 . ILE A 1 29  ? -3.215  -4.636  -9.504  1.00 17.42 ? 29   ILE A CD1 1 
ATOM   112 N  N   . ASN A 1 30  ? -3.049  0.524   -12.108 1.00 22.65 ? 30   ASN A N   1 
ATOM   113 C  CA  . ASN A 1 30  ? -3.204  1.979   -12.293 1.00 23.45 ? 30   ASN A CA  1 
ATOM   114 C  C   . ASN A 1 30  ? -4.094  2.353   -13.466 1.00 22.80 ? 30   ASN A C   1 
ATOM   115 O  O   . ASN A 1 30  ? -4.833  3.336   -13.397 1.00 26.17 ? 30   ASN A O   1 
ATOM   116 C  CB  . ASN A 1 30  ? -1.867  2.689   -12.425 1.00 25.24 ? 30   ASN A CB  1 
ATOM   117 C  CG  . ASN A 1 30  ? -1.172  2.908   -11.087 1.00 26.43 ? 30   ASN A CG  1 
ATOM   118 O  OD1 . ASN A 1 30  ? -1.718  2.618   -10.014 1.00 26.37 ? 30   ASN A OD1 1 
ATOM   119 N  ND2 . ASN A 1 30  ? 0.013   3.495   -11.148 1.00 24.20 ? 30   ASN A ND2 1 
ATOM   120 N  N   . ARG A 1 31  ? -4.078  1.570   -14.540 1.00 24.35 ? 31   ARG A N   1 
ATOM   121 C  CA  . ARG A 1 31  ? -4.945  1.898   -15.705 1.00 24.20 ? 31   ARG A CA  1 
ATOM   122 C  C   . ARG A 1 31  ? -6.407  1.807   -15.301 1.00 21.76 ? 31   ARG A C   1 
ATOM   123 O  O   . ARG A 1 31  ? -7.214  2.602   -15.730 1.00 22.99 ? 31   ARG A O   1 
ATOM   124 C  CB  . ARG A 1 31  ? -4.659  1.004   -16.956 1.00 22.44 ? 31   ARG A CB  1 
ATOM   125 C  CG  . ARG A 1 31  ? -3.325  1.320   -17.716 1.00 19.44 ? 31   ARG A CG  1 
ATOM   126 C  CD  . ARG A 1 31  ? -3.416  2.630   -18.451 1.00 19.21 ? 31   ARG A CD  1 
ATOM   127 N  NE  . ARG A 1 31  ? -4.467  2.705   -19.462 1.00 12.45 ? 31   ARG A NE  1 
ATOM   128 C  CZ  . ARG A 1 31  ? -4.269  2.243   -20.688 1.00 17.58 ? 31   ARG A CZ  1 
ATOM   129 N  NH1 . ARG A 1 31  ? -3.089  1.652   -20.986 1.00 20.58 ? 31   ARG A NH1 1 
ATOM   130 N  NH2 . ARG A 1 31  ? -5.226  2.306   -21.591 1.00 14.47 ? 31   ARG A NH2 1 
ATOM   131 N  N   . GLU A 1 32  ? -6.732  0.806   -14.499 1.00 21.70 ? 32   GLU A N   1 
ATOM   132 C  CA  . GLU A 1 32  ? -8.076  0.674   -13.914 1.00 27.20 ? 32   GLU A CA  1 
ATOM   133 C  C   . GLU A 1 32  ? -8.381  1.865   -12.945 1.00 27.30 ? 32   GLU A C   1 
ATOM   134 O  O   . GLU A 1 32  ? -9.434  2.517   -13.055 1.00 21.26 ? 32   GLU A O   1 
ATOM   135 C  CB  . GLU A 1 32  ? -8.172  -0.688  -13.162 1.00 26.74 ? 32   GLU A CB  1 
ATOM   136 C  CG  . GLU A 1 32  ? -9.592  -1.135  -12.801 1.00 34.44 ? 32   GLU A CG  1 
ATOM   137 C  CD  . GLU A 1 32  ? -10.512 -1.355  -14.043 1.00 38.56 ? 32   GLU A CD  1 
ATOM   138 O  OE1 . GLU A 1 32  ? -9.994  -1.423  -15.194 1.00 37.63 ? 32   GLU A OE1 1 
ATOM   139 O  OE2 . GLU A 1 32  ? -11.763 -1.458  -13.854 1.00 41.16 ? 32   GLU A OE2 1 
ATOM   140 N  N   . PHE A 1 33  ? -7.458  2.129   -12.001 1.00 25.05 ? 33   PHE A N   1 
ATOM   141 C  CA  . PHE A 1 33  ? -7.660  3.212   -11.035 1.00 26.92 ? 33   PHE A CA  1 
ATOM   142 C  C   . PHE A 1 33  ? -7.818  4.567   -11.743 1.00 27.60 ? 33   PHE A C   1 
ATOM   143 O  O   . PHE A 1 33  ? -8.629  5.387   -11.303 1.00 26.22 ? 33   PHE A O   1 
ATOM   144 C  CB  . PHE A 1 33  ? -6.576  3.230   -9.927  1.00 25.00 ? 33   PHE A CB  1 
ATOM   145 C  CG  . PHE A 1 33  ? -6.599  2.005   -9.026  1.00 23.02 ? 33   PHE A CG  1 
ATOM   146 C  CD1 . PHE A 1 33  ? -7.615  1.060   -9.123  1.00 26.72 ? 33   PHE A CD1 1 
ATOM   147 C  CD2 . PHE A 1 33  ? -5.606  1.798   -8.086  1.00 24.10 ? 33   PHE A CD2 1 
ATOM   148 C  CE1 . PHE A 1 33  ? -7.605  -0.108  -8.306  1.00 25.01 ? 33   PHE A CE1 1 
ATOM   149 C  CE2 . PHE A 1 33  ? -5.597  0.680   -7.261  1.00 20.93 ? 33   PHE A CE2 1 
ATOM   150 C  CZ  . PHE A 1 33  ? -6.609  -0.271  -7.366  1.00 24.11 ? 33   PHE A CZ  1 
ATOM   151 N  N   . LEU A 1 34  ? -7.141  4.781   -12.879 1.00 26.27 ? 34   LEU A N   1 
ATOM   152 C  CA  . LEU A 1 34  ? -7.362  6.040   -13.632 1.00 25.03 ? 34   LEU A CA  1 
ATOM   153 C  C   . LEU A 1 34  ? -8.797  6.239   -14.111 1.00 28.28 ? 34   LEU A C   1 
ATOM   154 O  O   . LEU A 1 34  ? -9.171  7.357   -14.517 1.00 28.19 ? 34   LEU A O   1 
ATOM   155 C  CB  . LEU A 1 34  ? -6.396  6.151   -14.811 1.00 25.29 ? 34   LEU A CB  1 
ATOM   156 C  CG  . LEU A 1 34  ? -4.972  6.453   -14.320 1.00 24.89 ? 34   LEU A CG  1 
ATOM   157 C  CD1 . LEU A 1 34  ? -3.970  6.053   -15.350 1.00 17.32 ? 34   LEU A CD1 1 
ATOM   158 C  CD2 . LEU A 1 34  ? -4.805  7.951   -13.930 1.00 24.73 ? 34   LEU A CD2 1 
ATOM   159 N  N   . CYS A 1 35  ? -9.619  5.187   -14.089 1.00 25.27 ? 35   CYS A N   1 
ATOM   160 C  CA  . CYS A 1 35  ? -10.998 5.340   -14.627 1.00 28.95 ? 35   CYS A CA  1 
ATOM   161 C  C   . CYS A 1 35  ? -12.085 5.011   -13.626 1.00 26.65 ? 35   CYS A C   1 
ATOM   162 O  O   . CYS A 1 35  ? -13.255 5.285   -13.861 1.00 25.18 ? 35   CYS A O   1 
ATOM   163 C  CB  . CYS A 1 35  ? -11.191 4.535   -15.922 1.00 29.33 ? 35   CYS A CB  1 
ATOM   164 S  SG  . CYS A 1 35  ? -10.015 5.143   -17.161 1.00 38.73 ? 35   CYS A SG  1 
ATOM   165 N  N   . ASP A 1 36  ? -11.691 4.421   -12.515 1.00 27.26 ? 36   ASP A N   1 
ATOM   166 C  CA  . ASP A 1 36  ? -12.625 4.065   -11.468 1.00 31.42 ? 36   ASP A CA  1 
ATOM   167 C  C   . ASP A 1 36  ? -13.366 5.319   -11.002 1.00 29.86 ? 36   ASP A C   1 
ATOM   168 O  O   . ASP A 1 36  ? -12.717 6.336   -10.673 1.00 27.19 ? 36   ASP A O   1 
ATOM   169 C  CB  . ASP A 1 36  ? -11.822 3.527   -10.305 1.00 36.59 ? 36   ASP A CB  1 
ATOM   170 C  CG  . ASP A 1 36  ? -12.377 2.274   -9.776  1.00 47.29 ? 36   ASP A CG  1 
ATOM   171 O  OD1 . ASP A 1 36  ? -13.364 2.334   -8.964  1.00 53.37 ? 36   ASP A OD1 1 
ATOM   172 O  OD2 . ASP A 1 36  ? -11.813 1.225   -10.186 1.00 51.46 ? 36   ASP A OD2 1 
ATOM   173 N  N   . GLN A 1 37  ? -14.700 5.260   -10.984 1.00 24.57 ? 37   GLN A N   1 
ATOM   174 C  CA  . GLN A 1 37  ? -15.503 6.343   -10.427 1.00 25.73 ? 37   GLN A CA  1 
ATOM   175 C  C   . GLN A 1 37  ? -15.071 6.804   -9.001  1.00 27.09 ? 37   GLN A C   1 
ATOM   176 O  O   . GLN A 1 37  ? -15.036 7.996   -8.690  1.00 27.97 ? 37   GLN A O   1 
ATOM   177 C  CB  . GLN A 1 37  ? -16.984 5.996   -10.442 1.00 22.81 ? 37   GLN A CB  1 
ATOM   178 C  CG  . GLN A 1 37  ? -17.794 7.214   -10.069 1.00 24.03 ? 37   GLN A CG  1 
ATOM   179 C  CD  . GLN A 1 37  ? -19.229 7.115   -10.453 1.00 26.46 ? 37   GLN A CD  1 
ATOM   180 O  OE1 . GLN A 1 37  ? -19.762 6.023   -10.610 1.00 30.66 ? 37   GLN A OE1 1 
ATOM   181 N  NE2 . GLN A 1 37  ? -19.885 8.267   -10.606 1.00 26.19 ? 37   GLN A NE2 1 
ATOM   182 N  N   . LYS A 1 38  ? -14.693 5.856   -8.171  1.00 26.86 ? 38   LYS A N   1 
ATOM   183 C  CA  . LYS A 1 38  ? -14.281 6.110   -6.803  1.00 27.99 ? 38   LYS A CA  1 
ATOM   184 C  C   . LYS A 1 38  ? -13.236 7.233   -6.695  1.00 28.56 ? 38   LYS A C   1 
ATOM   185 O  O   . LYS A 1 38  ? -13.221 7.982   -5.709  1.00 30.09 ? 38   LYS A O   1 
ATOM   186 C  CB  . LYS A 1 38  ? -13.727 4.793   -6.237  1.00 29.27 ? 38   LYS A CB  1 
ATOM   187 C  CG  . LYS A 1 38  ? -13.370 4.786   -4.806  1.00 30.20 ? 38   LYS A CG  1 
ATOM   188 C  CD  . LYS A 1 38  ? -13.012 3.381   -4.358  1.00 34.16 ? 38   LYS A CD  1 
ATOM   189 C  CE  . LYS A 1 38  ? -12.555 3.399   -2.868  1.00 37.13 ? 38   LYS A CE  1 
ATOM   190 N  NZ  . LYS A 1 38  ? -13.702 3.827   -1.996  1.00 36.62 ? 38   LYS A NZ  1 
ATOM   191 N  N   . TYR A 1 39  ? -12.355 7.345   -7.691  1.00 27.58 ? 39   TYR A N   1 
ATOM   192 C  CA  . TYR A 1 39  ? -11.270 8.325   -7.642  1.00 22.58 ? 39   TYR A CA  1 
ATOM   193 C  C   . TYR A 1 39  ? -11.413 9.402   -8.668  1.00 21.98 ? 39   TYR A C   1 
ATOM   194 O  O   . TYR A 1 39  ? -10.445 10.121  -8.923  1.00 23.46 ? 39   TYR A O   1 
ATOM   195 C  CB  . TYR A 1 39  ? -9.920  7.683   -7.871  1.00 24.18 ? 39   TYR A CB  1 
ATOM   196 C  CG  . TYR A 1 39  ? -9.671  6.437   -7.066  1.00 27.29 ? 39   TYR A CG  1 
ATOM   197 C  CD1 . TYR A 1 39  ? -9.918  6.396   -5.678  1.00 27.22 ? 39   TYR A CD1 1 
ATOM   198 C  CD2 . TYR A 1 39  ? -9.167  5.285   -7.688  1.00 26.51 ? 39   TYR A CD2 1 
ATOM   199 C  CE1 . TYR A 1 39  ? -9.671  5.237   -4.936  1.00 25.76 ? 39   TYR A CE1 1 
ATOM   200 C  CE2 . TYR A 1 39  ? -8.935  4.137   -6.966  1.00 27.82 ? 39   TYR A CE2 1 
ATOM   201 C  CZ  . TYR A 1 39  ? -9.186  4.118   -5.599  1.00 26.01 ? 39   TYR A CZ  1 
ATOM   202 O  OH  . TYR A 1 39  ? -8.931  2.953   -4.942  1.00 28.29 ? 39   TYR A OH  1 
ATOM   203 N  N   . SER A 1 40  ? -12.594 9.534   -9.267  1.00 17.29 ? 40   SER A N   1 
ATOM   204 C  CA  . SER A 1 40  ? -12.735 10.471  -10.371 1.00 19.97 ? 40   SER A CA  1 
ATOM   205 C  C   . SER A 1 40  ? -12.763 11.933  -9.915  1.00 22.51 ? 40   SER A C   1 
ATOM   206 O  O   . SER A 1 40  ? -12.792 12.852  -10.758 1.00 22.14 ? 40   SER A O   1 
ATOM   207 C  CB  . SER A 1 40  ? -14.005 10.157  -11.153 1.00 20.76 ? 40   SER A CB  1 
ATOM   208 O  OG  . SER A 1 40  ? -15.107 10.158  -10.259 1.00 23.14 ? 40   SER A OG  1 
ATOM   209 N  N   . ASP A 1 41  ? -12.790 12.159  -8.599  1.00 20.93 ? 41   ASP A N   1 
ATOM   210 C  CA  . ASP A 1 41  ? -12.704 13.513  -8.076  1.00 22.02 ? 41   ASP A CA  1 
ATOM   211 C  C   . ASP A 1 41  ? -11.241 13.899  -7.889  1.00 22.99 ? 41   ASP A C   1 
ATOM   212 O  O   . ASP A 1 41  ? -10.963 15.043  -7.588  1.00 25.29 ? 41   ASP A O   1 
ATOM   213 C  CB  . ASP A 1 41  ? -13.398 13.614  -6.719  1.00 21.38 ? 41   ASP A CB  1 
ATOM   214 C  CG  . ASP A 1 41  ? -12.820 12.650  -5.702  1.00 26.81 ? 41   ASP A CG  1 
ATOM   215 O  OD1 . ASP A 1 41  ? -12.529 11.481  -6.061  1.00 28.14 ? 41   ASP A OD1 1 
ATOM   216 O  OD2 . ASP A 1 41  ? -12.643 13.039  -4.535  1.00 31.84 ? 41   ASP A OD2 1 
ATOM   217 N  N   . GLU A 1 42  ? -10.303 12.964  -8.025  1.00 22.29 ? 42   GLU A N   1 
ATOM   218 C  CA  . GLU A 1 42  ? -8.911  13.286  -7.679  1.00 25.87 ? 42   GLU A CA  1 
ATOM   219 C  C   . GLU A 1 42  ? -8.303  14.133  -8.761  1.00 23.45 ? 42   GLU A C   1 
ATOM   220 O  O   . GLU A 1 42  ? -8.479  13.835  -9.936  1.00 28.08 ? 42   GLU A O   1 
ATOM   221 C  CB  . GLU A 1 42  ? -8.040  12.040  -7.495  1.00 25.52 ? 42   GLU A CB  1 
ATOM   222 C  CG  . GLU A 1 42  ? -8.237  11.229  -6.202  1.00 29.75 ? 42   GLU A CG  1 
ATOM   223 C  CD  . GLU A 1 42  ? -8.115  12.047  -4.904  1.00 31.03 ? 42   GLU A CD  1 
ATOM   224 O  OE1 . GLU A 1 42  ? -8.893  11.745  -3.956  1.00 32.64 ? 42   GLU A OE1 1 
ATOM   225 O  OE2 . GLU A 1 42  ? -7.239  12.936  -4.818  1.00 28.78 ? 42   GLU A OE2 1 
ATOM   226 N  N   . GLU A 1 43  ? -7.614  15.187  -8.351  1.00 22.03 ? 43   GLU A N   1 
ATOM   227 C  CA  . GLU A 1 43  ? -6.833  16.050  -9.236  1.00 20.48 ? 43   GLU A CA  1 
ATOM   228 C  C   . GLU A 1 43  ? -5.440  15.443  -9.374  1.00 19.71 ? 43   GLU A C   1 
ATOM   229 O  O   . GLU A 1 43  ? -4.881  14.947  -8.387  1.00 18.08 ? 43   GLU A O   1 
ATOM   230 C  CB  . GLU A 1 43  ? -6.738  17.486  -8.664  1.00 18.92 ? 43   GLU A CB  1 
ATOM   231 C  CG  . GLU A 1 43  ? -8.033  18.322  -8.787  1.00 18.61 ? 43   GLU A CG  1 
ATOM   232 C  CD  . GLU A 1 43  ? -8.435  18.589  -10.243 1.00 24.55 ? 43   GLU A CD  1 
ATOM   233 O  OE1 . GLU A 1 43  ? -7.587  18.364  -11.166 1.00 29.09 ? 43   GLU A OE1 1 
ATOM   234 O  OE2 . GLU A 1 43  ? -9.587  19.037  -10.487 1.00 19.69 ? 43   GLU A OE2 1 
ATOM   235 N  N   . ASN A 1 44  ? -4.865  15.463  -10.576 1.00 20.48 ? 44   ASN A N   1 
ATOM   236 C  CA  . ASN A 1 44  ? -3.520  14.893  -10.748 1.00 20.53 ? 44   ASN A CA  1 
ATOM   237 C  C   . ASN A 1 44  ? -3.422  13.423  -10.330 1.00 17.47 ? 44   ASN A C   1 
ATOM   238 O  O   . ASN A 1 44  ? -2.436  12.986  -9.737  1.00 19.17 ? 44   ASN A O   1 
ATOM   239 C  CB  . ASN A 1 44  ? -2.493  15.768  -10.023 1.00 23.66 ? 44   ASN A CB  1 
ATOM   240 C  CG  . ASN A 1 44  ? -2.601  17.225  -10.459 1.00 27.63 ? 44   ASN A CG  1 
ATOM   241 O  OD1 . ASN A 1 44  ? -3.124  17.503  -11.534 1.00 30.95 ? 44   ASN A OD1 1 
ATOM   242 N  ND2 . ASN A 1 44  ? -2.152  18.143  -9.633  1.00 25.89 ? 44   ASN A ND2 1 
ATOM   243 N  N   . LEU A 1 45  ? -4.452  12.657  -10.644 1.00 16.85 ? 45   LEU A N   1 
ATOM   244 C  CA  . LEU A 1 45  ? -4.433  11.217  -10.393 1.00 18.43 ? 45   LEU A CA  1 
ATOM   245 C  C   . LEU A 1 45  ? -3.239  10.498  -11.083 1.00 19.93 ? 45   LEU A C   1 
ATOM   246 O  O   . LEU A 1 45  ? -2.547  9.696   -10.440 1.00 28.09 ? 45   LEU A O   1 
ATOM   247 C  CB  . LEU A 1 45  ? -5.768  10.564  -10.781 1.00 18.81 ? 45   LEU A CB  1 
ATOM   248 C  CG  . LEU A 1 45  ? -6.019  9.170   -10.189 1.00 20.36 ? 45   LEU A CG  1 
ATOM   249 C  CD1 . LEU A 1 45  ? -5.881  9.222   -8.646  1.00 16.59 ? 45   LEU A CD1 1 
ATOM   250 C  CD2 . LEU A 1 45  ? -7.401  8.681   -10.622 1.00 14.73 ? 45   LEU A CD2 1 
ATOM   251 N  N   . PRO A 1 46  ? -2.978  10.778  -12.366 1.00 18.68 ? 46   PRO A N   1 
ATOM   252 C  CA  . PRO A 1 46  ? -1.795  10.082  -12.956 1.00 16.62 ? 46   PRO A CA  1 
ATOM   253 C  C   . PRO A 1 46  ? -0.538  10.204  -12.071 1.00 22.11 ? 46   PRO A C   1 
ATOM   254 O  O   . PRO A 1 46  ? 0.096   9.176   -11.744 1.00 24.04 ? 46   PRO A O   1 
ATOM   255 C  CB  . PRO A 1 46  ? -1.590  10.793  -14.323 1.00 14.92 ? 46   PRO A CB  1 
ATOM   256 C  CG  . PRO A 1 46  ? -3.035  11.290  -14.730 1.00 14.14 ? 46   PRO A CG  1 
ATOM   257 C  CD  . PRO A 1 46  ? -3.679  11.672  -13.329 1.00 15.70 ? 46   PRO A CD  1 
ATOM   258 N  N   . GLU A 1 47  ? -0.176  11.415  -11.629 1.00 24.93 ? 47   GLU A N   1 
ATOM   259 C  CA  . GLU A 1 47  ? 1.028   11.542  -10.790 1.00 27.99 ? 47   GLU A CA  1 
ATOM   260 C  C   . GLU A 1 47  ? 0.890   10.928  -9.387  1.00 30.90 ? 47   GLU A C   1 
ATOM   261 O  O   . GLU A 1 47  ? 1.859   10.355  -8.846  1.00 32.79 ? 47   GLU A O   1 
ATOM   262 C  CB  . GLU A 1 47  ? 1.631   12.954  -10.763 1.00 32.21 ? 47   GLU A CB  1 
ATOM   263 C  CG  . GLU A 1 47  ? 0.665   14.101  -10.910 1.00 37.32 ? 47   GLU A CG  1 
ATOM   264 C  CD  . GLU A 1 47  ? 0.149   14.281  -12.341 1.00 37.39 ? 47   GLU A CD  1 
ATOM   265 O  OE1 . GLU A 1 47  ? 0.880   14.840  -13.188 1.00 36.66 ? 47   GLU A OE1 1 
ATOM   266 O  OE2 . GLU A 1 47  ? -1.002  13.857  -12.613 1.00 38.12 ? 47   GLU A OE2 1 
ATOM   267 N  N   . LYS A 1 48  ? -0.318  10.983  -8.821  1.00 28.00 ? 48   LYS A N   1 
ATOM   268 C  CA  . LYS A 1 48  ? -0.584  10.297  -7.570  1.00 23.40 ? 48   LYS A CA  1 
ATOM   269 C  C   . LYS A 1 48  ? -0.409  8.774   -7.695  1.00 25.65 ? 48   LYS A C   1 
ATOM   270 O  O   . LYS A 1 48  ? 0.324   8.161   -6.887  1.00 26.13 ? 48   LYS A O   1 
ATOM   271 C  CB  . LYS A 1 48  ? -1.968  10.680  -7.045  1.00 24.75 ? 48   LYS A CB  1 
ATOM   272 C  CG  . LYS A 1 48  ? -1.973  12.058  -6.349  1.00 20.03 ? 48   LYS A CG  1 
ATOM   273 C  CD  . LYS A 1 48  ? -3.347  12.656  -6.308  1.00 20.36 ? 48   LYS A CD  1 
ATOM   274 C  CE  . LYS A 1 48  ? -3.266  14.017  -5.619  1.00 22.15 ? 48   LYS A CE  1 
ATOM   275 N  NZ  . LYS A 1 48  ? -4.606  14.683  -5.577  1.00 19.62 ? 48   LYS A NZ  1 
ATOM   276 N  N   . LEU A 1 49  ? -1.024  8.161   -8.710  1.00 20.39 ? 49   LEU A N   1 
ATOM   277 C  CA  . LEU A 1 49  ? -0.924  6.713   -8.869  1.00 20.49 ? 49   LEU A CA  1 
ATOM   278 C  C   . LEU A 1 49  ? 0.506   6.294   -9.148  1.00 22.50 ? 49   LEU A C   1 
ATOM   279 O  O   . LEU A 1 49  ? 0.997   5.319   -8.648  1.00 25.99 ? 49   LEU A O   1 
ATOM   280 C  CB  . LEU A 1 49  ? -1.806  6.260   -10.026 1.00 20.46 ? 49   LEU A CB  1 
ATOM   281 C  CG  . LEU A 1 49  ? -3.278  6.498   -9.732  1.00 19.47 ? 49   LEU A CG  1 
ATOM   282 C  CD1 . LEU A 1 49  ? -4.119  6.011   -10.849 1.00 19.50 ? 49   LEU A CD1 1 
ATOM   283 C  CD2 . LEU A 1 49  ? -3.655  5.742   -8.455  1.00 20.75 ? 49   LEU A CD2 1 
ATOM   284 N  N   . THR A 1 50  ? 1.199   7.052   -9.954  1.00 25.79 ? 50   THR A N   1 
ATOM   285 C  CA  . THR A 1 50  ? 2.592   6.778   -10.172 1.00 26.23 ? 50   THR A CA  1 
ATOM   286 C  C   . THR A 1 50  ? 3.329   6.805   -8.858  1.00 27.26 ? 50   THR A C   1 
ATOM   287 O  O   . THR A 1 50  ? 4.159   5.922   -8.596  1.00 32.14 ? 50   THR A O   1 
ATOM   288 C  CB  . THR A 1 50  ? 3.187   7.807   -11.181 1.00 26.99 ? 50   THR A CB  1 
ATOM   289 O  OG1 . THR A 1 50  ? 2.553   7.605   -12.448 1.00 26.40 ? 50   THR A OG1 1 
ATOM   290 C  CG2 . THR A 1 50  ? 4.681   7.648   -11.324 1.00 22.41 ? 50   THR A CG2 1 
ATOM   291 N  N   . ALA A 1 51  ? 3.066   7.815   -8.034  1.00 26.90 ? 51   ALA A N   1 
ATOM   292 C  CA  . ALA A 1 51  ? 3.769   7.920   -6.744  1.00 26.49 ? 51   ALA A CA  1 
ATOM   293 C  C   . ALA A 1 51  ? 3.390   6.748   -5.859  1.00 26.36 ? 51   ALA A C   1 
ATOM   294 O  O   . ALA A 1 51  ? 4.257   6.160   -5.206  1.00 27.96 ? 51   ALA A O   1 
ATOM   295 C  CB  . ALA A 1 51  ? 3.492   9.255   -6.034  1.00 24.28 ? 51   ALA A CB  1 
ATOM   296 N  N   . PHE A 1 52  ? 2.112   6.383   -5.828  1.00 27.64 ? 52   PHE A N   1 
ATOM   297 C  CA  . PHE A 1 52  ? 1.711   5.243   -4.970  1.00 28.37 ? 52   PHE A CA  1 
ATOM   298 C  C   . PHE A 1 52  ? 2.348   3.941   -5.451  1.00 30.91 ? 52   PHE A C   1 
ATOM   299 O  O   . PHE A 1 52  ? 2.810   3.133   -4.622  1.00 32.38 ? 52   PHE A O   1 
ATOM   300 C  CB  . PHE A 1 52  ? 0.177   5.103   -4.824  1.00 23.30 ? 52   PHE A CB  1 
ATOM   301 C  CG  . PHE A 1 52  ? -0.533  6.391   -4.442  1.00 19.22 ? 52   PHE A CG  1 
ATOM   302 C  CD1 . PHE A 1 52  ? 0.135   7.416   -3.771  1.00 23.06 ? 52   PHE A CD1 1 
ATOM   303 C  CD2 . PHE A 1 52  ? -1.869  6.577   -4.763  1.00 21.49 ? 52   PHE A CD2 1 
ATOM   304 C  CE1 . PHE A 1 52  ? -0.514  8.647   -3.412  1.00 20.83 ? 52   PHE A CE1 1 
ATOM   305 C  CE2 . PHE A 1 52  ? -2.523  7.768   -4.435  1.00 23.81 ? 52   PHE A CE2 1 
ATOM   306 C  CZ  . PHE A 1 52  ? -1.835  8.810   -3.732  1.00 22.69 ? 52   PHE A CZ  1 
ATOM   307 N  N   . LYS A 1 53  ? 2.394   3.734   -6.772  1.00 29.81 ? 53   LYS A N   1 
ATOM   308 C  CA  . LYS A 1 53  ? 2.975   2.495   -7.313  1.00 30.75 ? 53   LYS A CA  1 
ATOM   309 C  C   . LYS A 1 53  ? 4.445   2.401   -6.908  1.00 30.84 ? 53   LYS A C   1 
ATOM   310 O  O   . LYS A 1 53  ? 4.894   1.357   -6.431  1.00 30.30 ? 53   LYS A O   1 
ATOM   311 C  CB  . LYS A 1 53  ? 2.781   2.401   -8.831  1.00 31.77 ? 53   LYS A CB  1 
ATOM   312 C  CG  . LYS A 1 53  ? 3.721   1.433   -9.578  1.00 33.56 ? 53   LYS A CG  1 
ATOM   313 C  CD  . LYS A 1 53  ? 3.239   1.126   -11.009 1.00 33.61 ? 53   LYS A CD  1 
ATOM   314 C  CE  . LYS A 1 53  ? 3.552   2.235   -12.015 1.00 39.44 ? 53   LYS A CE  1 
ATOM   315 N  NZ  . LYS A 1 53  ? 5.015   2.547   -12.119 1.00 38.37 ? 53   LYS A NZ  1 
ATOM   316 N  N   . GLU A 1 54  ? 5.176   3.501   -7.046  1.00 32.64 ? 54   GLU A N   1 
ATOM   317 C  CA  . GLU A 1 54  ? 6.583   3.565   -6.636  1.00 40.06 ? 54   GLU A CA  1 
ATOM   318 C  C   . GLU A 1 54  ? 6.733   3.228   -5.160  1.00 38.51 ? 54   GLU A C   1 
ATOM   319 O  O   . GLU A 1 54  ? 7.589   2.440   -4.803  1.00 41.83 ? 54   GLU A O   1 
ATOM   320 C  CB  . GLU A 1 54  ? 7.205   4.935   -6.951  1.00 42.75 ? 54   GLU A CB  1 
ATOM   321 C  CG  . GLU A 1 54  ? 8.572   5.216   -6.272  1.00 50.62 ? 54   GLU A CG  1 
ATOM   322 C  CD  . GLU A 1 54  ? 9.212   6.583   -6.683  1.00 52.91 ? 54   GLU A CD  1 
ATOM   323 O  OE1 . GLU A 1 54  ? 8.445   7.566   -6.912  1.00 56.03 ? 54   GLU A OE1 1 
ATOM   324 O  OE2 . GLU A 1 54  ? 10.477  6.671   -6.760  1.00 54.82 ? 54   GLU A OE2 1 
ATOM   325 N  N   . LYS A 1 55  ? 5.869   3.778   -4.309  1.00 36.51 ? 55   LYS A N   1 
ATOM   326 C  CA  . LYS A 1 55  ? 5.961   3.513   -2.877  1.00 36.85 ? 55   LYS A CA  1 
ATOM   327 C  C   . LYS A 1 55  ? 5.606   2.092   -2.471  1.00 32.39 ? 55   LYS A C   1 
ATOM   328 O  O   . LYS A 1 55  ? 6.268   1.525   -1.615  1.00 33.11 ? 55   LYS A O   1 
ATOM   329 C  CB  . LYS A 1 55  ? 5.203   4.560   -2.042  1.00 39.19 ? 55   LYS A CB  1 
ATOM   330 C  CG  . LYS A 1 55  ? 5.952   5.888   -1.978  1.00 45.82 ? 55   LYS A CG  1 
ATOM   331 C  CD  . LYS A 1 55  ? 5.791   6.603   -0.644  1.00 52.61 ? 55   LYS A CD  1 
ATOM   332 C  CE  . LYS A 1 55  ? 4.517   7.486   -0.622  1.00 55.30 ? 55   LYS A CE  1 
ATOM   333 N  NZ  . LYS A 1 55  ? 4.684   8.728   -1.471  1.00 57.13 ? 55   LYS A NZ  1 
ATOM   334 N  N   . TYR A 1 56  ? 4.577   1.528   -3.089  1.00 28.90 ? 56   TYR A N   1 
ATOM   335 C  CA  . TYR A 1 56  ? 4.188   0.154   -2.853  1.00 30.74 ? 56   TYR A CA  1 
ATOM   336 C  C   . TYR A 1 56  ? 5.303   -0.801  -3.217  1.00 35.01 ? 56   TYR A C   1 
ATOM   337 O  O   . TYR A 1 56  ? 5.577   -1.755  -2.499  1.00 36.88 ? 56   TYR A O   1 
ATOM   338 C  CB  . TYR A 1 56  ? 2.973   -0.174  -3.695  1.00 29.37 ? 56   TYR A CB  1 
ATOM   339 C  CG  . TYR A 1 56  ? 2.208   -1.387  -3.249  1.00 27.22 ? 56   TYR A CG  1 
ATOM   340 C  CD1 . TYR A 1 56  ? 1.431   -1.368  -2.082  1.00 27.80 ? 56   TYR A CD1 1 
ATOM   341 C  CD2 . TYR A 1 56  ? 2.249   -2.561  -4.003  1.00 26.22 ? 56   TYR A CD2 1 
ATOM   342 C  CE1 . TYR A 1 56  ? 0.707   -2.511  -1.679  1.00 26.85 ? 56   TYR A CE1 1 
ATOM   343 C  CE2 . TYR A 1 56  ? 1.562   -3.694  -3.615  1.00 23.19 ? 56   TYR A CE2 1 
ATOM   344 C  CZ  . TYR A 1 56  ? 0.783   -3.661  -2.463  1.00 27.35 ? 56   TYR A CZ  1 
ATOM   345 O  OH  . TYR A 1 56  ? 0.098   -4.794  -2.110  1.00 27.35 ? 56   TYR A OH  1 
ATOM   346 N  N   . MET A 1 57  ? 5.967   -0.551  -4.329  1.00 37.14 ? 57   MET A N   1 
ATOM   347 C  CA  . MET A 1 57  ? 7.066   -1.412  -4.720  1.00 39.09 ? 57   MET A CA  1 
ATOM   348 C  C   . MET A 1 57  ? 8.329   -1.303  -3.862  1.00 36.46 ? 57   MET A C   1 
ATOM   349 O  O   . MET A 1 57  ? 9.204   -2.156  -3.982  1.00 34.59 ? 57   MET A O   1 
ATOM   350 C  CB  . MET A 1 57  ? 7.417   -1.177  -6.172  1.00 39.91 ? 57   MET A CB  1 
ATOM   351 C  CG  . MET A 1 57  ? 6.614   -1.999  -7.154  1.00 43.65 ? 57   MET A CG  1 
ATOM   352 S  SD  . MET A 1 57  ? 6.853   -1.122  -8.721  1.00 53.12 ? 57   MET A SD  1 
ATOM   353 C  CE  . MET A 1 57  ? 8.486   -1.702  -9.278  1.00 52.93 ? 57   MET A CE  1 
ATOM   354 N  N   . GLU A 1 58  ? 8.442   -0.286  -3.006  1.00 34.75 ? 58   GLU A N   1 
ATOM   355 C  CA  . GLU A 1 58  ? 9.559   -0.251  -2.059  1.00 38.73 ? 58   GLU A CA  1 
ATOM   356 C  C   . GLU A 1 58  ? 9.432   -1.357  -0.996  1.00 37.91 ? 58   GLU A C   1 
ATOM   357 O  O   . GLU A 1 58  ? 10.412  -1.718  -0.353  1.00 42.46 ? 58   GLU A O   1 
ATOM   358 C  CB  . GLU A 1 58  ? 9.728   1.123   -1.409  1.00 38.18 ? 58   GLU A CB  1 
ATOM   359 C  CG  . GLU A 1 58  ? 10.344  2.183   -2.336  1.00 43.16 ? 58   GLU A CG  1 
ATOM   360 C  CD  . GLU A 1 58  ? 10.358  3.608   -1.724  1.00 46.45 ? 58   GLU A CD  1 
ATOM   361 O  OE1 . GLU A 1 58  ? 9.846   3.809   -0.587  1.00 47.41 ? 58   GLU A OE1 1 
ATOM   362 O  OE2 . GLU A 1 58  ? 10.891  4.536   -2.394  1.00 51.09 ? 58   GLU A OE2 1 
ATOM   363 N  N   . PHE A 1 59  ? 8.230   -1.898  -0.839  1.00 34.09 ? 59   PHE A N   1 
ATOM   364 C  CA  . PHE A 1 59  ? 7.968   -2.987  0.076   1.00 32.96 ? 59   PHE A CA  1 
ATOM   365 C  C   . PHE A 1 59  ? 8.317   -4.325  -0.533  1.00 34.42 ? 59   PHE A C   1 
ATOM   366 O  O   . PHE A 1 59  ? 7.990   -4.608  -1.692  1.00 34.51 ? 59   PHE A O   1 
ATOM   367 C  CB  . PHE A 1 59  ? 6.487   -3.044  0.426   1.00 30.30 ? 59   PHE A CB  1 
ATOM   368 C  CG  . PHE A 1 59  ? 6.016   -1.937  1.325   1.00 30.67 ? 59   PHE A CG  1 
ATOM   369 C  CD1 . PHE A 1 59  ? 5.696   -0.684  0.806   1.00 28.10 ? 59   PHE A CD1 1 
ATOM   370 C  CD2 . PHE A 1 59  ? 5.824   -2.176  2.696   1.00 29.55 ? 59   PHE A CD2 1 
ATOM   371 C  CE1 . PHE A 1 59  ? 5.230   0.329   1.640   1.00 32.47 ? 59   PHE A CE1 1 
ATOM   372 C  CE2 . PHE A 1 59  ? 5.352   -1.177  3.546   1.00 30.21 ? 59   PHE A CE2 1 
ATOM   373 C  CZ  . PHE A 1 59  ? 5.055   0.086   3.027   1.00 31.53 ? 59   PHE A CZ  1 
ATOM   374 N  N   . ASP A 1 60  ? 8.933   -5.175  0.281   1.00 37.24 ? 60   ASP A N   1 
ATOM   375 C  CA  . ASP A 1 60  ? 9.144   -6.565  -0.081  1.00 39.29 ? 60   ASP A CA  1 
ATOM   376 C  C   . ASP A 1 60  ? 7.809   -7.243  -0.060  1.00 39.36 ? 60   ASP A C   1 
ATOM   377 O  O   . ASP A 1 60  ? 7.349   -7.624  0.992   1.00 45.18 ? 60   ASP A O   1 
ATOM   378 C  CB  . ASP A 1 60  ? 10.075  -7.236  0.920   1.00 41.42 ? 60   ASP A CB  1 
ATOM   379 C  CG  . ASP A 1 60  ? 11.448  -6.628  0.903   1.00 44.17 ? 60   ASP A CG  1 
ATOM   380 O  OD1 . ASP A 1 60  ? 11.931  -6.337  -0.211  1.00 45.76 ? 60   ASP A OD1 1 
ATOM   381 O  OD2 . ASP A 1 60  ? 12.031  -6.416  1.987   1.00 46.42 ? 60   ASP A OD2 1 
ATOM   382 N  N   . LEU A 1 61  ? 7.166   -7.348  -1.209  1.00 37.02 ? 61   LEU A N   1 
ATOM   383 C  CA  . LEU A 1 61  ? 5.852   -7.946  -1.273  1.00 39.80 ? 61   LEU A CA  1 
ATOM   384 C  C   . LEU A 1 61  ? 5.891   -9.447  -1.092  1.00 44.64 ? 61   LEU A C   1 
ATOM   385 O  O   . LEU A 1 61  ? 6.865   -10.102 -1.487  1.00 48.09 ? 61   LEU A O   1 
ATOM   386 C  CB  . LEU A 1 61  ? 5.197   -7.619  -2.619  1.00 35.71 ? 61   LEU A CB  1 
ATOM   387 C  CG  . LEU A 1 61  ? 5.117   -6.136  -2.925  1.00 31.91 ? 61   LEU A CG  1 
ATOM   388 C  CD1 . LEU A 1 61  ? 4.618   -5.935  -4.357  1.00 30.38 ? 61   LEU A CD1 1 
ATOM   389 C  CD2 . LEU A 1 61  ? 4.215   -5.438  -1.893  1.00 26.05 ? 61   LEU A CD2 1 
ATOM   390 N  N   . ASN A 1 62  ? 4.825   -10.001 -0.502  1.00 48.60 ? 62   ASN A N   1 
ATOM   391 C  CA  . ASN A 1 62  ? 4.606   -11.456 -0.513  1.00 50.06 ? 62   ASN A CA  1 
ATOM   392 C  C   . ASN A 1 62  ? 4.306   -11.901 -1.952  1.00 53.09 ? 62   ASN A C   1 
ATOM   393 O  O   . ASN A 1 62  ? 4.404   -11.098 -2.887  1.00 53.38 ? 62   ASN A O   1 
ATOM   394 C  CB  . ASN A 1 62  ? 3.494   -11.865 0.482   1.00 47.10 ? 62   ASN A CB  1 
ATOM   395 C  CG  . ASN A 1 62  ? 2.079   -11.670 -0.075  1.00 44.85 ? 62   ASN A CG  1 
ATOM   396 O  OD1 . ASN A 1 62  ? 1.884   -11.082 -1.142  1.00 45.95 ? 62   ASN A OD1 1 
ATOM   397 N  ND2 . ASN A 1 62  ? 1.088   -12.158 0.654   1.00 42.09 ? 62   ASN A ND2 1 
ATOM   398 N  N   . ASN A 1 63  ? 3.892   -13.147 -2.134  1.00 56.90 ? 63   ASN A N   1 
ATOM   399 C  CA  . ASN A 1 63  ? 3.822   -13.724 -3.465  1.00 62.05 ? 63   ASN A CA  1 
ATOM   400 C  C   . ASN A 1 63  ? 2.438   -14.222 -3.843  1.00 61.88 ? 63   ASN A C   1 
ATOM   401 O  O   . ASN A 1 63  ? 2.342   -15.071 -4.743  1.00 63.38 ? 63   ASN A O   1 
ATOM   402 C  CB  . ASN A 1 63  ? 4.668   -15.001 -3.390  1.00 67.38 ? 63   ASN A CB  1 
ATOM   403 C  CG  . ASN A 1 63  ? 4.030   -16.067 -2.456  1.00 71.60 ? 63   ASN A CG  1 
ATOM   404 O  OD1 . ASN A 1 63  ? 3.066   -16.756 -2.834  1.00 72.55 ? 63   ASN A OD1 1 
ATOM   405 N  ND2 . ASN A 1 63  ? 4.552   -16.176 -1.229  1.00 72.34 ? 63   ASN A ND2 1 
ATOM   406 N  N   . GLU A 1 64  ? 1.350   -13.642 -3.348  1.00 58.98 ? 64   GLU A N   1 
ATOM   407 C  CA  . GLU A 1 64  ? 0.474   -12.713 -4.076  1.00 55.41 ? 64   GLU A CA  1 
ATOM   408 C  C   . GLU A 1 64  ? 0.654   -11.230 -4.413  1.00 46.97 ? 64   GLU A C   1 
ATOM   409 O  O   . GLU A 1 64  ? -0.284  -10.638 -4.969  1.00 42.61 ? 64   GLU A O   1 
ATOM   410 C  CB  . GLU A 1 64  ? -0.917  -12.934 -3.460  1.00 58.73 ? 64   GLU A CB  1 
ATOM   411 C  CG  . GLU A 1 64  ? -0.889  -14.190 -2.551  1.00 63.51 ? 64   GLU A CG  1 
ATOM   412 C  CD  . GLU A 1 64  ? -2.248  -14.727 -2.134  1.00 65.06 ? 64   GLU A CD  1 
ATOM   413 O  OE1 . GLU A 1 64  ? -3.256  -13.982 -2.226  1.00 68.98 ? 64   GLU A OE1 1 
ATOM   414 O  OE2 . GLU A 1 64  ? -2.293  -15.909 -1.693  1.00 68.95 ? 64   GLU A OE2 1 
ATOM   415 N  N   . GLY A 1 65  ? 1.817   -10.645 -4.152  1.00 41.25 ? 65   GLY A N   1 
ATOM   416 C  CA  . GLY A 1 65  ? 2.017   -9.208  -4.403  1.00 37.45 ? 65   GLY A CA  1 
ATOM   417 C  C   . GLY A 1 65  ? 1.358   -8.239  -3.414  1.00 38.03 ? 65   GLY A C   1 
ATOM   418 O  O   . GLY A 1 65  ? 1.058   -7.086  -3.772  1.00 39.32 ? 65   GLY A O   1 
ATOM   419 N  N   . GLU A 1 66  ? 1.133   -8.687  -2.171  1.00 33.44 ? 66   GLU A N   1 
ATOM   420 C  CA  . GLU A 1 66  ? 0.554   -7.825  -1.165  1.00 32.01 ? 66   GLU A CA  1 
ATOM   421 C  C   . GLU A 1 66  ? 1.562   -7.601  -0.057  1.00 32.93 ? 66   GLU A C   1 
ATOM   422 O  O   . GLU A 1 66  ? 2.499   -8.376  0.090   1.00 32.54 ? 66   GLU A O   1 
ATOM   423 C  CB  . GLU A 1 66  ? -0.715  -8.437  -0.597  1.00 34.20 ? 66   GLU A CB  1 
ATOM   424 C  CG  . GLU A 1 66  ? -1.644  -9.052  -1.625  1.00 36.88 ? 66   GLU A CG  1 
ATOM   425 C  CD  . GLU A 1 66  ? -3.119  -8.865  -1.300  1.00 38.96 ? 66   GLU A CD  1 
ATOM   426 O  OE1 . GLU A 1 66  ? -3.483  -8.758  -0.111  1.00 43.15 ? 66   GLU A OE1 1 
ATOM   427 O  OE2 . GLU A 1 66  ? -3.935  -8.817  -2.242  1.00 41.74 ? 66   GLU A OE2 1 
ATOM   428 N  N   . ILE A 1 67  ? 1.385   -6.528  0.706   1.00 30.30 ? 67   ILE A N   1 
ATOM   429 C  CA  . ILE A 1 67  ? 2.206   -6.281  1.874   1.00 29.20 ? 67   ILE A CA  1 
ATOM   430 C  C   . ILE A 1 67  ? 1.681   -7.116  3.040   1.00 29.83 ? 67   ILE A C   1 
ATOM   431 O  O   . ILE A 1 67  ? 0.550   -6.952  3.420   1.00 29.45 ? 67   ILE A O   1 
ATOM   432 C  CB  . ILE A 1 67  ? 2.115   -4.819  2.275   1.00 30.92 ? 67   ILE A CB  1 
ATOM   433 C  CG1 . ILE A 1 67  ? 2.636   -3.907  1.146   1.00 29.89 ? 67   ILE A CG1 1 
ATOM   434 C  CG2 . ILE A 1 67  ? 2.836   -4.588  3.586   1.00 31.76 ? 67   ILE A CG2 1 
ATOM   435 C  CD1 . ILE A 1 67  ? 2.361   -2.390  1.394   1.00 28.27 ? 67   ILE A CD1 1 
ATOM   436 N  N   . ASP A 1 68  ? 2.489   -8.016  3.601   1.00 30.45 ? 68   ASP A N   1 
ATOM   437 C  CA  . ASP A 1 68  ? 2.071   -8.785  4.785   1.00 29.68 ? 68   ASP A CA  1 
ATOM   438 C  C   . ASP A 1 68  ? 2.846   -8.351  6.035   1.00 26.81 ? 68   ASP A C   1 
ATOM   439 O  O   . ASP A 1 68  ? 3.661   -7.438  6.001   1.00 29.96 ? 68   ASP A O   1 
ATOM   440 C  CB  . ASP A 1 68  ? 2.176   -10.322 4.560   1.00 28.30 ? 68   ASP A CB  1 
ATOM   441 C  CG  . ASP A 1 68  ? 3.608   -10.800 4.231   1.00 30.13 ? 68   ASP A CG  1 
ATOM   442 O  OD1 . ASP A 1 68  ? 4.573   -10.015 4.343   1.00 31.39 ? 68   ASP A OD1 1 
ATOM   443 O  OD2 . ASP A 1 68  ? 3.774   -11.983 3.849   1.00 30.69 ? 68   ASP A OD2 1 
ATOM   444 N  N   . LEU A 1 69  ? 2.607   -9.015  7.141   1.00 25.14 ? 69   LEU A N   1 
ATOM   445 C  CA  . LEU A 1 69  ? 3.287   -8.642  8.389   1.00 27.79 ? 69   LEU A CA  1 
ATOM   446 C  C   . LEU A 1 69  ? 4.807   -8.576  8.223   1.00 27.53 ? 69   LEU A C   1 
ATOM   447 O  O   . LEU A 1 69  ? 5.469   -7.598  8.617   1.00 29.02 ? 69   LEU A O   1 
ATOM   448 C  CB  . LEU A 1 69  ? 2.863   -9.610  9.489   1.00 25.24 ? 69   LEU A CB  1 
ATOM   449 C  CG  . LEU A 1 69  ? 2.720   -9.077  10.902  1.00 29.22 ? 69   LEU A CG  1 
ATOM   450 C  CD1 . LEU A 1 69  ? 1.946   -7.749  11.057  1.00 25.43 ? 69   LEU A CD1 1 
ATOM   451 C  CD2 . LEU A 1 69  ? 2.117   -10.206 11.745  1.00 30.10 ? 69   LEU A CD2 1 
ATOM   452 N  N   . MET A 1 70  ? 5.363   -9.582  7.567   1.00 28.27 ? 70   MET A N   1 
ATOM   453 C  CA  . MET A 1 70  ? 6.783   -9.594  7.305   1.00 28.79 ? 70   MET A CA  1 
ATOM   454 C  C   . MET A 1 70  ? 7.264   -8.386  6.521   1.00 29.11 ? 70   MET A C   1 
ATOM   455 O  O   . MET A 1 70  ? 8.258   -7.778  6.915   1.00 31.29 ? 70   MET A O   1 
ATOM   456 C  CB  . MET A 1 70  ? 7.211   -10.875 6.626   1.00 29.45 ? 70   MET A CB  1 
ATOM   457 C  CG  . MET A 1 70  ? 8.712   -10.939 6.398   1.00 31.34 ? 70   MET A CG  1 
ATOM   458 S  SD  . MET A 1 70  ? 9.138   -12.517 5.646   1.00 36.86 ? 70   MET A SD  1 
ATOM   459 C  CE  . MET A 1 70  ? 10.957  -12.445 5.580   1.00 36.28 ? 70   MET A CE  1 
ATOM   460 N  N   . SER A 1 71  ? 6.568   -8.016  5.442   1.00 25.93 ? 71   SER A N   1 
ATOM   461 C  CA  A SER A 1 71  ? 7.020   -6.888  4.635   0.50 26.85 ? 71   SER A CA  1 
ATOM   462 C  CA  B SER A 1 71  ? 6.959   -6.875  4.608   0.50 26.27 ? 71   SER A CA  1 
ATOM   463 C  C   . SER A 1 71  ? 6.906   -5.571  5.396   1.00 26.89 ? 71   SER A C   1 
ATOM   464 O  O   . SER A 1 71  ? 7.812   -4.705  5.301   1.00 28.23 ? 71   SER A O   1 
ATOM   465 C  CB  A SER A 1 71  ? 6.296   -6.823  3.280   0.50 27.75 ? 71   SER A CB  1 
ATOM   466 C  CB  B SER A 1 71  ? 6.039   -6.779  3.375   0.50 26.48 ? 71   SER A CB  1 
ATOM   467 O  OG  A SER A 1 71  ? 5.165   -7.673  3.237   0.50 28.14 ? 71   SER A OG  1 
ATOM   468 O  OG  B SER A 1 71  ? 6.095   -5.497  2.763   0.50 23.96 ? 71   SER A OG  1 
ATOM   469 N  N   . LEU A 1 72  ? 5.825   -5.425  6.151   1.00 25.34 ? 72   LEU A N   1 
ATOM   470 C  CA  . LEU A 1 72  ? 5.615   -4.273  6.996   1.00 28.31 ? 72   LEU A CA  1 
ATOM   471 C  C   . LEU A 1 72  ? 6.729   -4.216  8.027   1.00 28.57 ? 72   LEU A C   1 
ATOM   472 O  O   . LEU A 1 72  ? 7.345   -3.166  8.238   1.00 28.58 ? 72   LEU A O   1 
ATOM   473 C  CB  . LEU A 1 72  ? 4.268   -4.398  7.692   1.00 30.32 ? 72   LEU A CB  1 
ATOM   474 C  CG  . LEU A 1 72  ? 3.855   -3.169  8.507   1.00 32.15 ? 72   LEU A CG  1 
ATOM   475 C  CD1 . LEU A 1 72  ? 3.957   -1.946  7.636   1.00 32.74 ? 72   LEU A CD1 1 
ATOM   476 C  CD2 . LEU A 1 72  ? 2.410   -3.320  9.055   1.00 29.78 ? 72   LEU A CD2 1 
ATOM   477 N  N   . LYS A 1 73  ? 7.018   -5.347  8.659   1.00 29.93 ? 73   LYS A N   1 
ATOM   478 C  CA  . LYS A 1 73  ? 8.099   -5.333  9.642   1.00 31.20 ? 73   LYS A CA  1 
ATOM   479 C  C   . LYS A 1 73  ? 9.423   -4.853  9.024   1.00 30.42 ? 73   LYS A C   1 
ATOM   480 O  O   . LYS A 1 73  ? 10.086  -3.995  9.616   1.00 29.65 ? 73   LYS A O   1 
ATOM   481 C  CB  . LYS A 1 73  ? 8.331   -6.682  10.303  1.00 27.65 ? 73   LYS A CB  1 
ATOM   482 C  CG  . LYS A 1 73  ? 9.596   -6.598  11.166  1.00 28.03 ? 73   LYS A CG  1 
ATOM   483 C  CD  . LYS A 1 73  ? 10.280  -7.886  11.331  1.00 27.89 ? 73   LYS A CD  1 
ATOM   484 C  CE  . LYS A 1 73  ? 10.904  -8.276  10.041  1.00 24.12 ? 73   LYS A CE  1 
ATOM   485 N  NZ  . LYS A 1 73  ? 11.957  -9.216  10.351  1.00 22.30 ? 73   LYS A NZ  1 
ATOM   486 N  N   . ARG A 1 74  ? 9.788   -5.391  7.853   1.00 28.75 ? 74   ARG A N   1 
ATOM   487 C  CA  . ARG A 1 74  ? 11.032  -4.996  7.165   1.00 30.94 ? 74   ARG A CA  1 
ATOM   488 C  C   . ARG A 1 74  ? 11.056  -3.526  6.787   1.00 29.87 ? 74   ARG A C   1 
ATOM   489 O  O   . ARG A 1 74  ? 12.107  -2.891  6.852   1.00 30.19 ? 74   ARG A O   1 
ATOM   490 C  CB  . ARG A 1 74  ? 11.303  -5.822  5.909   1.00 34.38 ? 74   ARG A CB  1 
ATOM   491 C  CG  . ARG A 1 74  ? 12.252  -6.942  6.149   1.00 40.39 ? 74   ARG A CG  1 
ATOM   492 C  CD  . ARG A 1 74  ? 11.598  -8.295  6.045   1.00 44.73 ? 74   ARG A CD  1 
ATOM   493 N  NE  . ARG A 1 74  ? 11.921  -8.960  4.782   1.00 53.95 ? 74   ARG A NE  1 
ATOM   494 C  CZ  . ARG A 1 74  ? 13.106  -8.909  4.155   1.00 58.05 ? 74   ARG A CZ  1 
ATOM   495 N  NH1 . ARG A 1 74  ? 13.271  -9.557  2.997   1.00 58.14 ? 74   ARG A NH1 1 
ATOM   496 N  NH2 . ARG A 1 74  ? 14.131  -8.227  4.675   1.00 58.73 ? 74   ARG A NH2 1 
ATOM   497 N  N   . MET A 1 75  ? 9.904   -2.985  6.392   1.00 27.75 ? 75   MET A N   1 
ATOM   498 C  CA  . MET A 1 75  ? 9.828   -1.559  6.124   1.00 28.73 ? 75   MET A CA  1 
ATOM   499 C  C   . MET A 1 75  ? 10.039  -0.763  7.418   1.00 30.91 ? 75   MET A C   1 
ATOM   500 O  O   . MET A 1 75  ? 10.867  0.146   7.462   1.00 33.02 ? 75   MET A O   1 
ATOM   501 C  CB  . MET A 1 75  ? 8.502   -1.193  5.468   1.00 27.63 ? 75   MET A CB  1 
ATOM   502 C  CG  . MET A 1 75  ? 8.426   0.281   5.139   1.00 28.36 ? 75   MET A CG  1 
ATOM   503 S  SD  . MET A 1 75  ? 9.713   0.782   3.950   1.00 33.67 ? 75   MET A SD  1 
ATOM   504 C  CE  . MET A 1 75  ? 9.130   0.012   2.430   1.00 27.12 ? 75   MET A CE  1 
ATOM   505 N  N   . MET A 1 76  ? 9.312   -1.114  8.477   1.00 29.09 ? 76   MET A N   1 
ATOM   506 C  CA  . MET A 1 76  ? 9.542   -0.474  9.761   1.00 31.63 ? 76   MET A CA  1 
ATOM   507 C  C   . MET A 1 76  ? 11.028  -0.496  10.135  1.00 32.48 ? 76   MET A C   1 
ATOM   508 O  O   . MET A 1 76  ? 11.591  0.549   10.463  1.00 33.39 ? 76   MET A O   1 
ATOM   509 C  CB  . MET A 1 76  ? 8.661   -1.078  10.883  1.00 28.84 ? 76   MET A CB  1 
ATOM   510 C  CG  . MET A 1 76  ? 7.141   -0.966  10.645  1.00 29.14 ? 76   MET A CG  1 
ATOM   511 S  SD  . MET A 1 76  ? 6.574   0.750   10.417  1.00 31.64 ? 76   MET A SD  1 
ATOM   512 C  CE  . MET A 1 76  ? 6.472   0.925   8.653   1.00 33.00 ? 76   MET A CE  1 
ATOM   513 N  N   . GLU A 1 77  ? 11.686  -1.656  10.095  1.00 36.08 ? 77   GLU A N   1 
ATOM   514 C  CA  . GLU A 1 77  ? 13.122  -1.633  10.453  1.00 39.08 ? 77   GLU A CA  1 
ATOM   515 C  C   . GLU A 1 77  ? 13.953  -0.804  9.469   1.00 40.11 ? 77   GLU A C   1 
ATOM   516 O  O   . GLU A 1 77  ? 14.845  -0.074  9.890   1.00 39.91 ? 77   GLU A O   1 
ATOM   517 C  CB  . GLU A 1 77  ? 13.741  -3.002  10.809  1.00 38.78 ? 77   GLU A CB  1 
ATOM   518 C  CG  . GLU A 1 77  ? 13.420  -4.176  9.929   1.00 39.18 ? 77   GLU A CG  1 
ATOM   519 C  CD  . GLU A 1 77  ? 13.816  -5.499  10.570  1.00 39.15 ? 77   GLU A CD  1 
ATOM   520 O  OE1 . GLU A 1 77  ? 14.212  -5.494  11.757  1.00 38.30 ? 77   GLU A OE1 1 
ATOM   521 O  OE2 . GLU A 1 77  ? 13.757  -6.554  9.877   1.00 41.76 ? 77   GLU A OE2 1 
ATOM   522 N  N   . LYS A 1 78  ? 13.601  -0.844  8.185   1.00 42.55 ? 78   LYS A N   1 
ATOM   523 C  CA  . LYS A 1 78  ? 14.220  0.049   7.214   1.00 46.05 ? 78   LYS A CA  1 
ATOM   524 C  C   . LYS A 1 78  ? 14.099  1.516   7.648   1.00 45.32 ? 78   LYS A C   1 
ATOM   525 O  O   . LYS A 1 78  ? 15.097  2.245   7.641   1.00 44.65 ? 78   LYS A O   1 
ATOM   526 C  CB  . LYS A 1 78  ? 13.672  -0.155  5.790   1.00 46.80 ? 78   LYS A CB  1 
ATOM   527 C  CG  . LYS A 1 78  ? 14.717  0.153   4.684   1.00 50.60 ? 78   LYS A CG  1 
ATOM   528 C  CD  . LYS A 1 78  ? 14.168  0.116   3.251   1.00 51.10 ? 78   LYS A CD  1 
ATOM   529 C  CE  . LYS A 1 78  ? 14.036  1.542   2.641   1.00 54.74 ? 78   LYS A CE  1 
ATOM   530 N  NZ  . LYS A 1 78  ? 13.350  1.613   1.285   1.00 53.38 ? 78   LYS A NZ  1 
ATOM   531 N  N   . LEU A 1 79  ? 12.898  1.940   8.046   1.00 42.99 ? 79   LEU A N   1 
ATOM   532 C  CA  . LEU A 1 79  ? 12.661  3.352   8.385   1.00 41.84 ? 79   LEU A CA  1 
ATOM   533 C  C   . LEU A 1 79  ? 13.141  3.742   9.788   1.00 42.20 ? 79   LEU A C   1 
ATOM   534 O  O   . LEU A 1 79  ? 13.159  4.922   10.134  1.00 42.37 ? 79   LEU A O   1 
ATOM   535 C  CB  . LEU A 1 79  ? 11.192  3.723   8.196   1.00 41.65 ? 79   LEU A CB  1 
ATOM   536 C  CG  . LEU A 1 79  ? 10.680  3.604   6.756   1.00 43.67 ? 79   LEU A CG  1 
ATOM   537 C  CD1 . LEU A 1 79  ? 9.197   3.856   6.692   1.00 44.62 ? 79   LEU A CD1 1 
ATOM   538 C  CD2 . LEU A 1 79  ? 11.410  4.570   5.841   1.00 44.78 ? 79   LEU A CD2 1 
ATOM   539 N  N   . GLY A 1 80  ? 13.543  2.753   10.585  1.00 41.78 ? 80   GLY A N   1 
ATOM   540 C  CA  . GLY A 1 80  ? 14.023  2.997   11.939  1.00 42.13 ? 80   GLY A CA  1 
ATOM   541 C  C   . GLY A 1 80  ? 12.876  3.327   12.875  1.00 43.01 ? 80   GLY A C   1 
ATOM   542 O  O   . GLY A 1 80  ? 13.062  4.002   13.905  1.00 42.21 ? 80   GLY A O   1 
ATOM   543 N  N   . VAL A 1 81  ? 11.690  2.838   12.513  1.00 39.81 ? 81   VAL A N   1 
ATOM   544 C  CA  . VAL A 1 81  ? 10.498  3.039   13.324  1.00 38.24 ? 81   VAL A CA  1 
ATOM   545 C  C   . VAL A 1 81  ? 10.158  1.774   14.104  1.00 38.56 ? 81   VAL A C   1 
ATOM   546 O  O   . VAL A 1 81  ? 9.842   0.736   13.509  1.00 37.97 ? 81   VAL A O   1 
ATOM   547 C  CB  . VAL A 1 81  ? 9.280   3.444   12.474  1.00 36.81 ? 81   VAL A CB  1 
ATOM   548 C  CG1 . VAL A 1 81  ? 8.063   3.615   13.390  1.00 37.31 ? 81   VAL A CG1 1 
ATOM   549 C  CG2 . VAL A 1 81  ? 9.558   4.729   11.680  1.00 32.44 ? 81   VAL A CG2 1 
ATOM   550 N  N   . PRO A 1 82  ? 10.207  1.851   15.447  1.00 40.53 ? 82   PRO A N   1 
ATOM   551 C  CA  . PRO A 1 82  ? 9.830   0.686   16.263  1.00 39.36 ? 82   PRO A CA  1 
ATOM   552 C  C   . PRO A 1 82  ? 8.313   0.442   16.258  1.00 37.04 ? 82   PRO A C   1 
ATOM   553 O  O   . PRO A 1 82  ? 7.554   1.377   16.489  1.00 41.75 ? 82   PRO A O   1 
ATOM   554 C  CB  . PRO A 1 82  ? 10.335  1.062   17.667  1.00 41.28 ? 82   PRO A CB  1 
ATOM   555 C  CG  . PRO A 1 82  ? 10.348  2.575   17.675  1.00 41.85 ? 82   PRO A CG  1 
ATOM   556 C  CD  . PRO A 1 82  ? 10.607  3.017   16.263  1.00 40.60 ? 82   PRO A CD  1 
ATOM   557 N  N   . LYS A 1 83  ? 7.874   -0.780  15.940  1.00 31.56 ? 83   LYS A N   1 
ATOM   558 C  CA  . LYS A 1 83  ? 6.469   -1.167  16.086  1.00 27.47 ? 83   LYS A CA  1 
ATOM   559 C  C   . LYS A 1 83  ? 6.435   -2.576  16.613  1.00 27.95 ? 83   LYS A C   1 
ATOM   560 O  O   . LYS A 1 83  ? 7.216   -3.412  16.174  1.00 31.21 ? 83   LYS A O   1 
ATOM   561 C  CB  . LYS A 1 83  ? 5.691   -1.096  14.754  1.00 25.71 ? 83   LYS A CB  1 
ATOM   562 C  CG  . LYS A 1 83  ? 5.540   0.288   14.139  1.00 27.62 ? 83   LYS A CG  1 
ATOM   563 C  CD  . LYS A 1 83  ? 4.389   1.064   14.803  1.00 26.72 ? 83   LYS A CD  1 
ATOM   564 C  CE  . LYS A 1 83  ? 4.358   2.522   14.395  1.00 27.90 ? 83   LYS A CE  1 
ATOM   565 N  NZ  . LYS A 1 83  ? 3.388   3.334   15.245  1.00 28.11 ? 83   LYS A NZ  1 
ATOM   566 N  N   . THR A 1 84  ? 5.528   -2.842  17.553  1.00 28.54 ? 84   THR A N   1 
ATOM   567 C  CA  . THR A 1 84  ? 5.346   -4.187  18.141  1.00 24.59 ? 84   THR A CA  1 
ATOM   568 C  C   . THR A 1 84  ? 4.515   -5.107  17.194  1.00 22.29 ? 84   THR A C   1 
ATOM   569 O  O   . THR A 1 84  ? 3.860   -4.644  16.244  1.00 23.83 ? 84   THR A O   1 
ATOM   570 C  CB  . THR A 1 84  ? 4.632   -4.067  19.516  1.00 24.28 ? 84   THR A CB  1 
ATOM   571 O  OG1 . THR A 1 84  ? 3.346   -3.472  19.307  1.00 21.76 ? 84   THR A OG1 1 
ATOM   572 C  CG2 . THR A 1 84  ? 5.440   -3.185  20.524  1.00 18.93 ? 84   THR A CG2 1 
ATOM   573 N  N   . HIS A 1 85  ? 4.544   -6.404  17.447  1.00 19.32 ? 85   HIS A N   1 
ATOM   574 C  CA  . HIS A 1 85  ? 3.701   -7.351  16.729  1.00 21.12 ? 85   HIS A CA  1 
ATOM   575 C  C   . HIS A 1 85  ? 2.314   -6.741  16.604  1.00 22.95 ? 85   HIS A C   1 
ATOM   576 O  O   . HIS A 1 85  ? 1.819   -6.495  15.486  1.00 27.15 ? 85   HIS A O   1 
ATOM   577 C  CB  . HIS A 1 85  ? 3.691   -8.685  17.495  1.00 19.89 ? 85   HIS A CB  1 
ATOM   578 C  CG  . HIS A 1 85  ? 2.866   -9.770  16.861  1.00 24.99 ? 85   HIS A CG  1 
ATOM   579 N  ND1 . HIS A 1 85  ? 3.227   -10.392 15.682  1.00 18.01 ? 85   HIS A ND1 1 
ATOM   580 C  CD2 . HIS A 1 85  ? 1.729   -10.394 17.286  1.00 23.72 ? 85   HIS A CD2 1 
ATOM   581 C  CE1 . HIS A 1 85  ? 2.337   -11.332 15.397  1.00 19.80 ? 85   HIS A CE1 1 
ATOM   582 N  NE2 . HIS A 1 85  ? 1.402   -11.335 16.332  1.00 17.85 ? 85   HIS A NE2 1 
ATOM   583 N  N   . LEU A 1 86  ? 1.709   -6.385  17.731  1.00 22.92 ? 86   LEU A N   1 
ATOM   584 C  CA  . LEU A 1 86  ? 0.296   -5.946  17.715  1.00 21.71 ? 86   LEU A CA  1 
ATOM   585 C  C   . LEU A 1 86  ? 0.086   -4.581  17.093  1.00 21.68 ? 86   LEU A C   1 
ATOM   586 O  O   . LEU A 1 86  ? -0.924  -4.348  16.400  1.00 23.82 ? 86   LEU A O   1 
ATOM   587 C  CB  . LEU A 1 86  ? -0.390  -6.105  19.077  1.00 19.24 ? 86   LEU A CB  1 
ATOM   588 C  CG  . LEU A 1 86  ? -1.892  -5.827  19.192  1.00 24.46 ? 86   LEU A CG  1 
ATOM   589 C  CD1 . LEU A 1 86  ? -2.787  -6.803  18.352  1.00 23.01 ? 86   LEU A CD1 1 
ATOM   590 C  CD2 . LEU A 1 86  ? -2.308  -5.836  20.706  1.00 22.59 ? 86   LEU A CD2 1 
ATOM   591 N  N   . GLU A 1 87  ? 1.033   -3.675  17.250  1.00 21.50 ? 87   GLU A N   1 
ATOM   592 C  CA  . GLU A 1 87  ? 0.847   -2.410  16.546  1.00 24.83 ? 87   GLU A CA  1 
ATOM   593 C  C   . GLU A 1 87  ? 0.809   -2.649  15.031  1.00 26.39 ? 87   GLU A C   1 
ATOM   594 O  O   . GLU A 1 87  ? -0.003  -2.044  14.325  1.00 27.87 ? 87   GLU A O   1 
ATOM   595 C  CB  . GLU A 1 87  ? 1.929   -1.412  16.917  1.00 27.99 ? 87   GLU A CB  1 
ATOM   596 C  CG  . GLU A 1 87  ? 1.945   -0.996  18.395  1.00 31.86 ? 87   GLU A CG  1 
ATOM   597 C  CD  . GLU A 1 87  ? 3.079   -0.015  18.679  1.00 34.78 ? 87   GLU A CD  1 
ATOM   598 O  OE1 . GLU A 1 87  ? 4.274   -0.375  18.471  1.00 33.49 ? 87   GLU A OE1 1 
ATOM   599 O  OE2 . GLU A 1 87  ? 2.767   1.140   19.066  1.00 39.99 ? 87   GLU A OE2 1 
ATOM   600 N  N   . MET A 1 88  ? 1.657   -3.561  14.534  1.00 24.33 ? 88   MET A N   1 
ATOM   601 C  CA  . MET A 1 88  ? 1.675   -3.892  13.108  1.00 21.55 ? 88   MET A CA  1 
ATOM   602 C  C   . MET A 1 88  ? 0.402   -4.582  12.653  1.00 22.13 ? 88   MET A C   1 
ATOM   603 O  O   . MET A 1 88  ? -0.142  -4.198  11.631  1.00 24.25 ? 88   MET A O   1 
ATOM   604 C  CB  . MET A 1 88  ? 2.894   -4.727  12.745  1.00 18.35 ? 88   MET A CB  1 
ATOM   605 C  CG  . MET A 1 88  ? 4.172   -3.936  12.806  1.00 17.47 ? 88   MET A CG  1 
ATOM   606 S  SD  . MET A 1 88  ? 5.512   -4.892  12.109  1.00 21.88 ? 88   MET A SD  1 
ATOM   607 C  CE  . MET A 1 88  ? 5.740   -6.234  13.262  1.00 16.94 ? 88   MET A CE  1 
ATOM   608 N  N   . LYS A 1 89  ? -0.096  -5.570  13.403  1.00 22.95 ? 89   LYS A N   1 
ATOM   609 C  CA  . LYS A 1 89  ? -1.368  -6.223  13.024  1.00 22.81 ? 89   LYS A CA  1 
ATOM   610 C  C   . LYS A 1 89  ? -2.517  -5.233  12.946  1.00 25.82 ? 89   LYS A C   1 
ATOM   611 O  O   . LYS A 1 89  ? -3.409  -5.366  12.083  1.00 26.80 ? 89   LYS A O   1 
ATOM   612 C  CB  . LYS A 1 89  ? -1.737  -7.368  13.958  1.00 22.90 ? 89   LYS A CB  1 
ATOM   613 C  CG  . LYS A 1 89  ? -0.729  -8.539  13.924  1.00 22.61 ? 89   LYS A CG  1 
ATOM   614 C  CD  . LYS A 1 89  ? -1.166  -9.615  14.925  1.00 30.67 ? 89   LYS A CD  1 
ATOM   615 C  CE  . LYS A 1 89  ? -2.475  -10.383 14.504  1.00 32.02 ? 89   LYS A CE  1 
ATOM   616 N  NZ  . LYS A 1 89  ? -2.213  -11.416 13.440  1.00 30.81 ? 89   LYS A NZ  1 
ATOM   617 N  N   . LYS A 1 90  ? -2.482  -4.225  13.815  1.00 26.79 ? 90   LYS A N   1 
ATOM   618 C  CA  . LYS A 1 90  ? -3.510  -3.181  13.823  1.00 29.29 ? 90   LYS A CA  1 
ATOM   619 C  C   . LYS A 1 90  ? -3.310  -2.180  12.690  1.00 27.42 ? 90   LYS A C   1 
ATOM   620 O  O   . LYS A 1 90  ? -4.282  -1.647  12.154  1.00 23.63 ? 90   LYS A O   1 
ATOM   621 C  CB  . LYS A 1 90  ? -3.499  -2.439  15.153  1.00 32.44 ? 90   LYS A CB  1 
ATOM   622 C  CG  . LYS A 1 90  ? -4.079  -3.222  16.335  1.00 35.57 ? 90   LYS A CG  1 
ATOM   623 C  CD  . LYS A 1 90  ? -4.065  -2.325  17.593  1.00 37.03 ? 90   LYS A CD  1 
ATOM   624 C  CE  . LYS A 1 90  ? -4.532  -3.044  18.865  1.00 38.87 ? 90   LYS A CE  1 
ATOM   625 N  NZ  . LYS A 1 90  ? -4.240  -2.210  20.103  1.00 38.50 ? 90   LYS A NZ  1 
ATOM   626 N  N   . MET A 1 91  ? -2.058  -1.908  12.328  1.00 27.07 ? 91   MET A N   1 
ATOM   627 C  CA  . MET A 1 91  ? -1.789  -0.991  11.229  1.00 28.82 ? 91   MET A CA  1 
ATOM   628 C  C   . MET A 1 91  ? -2.401  -1.576  9.954   1.00 28.86 ? 91   MET A C   1 
ATOM   629 O  O   . MET A 1 91  ? -2.939  -0.857  9.115   1.00 28.53 ? 91   MET A O   1 
ATOM   630 C  CB  . MET A 1 91  ? -0.281  -0.795  11.038  1.00 27.54 ? 91   MET A CB  1 
ATOM   631 C  CG  . MET A 1 91  ? 0.385   0.232   12.001  1.00 28.12 ? 91   MET A CG  1 
ATOM   632 S  SD  . MET A 1 91  ? 2.211   0.148   11.903  1.00 32.16 ? 91   MET A SD  1 
ATOM   633 C  CE  . MET A 1 91  ? 2.432   0.900   10.290  1.00 33.17 ? 91   MET A CE  1 
ATOM   634 N  N   . ILE A 1 92  ? -2.318  -2.894  9.829   1.00 25.45 ? 92   ILE A N   1 
ATOM   635 C  CA  . ILE A 1 92  ? -2.829  -3.577  8.655   1.00 23.38 ? 92   ILE A CA  1 
ATOM   636 C  C   . ILE A 1 92  ? -4.347  -3.585  8.674   1.00 24.63 ? 92   ILE A C   1 
ATOM   637 O  O   . ILE A 1 92  ? -4.988  -3.217  7.681   1.00 29.04 ? 92   ILE A O   1 
ATOM   638 C  CB  . ILE A 1 92  ? -2.283  -5.041  8.543   1.00 20.43 ? 92   ILE A CB  1 
ATOM   639 C  CG1 . ILE A 1 92  ? -0.773  -5.045  8.175   1.00 16.54 ? 92   ILE A CG1 1 
ATOM   640 C  CG2 . ILE A 1 92  ? -3.139  -5.842  7.595   1.00 15.76 ? 92   ILE A CG2 1 
ATOM   641 C  CD1 . ILE A 1 92  ? -0.225  -6.450  7.790   1.00 18.53 ? 92   ILE A CD1 1 
ATOM   642 N  N   . SER A 1 93  ? -4.947  -3.976  9.788   1.00 24.07 ? 93   SER A N   1 
ATOM   643 C  CA  . SER A 1 93  ? -6.395  -4.098  9.790   1.00 28.59 ? 93   SER A CA  1 
ATOM   644 C  C   . SER A 1 93  ? -7.099  -2.741  9.763   1.00 27.51 ? 93   SER A C   1 
ATOM   645 O  O   . SER A 1 93  ? -8.205  -2.635  9.268   1.00 27.91 ? 93   SER A O   1 
ATOM   646 C  CB  . SER A 1 93  ? -6.899  -4.970  10.934  1.00 29.03 ? 93   SER A CB  1 
ATOM   647 O  OG  . SER A 1 93  ? -6.814  -4.227  12.089  1.00 32.24 ? 93   SER A OG  1 
ATOM   648 N  N   . GLU A 1 94  ? -6.440  -1.711  10.268  1.00 28.42 ? 94   GLU A N   1 
ATOM   649 C  CA  . GLU A 1 94  ? -6.898  -0.340  10.101  1.00 32.08 ? 94   GLU A CA  1 
ATOM   650 C  C   . GLU A 1 94  ? -7.009  0.028   8.612   1.00 33.82 ? 94   GLU A C   1 
ATOM   651 O  O   . GLU A 1 94  ? -7.931  0.745   8.201   1.00 35.43 ? 94   GLU A O   1 
ATOM   652 C  CB  . GLU A 1 94  ? -5.938  0.600   10.838  1.00 33.37 ? 94   GLU A CB  1 
ATOM   653 C  CG  . GLU A 1 94  ? -6.122  2.064   10.529  1.00 39.93 ? 94   GLU A CG  1 
ATOM   654 C  CD  . GLU A 1 94  ? -5.213  2.980   11.342  1.00 39.28 ? 94   GLU A CD  1 
ATOM   655 O  OE1 . GLU A 1 94  ? -3.971  2.784   11.334  1.00 37.60 ? 94   GLU A OE1 1 
ATOM   656 O  OE2 . GLU A 1 94  ? -5.769  3.923   11.969  1.00 43.40 ? 94   GLU A OE2 1 
ATOM   657 N  N   . VAL A 1 95  ? -6.078  -0.458  7.797   1.00 31.66 ? 95   VAL A N   1 
ATOM   658 C  CA  . VAL A 1 95  ? -6.036  -0.072  6.393   1.00 31.77 ? 95   VAL A CA  1 
ATOM   659 C  C   . VAL A 1 95  ? -6.975  -0.964  5.570   1.00 33.16 ? 95   VAL A C   1 
ATOM   660 O  O   . VAL A 1 95  ? -7.487  -0.534  4.549   1.00 33.69 ? 95   VAL A O   1 
ATOM   661 C  CB  . VAL A 1 95  ? -4.601  -0.181  5.853   1.00 32.96 ? 95   VAL A CB  1 
ATOM   662 C  CG1 . VAL A 1 95  ? -4.571  -0.113  4.346   1.00 33.71 ? 95   VAL A CG1 1 
ATOM   663 C  CG2 . VAL A 1 95  ? -3.732  0.925   6.441   1.00 34.72 ? 95   VAL A CG2 1 
ATOM   664 N  N   . THR A 1 96  ? -7.200  -2.199  6.016   1.00 30.00 ? 96   THR A N   1 
ATOM   665 C  CA  . THR A 1 96  ? -8.001  -3.145  5.270   1.00 28.43 ? 96   THR A CA  1 
ATOM   666 C  C   . THR A 1 96  ? -9.402  -3.276  5.848   1.00 32.92 ? 96   THR A C   1 
ATOM   667 O  O   . THR A 1 96  ? -10.149 -4.170  5.442   1.00 38.18 ? 96   THR A O   1 
ATOM   668 C  CB  . THR A 1 96  ? -7.404  -4.558  5.279   1.00 26.71 ? 96   THR A CB  1 
ATOM   669 O  OG1 . THR A 1 96  ? -7.509  -5.105  6.593   1.00 32.46 ? 96   THR A OG1 1 
ATOM   670 C  CG2 . THR A 1 96  ? -5.961  -4.571  4.880   1.00 25.79 ? 96   THR A CG2 1 
ATOM   671 N  N   . GLY A 1 97  ? -9.767  -2.407  6.791   1.00 34.32 ? 97   GLY A N   1 
ATOM   672 C  CA  . GLY A 1 97  ? -11.069 -2.505  7.457   1.00 33.40 ? 97   GLY A CA  1 
ATOM   673 C  C   . GLY A 1 97  ? -11.254 -3.807  8.225   1.00 35.52 ? 97   GLY A C   1 
ATOM   674 O  O   . GLY A 1 97  ? -12.371 -4.189  8.526   1.00 37.90 ? 97   GLY A O   1 
ATOM   675 N  N   . GLY A 1 98  ? -10.165 -4.501  8.555   1.00 38.12 ? 98   GLY A N   1 
ATOM   676 C  CA  . GLY A 1 98  ? -10.264 -5.782  9.281   1.00 37.54 ? 98   GLY A CA  1 
ATOM   677 C  C   . GLY A 1 98  ? -10.625 -6.949  8.383   1.00 38.14 ? 98   GLY A C   1 
ATOM   678 O  O   . GLY A 1 98  ? -10.751 -8.067  8.844   1.00 35.83 ? 98   GLY A O   1 
ATOM   679 N  N   . VAL A 1 99  ? -10.761 -6.678  7.086   1.00 40.87 ? 99   VAL A N   1 
ATOM   680 C  CA  . VAL A 1 99  ? -11.186 -7.666  6.084   1.00 44.12 ? 99   VAL A CA  1 
ATOM   681 C  C   . VAL A 1 99  ? -10.107 -8.726  5.756   1.00 44.13 ? 99   VAL A C   1 
ATOM   682 O  O   . VAL A 1 99  ? -10.422 -9.852  5.343   1.00 44.08 ? 99   VAL A O   1 
ATOM   683 C  CB  . VAL A 1 99  ? -11.621 -6.938  4.765   1.00 45.89 ? 99   VAL A CB  1 
ATOM   684 C  CG1 . VAL A 1 99  ? -11.770 -7.915  3.596   1.00 48.06 ? 99   VAL A CG1 1 
ATOM   685 C  CG2 . VAL A 1 99  ? -12.923 -6.154  4.974   1.00 47.52 ? 99   VAL A CG2 1 
ATOM   686 N  N   . SER A 1 100 ? -8.838  -8.360  5.937   1.00 41.83 ? 100  SER A N   1 
ATOM   687 C  CA  . SER A 1 100 ? -7.733  -9.127  5.382   1.00 38.02 ? 100  SER A CA  1 
ATOM   688 C  C   . SER A 1 100 ? -6.486  -8.898  6.207   1.00 35.01 ? 100  SER A C   1 
ATOM   689 O  O   . SER A 1 100 ? -6.300  -7.799  6.743   1.00 31.64 ? 100  SER A O   1 
ATOM   690 C  CB  . SER A 1 100 ? -7.468  -8.678  3.939   1.00 37.82 ? 100  SER A CB  1 
ATOM   691 O  OG  . SER A 1 100 ? -6.150  -8.993  3.526   1.00 38.89 ? 100  SER A OG  1 
ATOM   692 N  N   . ASP A 1 101 ? -5.622  -9.918  6.253   1.00 32.99 ? 101  ASP A N   1 
ATOM   693 C  CA  A ASP A 1 101 ? -4.357  -9.870  6.994   0.50 33.92 ? 101  ASP A CA  1 
ATOM   694 C  CA  B ASP A 1 101 ? -4.374  -9.809  7.016   0.50 32.92 ? 101  ASP A CA  1 
ATOM   695 C  C   . ASP A 1 101 ? -3.210  -9.234  6.202   1.00 31.57 ? 101  ASP A C   1 
ATOM   696 O  O   . ASP A 1 101 ? -2.088  -9.118  6.699   1.00 28.13 ? 101  ASP A O   1 
ATOM   697 C  CB  A ASP A 1 101 ? -3.959  -11.282 7.462   0.50 36.00 ? 101  ASP A CB  1 
ATOM   698 C  CB  B ASP A 1 101 ? -4.013  -11.127 7.750   0.50 33.14 ? 101  ASP A CB  1 
ATOM   699 C  CG  A ASP A 1 101 ? -4.824  -11.793 8.607   0.50 38.23 ? 101  ASP A CG  1 
ATOM   700 C  CG  B ASP A 1 101 ? -3.763  -12.313 6.810   0.50 33.78 ? 101  ASP A CG  1 
ATOM   701 O  OD1 A ASP A 1 101 ? -5.875  -11.178 8.893   0.50 39.72 ? 101  ASP A OD1 1 
ATOM   702 O  OD1 B ASP A 1 101 ? -4.041  -12.232 5.592   0.50 34.23 ? 101  ASP A OD1 1 
ATOM   703 O  OD2 A ASP A 1 101 ? -4.446  -12.813 9.232   0.50 39.31 ? 101  ASP A OD2 1 
ATOM   704 O  OD2 B ASP A 1 101 ? -3.277  -13.353 7.316   0.50 33.19 ? 101  ASP A OD2 1 
ATOM   705 N  N   . THR A 1 102 ? -3.482  -8.824  4.960   1.00 29.41 ? 102  THR A N   1 
ATOM   706 C  CA  . THR A 1 102 ? -2.428  -8.219  4.137   1.00 25.33 ? 102  THR A CA  1 
ATOM   707 C  C   . THR A 1 102 ? -2.992  -7.000  3.394   1.00 28.27 ? 102  THR A C   1 
ATOM   708 O  O   . THR A 1 102 ? -4.204  -6.930  3.148   1.00 28.17 ? 102  THR A O   1 
ATOM   709 C  CB  . THR A 1 102 ? -1.877  -9.203  3.098   1.00 25.57 ? 102  THR A CB  1 
ATOM   710 O  OG1 . THR A 1 102 ? -2.921  -9.545  2.197   1.00 26.24 ? 102  THR A OG1 1 
ATOM   711 C  CG2 . THR A 1 102 ? -1.345  -10.508 3.736   1.00 21.41 ? 102  THR A CG2 1 
ATOM   712 N  N   . ILE A 1 103 ? -2.121  -6.045  3.053   1.00 25.27 ? 103  ILE A N   1 
ATOM   713 C  CA  . ILE A 1 103 ? -2.518  -4.849  2.352   1.00 25.79 ? 103  ILE A CA  1 
ATOM   714 C  C   . ILE A 1 103 ? -2.299  -4.984  0.869   1.00 26.72 ? 103  ILE A C   1 
ATOM   715 O  O   . ILE A 1 103 ? -1.157  -5.073  0.430   1.00 31.48 ? 103  ILE A O   1 
ATOM   716 C  CB  . ILE A 1 103 ? -1.698  -3.648  2.812   1.00 24.13 ? 103  ILE A CB  1 
ATOM   717 C  CG1 . ILE A 1 103 ? -1.809  -3.499  4.337   1.00 23.29 ? 103  ILE A CG1 1 
ATOM   718 C  CG2 . ILE A 1 103 ? -2.164  -2.391  2.100   1.00 20.50 ? 103  ILE A CG2 1 
ATOM   719 C  CD1 . ILE A 1 103 ? -0.932  -2.371  4.904   1.00 19.38 ? 103  ILE A CD1 1 
ATOM   720 N  N   . SER A 1 104 ? -3.389  -5.004  0.104   1.00 25.18 ? 104  SER A N   1 
ATOM   721 C  CA  . SER A 1 104 ? -3.333  -5.011  -1.361  1.00 25.37 ? 104  SER A CA  1 
ATOM   722 C  C   . SER A 1 104 ? -3.126  -3.610  -1.883  1.00 25.43 ? 104  SER A C   1 
ATOM   723 O  O   . SER A 1 104 ? -3.294  -2.616  -1.141  1.00 25.04 ? 104  SER A O   1 
ATOM   724 C  CB  . SER A 1 104 ? -4.642  -5.507  -1.952  1.00 24.22 ? 104  SER A CB  1 
ATOM   725 O  OG  . SER A 1 104 ? -5.673  -4.577  -1.650  1.00 26.80 ? 104  SER A OG  1 
ATOM   726 N  N   . TYR A 1 105 ? -2.823  -3.516  -3.178  1.00 26.89 ? 105  TYR A N   1 
ATOM   727 C  CA  . TYR A 1 105 ? -2.527  -2.220  -3.789  1.00 26.02 ? 105  TYR A CA  1 
ATOM   728 C  C   . TYR A 1 105 ? -3.751  -1.339  -3.712  1.00 26.42 ? 105  TYR A C   1 
ATOM   729 O  O   . TYR A 1 105 ? -3.653  -0.140  -3.436  1.00 27.30 ? 105  TYR A O   1 
ATOM   730 C  CB  . TYR A 1 105 ? -2.033  -2.376  -5.218  1.00 27.92 ? 105  TYR A CB  1 
ATOM   731 C  CG  . TYR A 1 105 ? -1.648  -1.068  -5.865  1.00 27.02 ? 105  TYR A CG  1 
ATOM   732 C  CD1 . TYR A 1 105 ? -0.654  -0.267  -5.314  1.00 27.15 ? 105  TYR A CD1 1 
ATOM   733 C  CD2 . TYR A 1 105 ? -2.263  -0.647  -7.041  1.00 27.47 ? 105  TYR A CD2 1 
ATOM   734 C  CE1 . TYR A 1 105 ? -0.297  0.922   -5.893  1.00 28.06 ? 105  TYR A CE1 1 
ATOM   735 C  CE2 . TYR A 1 105 ? -1.897  0.545   -7.654  1.00 26.99 ? 105  TYR A CE2 1 
ATOM   736 C  CZ  . TYR A 1 105 ? -0.924  1.322   -7.071  1.00 27.82 ? 105  TYR A CZ  1 
ATOM   737 O  OH  . TYR A 1 105 ? -0.550  2.495   -7.662  1.00 28.10 ? 105  TYR A OH  1 
ATOM   738 N  N   . ARG A 1 106 ? -4.918  -1.941  -3.885  1.00 27.05 ? 106  ARG A N   1 
ATOM   739 C  CA  . ARG A 1 106 ? -6.181  -1.208  -3.719  1.00 27.72 ? 106  ARG A CA  1 
ATOM   740 C  C   . ARG A 1 106 ? -6.309  -0.554  -2.341  1.00 30.33 ? 106  ARG A C   1 
ATOM   741 O  O   . ARG A 1 106 ? -6.658  0.650   -2.217  1.00 31.07 ? 106  ARG A O   1 
ATOM   742 C  CB  . ARG A 1 106 ? -7.351  -2.178  -3.920  1.00 28.02 ? 106  ARG A CB  1 
ATOM   743 C  CG  . ARG A 1 106 ? -8.688  -1.646  -3.393  1.00 30.48 ? 106  ARG A CG  1 
ATOM   744 C  CD  . ARG A 1 106 ? -9.245  -0.565  -4.283  1.00 30.86 ? 106  ARG A CD  1 
ATOM   745 N  NE  . ARG A 1 106 ? -9.861  -1.162  -5.469  1.00 32.95 ? 106  ARG A NE  1 
ATOM   746 C  CZ  . ARG A 1 106 ? -10.327 -0.474  -6.506  1.00 31.51 ? 106  ARG A CZ  1 
ATOM   747 N  NH1 . ARG A 1 106 ? -10.241 0.869   -6.521  1.00 30.75 ? 106  ARG A NH1 1 
ATOM   748 N  NH2 . ARG A 1 106 ? -10.860 -1.138  -7.527  1.00 26.82 ? 106  ARG A NH2 1 
ATOM   749 N  N   . ASP A 1 107 ? -6.069  -1.352  -1.295  1.00 30.12 ? 107  ASP A N   1 
ATOM   750 C  CA  . ASP A 1 107 ? -6.234  -0.843  0.071   1.00 29.54 ? 107  ASP A CA  1 
ATOM   751 C  C   . ASP A 1 107 ? -5.210  0.239   0.301   1.00 27.82 ? 107  ASP A C   1 
ATOM   752 O  O   . ASP A 1 107 ? -5.518  1.268   0.934   1.00 26.74 ? 107  ASP A O   1 
ATOM   753 C  CB  . ASP A 1 107 ? -6.098  -1.947  1.113   1.00 30.55 ? 107  ASP A CB  1 
ATOM   754 C  CG  . ASP A 1 107 ? -7.325  -2.810  1.179   1.00 32.16 ? 107  ASP A CG  1 
ATOM   755 O  OD1 . ASP A 1 107 ? -8.387  -2.333  0.728   1.00 33.32 ? 107  ASP A OD1 1 
ATOM   756 O  OD2 . ASP A 1 107 ? -7.243  -3.946  1.689   1.00 33.10 ? 107  ASP A OD2 1 
ATOM   757 N  N   . PHE A 1 108 ? -4.025  0.024   -0.272  1.00 22.32 ? 108  PHE A N   1 
ATOM   758 C  CA  . PHE A 1 108 ? -2.943  0.978   -0.151  1.00 25.07 ? 108  PHE A CA  1 
ATOM   759 C  C   . PHE A 1 108 ? -3.300  2.288   -0.814  1.00 27.72 ? 108  PHE A C   1 
ATOM   760 O  O   . PHE A 1 108 ? -3.059  3.363   -0.226  1.00 32.43 ? 108  PHE A O   1 
ATOM   761 C  CB  . PHE A 1 108 ? -1.662  0.384   -0.731  1.00 25.48 ? 108  PHE A CB  1 
ATOM   762 C  CG  . PHE A 1 108 ? -0.437  1.268   -0.593  1.00 26.45 ? 108  PHE A CG  1 
ATOM   763 C  CD1 . PHE A 1 108 ? 0.361   1.220   0.584   1.00 26.91 ? 108  PHE A CD1 1 
ATOM   764 C  CD2 . PHE A 1 108 ? -0.015  2.067   -1.680  1.00 22.57 ? 108  PHE A CD2 1 
ATOM   765 C  CE1 . PHE A 1 108 ? 1.545   1.998   0.697   1.00 22.43 ? 108  PHE A CE1 1 
ATOM   766 C  CE2 . PHE A 1 108 ? 1.158   2.845   -1.603  1.00 20.33 ? 108  PHE A CE2 1 
ATOM   767 C  CZ  . PHE A 1 108 ? 1.939   2.826   -0.398  1.00 24.12 ? 108  PHE A CZ  1 
ATOM   768 N  N   . VAL A 1 109 ? -3.883  2.234   -2.020  1.00 28.62 ? 109  VAL A N   1 
ATOM   769 C  CA  . VAL A 1 109 ? -4.310  3.469   -2.698  1.00 25.14 ? 109  VAL A CA  1 
ATOM   770 C  C   . VAL A 1 109 ? -5.455  4.122   -1.925  1.00 26.38 ? 109  VAL A C   1 
ATOM   771 O  O   . VAL A 1 109 ? -5.472  5.347   -1.734  1.00 29.92 ? 109  VAL A O   1 
ATOM   772 C  CB  . VAL A 1 109 ? -4.760  3.209   -4.170  1.00 28.08 ? 109  VAL A CB  1 
ATOM   773 C  CG1 . VAL A 1 109 ? -5.360  4.488   -4.806  1.00 22.66 ? 109  VAL A CG1 1 
ATOM   774 C  CG2 . VAL A 1 109 ? -3.635  2.653   -5.002  1.00 23.47 ? 109  VAL A CG2 1 
ATOM   775 N  N   . ASN A 1 110 ? -6.430  3.336   -1.471  1.00 26.52 ? 110  ASN A N   1 
ATOM   776 C  CA  . ASN A 1 110 ? -7.492  3.936   -0.632  1.00 26.90 ? 110  ASN A CA  1 
ATOM   777 C  C   . ASN A 1 110 ? -6.975  4.683   0.606   1.00 29.33 ? 110  ASN A C   1 
ATOM   778 O  O   . ASN A 1 110 ? -7.520  5.730   0.980   1.00 30.98 ? 110  ASN A O   1 
ATOM   779 C  CB  . ASN A 1 110 ? -8.509  2.891   -0.202  1.00 24.62 ? 110  ASN A CB  1 
ATOM   780 C  CG  . ASN A 1 110 ? -9.364  2.462   -1.333  1.00 26.23 ? 110  ASN A CG  1 
ATOM   781 O  OD1 . ASN A 1 110 ? -9.344  3.104   -2.378  1.00 28.04 ? 110  ASN A OD1 1 
ATOM   782 N  ND2 . ASN A 1 110 ? -10.134 1.389   -1.158  1.00 26.51 ? 110  ASN A ND2 1 
ATOM   783 N  N   . MET A 1 111 ? -5.927  4.149   1.229   1.00 25.52 ? 111  MET A N   1 
ATOM   784 C  CA  . MET A 1 111 ? -5.292  4.781   2.367   1.00 27.95 ? 111  MET A CA  1 
ATOM   785 C  C   . MET A 1 111 ? -4.669  6.085   1.925   1.00 28.88 ? 111  MET A C   1 
ATOM   786 O  O   . MET A 1 111 ? -4.892  7.123   2.532   1.00 31.13 ? 111  MET A O   1 
ATOM   787 C  CB  . MET A 1 111 ? -4.208  3.841   2.931   1.00 29.26 ? 111  MET A CB  1 
ATOM   788 C  CG  . MET A 1 111 ? -3.451  4.372   4.122   1.00 28.09 ? 111  MET A CG  1 
ATOM   789 S  SD  . MET A 1 111 ? -2.038  3.288   4.442   1.00 35.05 ? 111  MET A SD  1 
ATOM   790 C  CE  . MET A 1 111 ? -1.002  3.667   3.019   1.00 28.76 ? 111  MET A CE  1 
ATOM   791 N  N   . MET A 1 112 ? -3.861  6.033   0.869   1.00 29.48 ? 112  MET A N   1 
ATOM   792 C  CA  . MET A 1 112 ? -3.139  7.207   0.423   1.00 27.13 ? 112  MET A CA  1 
ATOM   793 C  C   . MET A 1 112 ? -4.076  8.335   0.010   1.00 30.55 ? 112  MET A C   1 
ATOM   794 O  O   . MET A 1 112 ? -3.746  9.519   0.177   1.00 28.61 ? 112  MET A O   1 
ATOM   795 C  CB  . MET A 1 112 ? -2.176  6.841   -0.696  1.00 29.29 ? 112  MET A CB  1 
ATOM   796 C  CG  . MET A 1 112 ? -1.081  5.877   -0.233  1.00 29.43 ? 112  MET A CG  1 
ATOM   797 S  SD  . MET A 1 112 ? -0.082  6.654   1.082   1.00 31.91 ? 112  MET A SD  1 
ATOM   798 C  CE  . MET A 1 112 ? 0.716   8.008   0.203   1.00 31.82 ? 112  MET A CE  1 
ATOM   799 N  N   . LEU A 1 113 ? -5.256  7.985   -0.500  1.00 32.23 ? 113  LEU A N   1 
ATOM   800 C  CA  . LEU A 1 113 ? -6.189  9.020   -0.953  1.00 33.68 ? 113  LEU A CA  1 
ATOM   801 C  C   . LEU A 1 113 ? -7.261  9.363   0.087   1.00 36.55 ? 113  LEU A C   1 
ATOM   802 O  O   . LEU A 1 113 ? -7.966  10.361  -0.064  1.00 38.94 ? 113  LEU A O   1 
ATOM   803 C  CB  . LEU A 1 113 ? -6.859  8.635   -2.281  1.00 28.48 ? 113  LEU A CB  1 
ATOM   804 C  CG  . LEU A 1 113 ? -5.987  8.539   -3.536  1.00 30.37 ? 113  LEU A CG  1 
ATOM   805 C  CD1 . LEU A 1 113 ? -6.812  7.904   -4.674  1.00 29.76 ? 113  LEU A CD1 1 
ATOM   806 C  CD2 . LEU A 1 113 ? -5.332  9.869   -3.995  1.00 25.39 ? 113  LEU A CD2 1 
ATOM   807 N  N   . GLY A 1 114 ? -7.400  8.538   1.123   1.00 40.08 ? 114  GLY A N   1 
ATOM   808 C  CA  . GLY A 1 114 ? -8.438  8.749   2.146   1.00 42.56 ? 114  GLY A CA  1 
ATOM   809 C  C   . GLY A 1 114 ? -8.139  9.957   3.017   1.00 46.65 ? 114  GLY A C   1 
ATOM   810 O  O   . GLY A 1 114 ? -6.981  10.350  3.164   1.00 44.76 ? 114  GLY A O   1 
ATOM   811 N  N   . LYS A 1 115 ? -9.178  10.569  3.579   1.00 54.04 ? 115  LYS A N   1 
ATOM   812 C  CA  . LYS A 1 115 ? -8.969  11.720  4.472   1.00 59.93 ? 115  LYS A CA  1 
ATOM   813 C  C   . LYS A 1 115 ? -8.675  11.222  5.898   1.00 62.32 ? 115  LYS A C   1 
ATOM   814 O  O   . LYS A 1 115 ? -7.963  11.883  6.665   1.00 60.38 ? 115  LYS A O   1 
ATOM   815 C  CB  . LYS A 1 115 ? -10.147 12.716  4.414   1.00 62.75 ? 115  LYS A CB  1 
ATOM   816 C  CG  . LYS A 1 115 ? -10.547 13.195  2.966   1.00 65.53 ? 115  LYS A CG  1 
ATOM   817 C  CD  . LYS A 1 115 ? -9.413  13.919  2.183   1.00 66.04 ? 115  LYS A CD  1 
ATOM   818 C  CE  . LYS A 1 115 ? -9.707  14.008  0.661   1.00 66.43 ? 115  LYS A CE  1 
ATOM   819 N  NZ  . LYS A 1 115 ? -8.548  14.444  -0.201  1.00 65.07 ? 115  LYS A NZ  1 
ATOM   820 N  N   . ARG A 1 116 ? -9.219  10.046  6.228   1.00 65.66 ? 116  ARG A N   1 
ATOM   821 C  CA  . ARG A 1 116 ? -8.860  9.309   7.442   1.00 69.65 ? 116  ARG A CA  1 
ATOM   822 C  C   . ARG A 1 116 ? -7.363  8.999   7.384   1.00 68.13 ? 116  ARG A C   1 
ATOM   823 O  O   . ARG A 1 116 ? -6.847  8.551   6.350   1.00 68.12 ? 116  ARG A O   1 
ATOM   824 C  CB  . ARG A 1 116 ? -9.702  8.022   7.553   1.00 71.83 ? 116  ARG A CB  1 
ATOM   825 C  CG  . ARG A 1 116 ? -9.045  6.879   8.325   1.00 76.12 ? 116  ARG A CG  1 
ATOM   826 C  CD  . ARG A 1 116 ? -10.066 5.930   8.978   1.00 77.43 ? 116  ARG A CD  1 
ATOM   827 N  NE  . ARG A 1 116 ? -9.420  4.954   9.877   1.00 81.68 ? 116  ARG A NE  1 
ATOM   828 C  CZ  . ARG A 1 116 ? -9.012  5.204   11.129  1.00 83.21 ? 116  ARG A CZ  1 
ATOM   829 N  NH1 . ARG A 1 116 ? -9.157  6.410   11.673  1.00 83.32 ? 116  ARG A NH1 1 
ATOM   830 N  NH2 . ARG A 1 116 ? -8.449  4.239   11.850  1.00 84.16 ? 116  ARG A NH2 1 
ATOM   831 N  N   . SER A 1 117 ? -6.652  9.248   8.476   1.00 67.14 ? 117  SER A N   1 
ATOM   832 C  CA  . SER A 1 117 ? -5.208  9.075   8.415   1.00 65.00 ? 117  SER A CA  1 
ATOM   833 C  C   . SER A 1 117 ? -4.740  7.866   9.223   1.00 58.27 ? 117  SER A C   1 
ATOM   834 O  O   . SER A 1 117 ? -4.762  7.861   10.448  1.00 60.62 ? 117  SER A O   1 
ATOM   835 C  CB  . SER A 1 117 ? -4.465  10.369  8.771   1.00 69.56 ? 117  SER A CB  1 
ATOM   836 O  OG  . SER A 1 117 ? -3.505  10.684  7.768   1.00 70.91 ? 117  SER A OG  1 
ATOM   837 N  N   . ALA A 1 118 ? -4.342  6.838   8.487   1.00 49.06 ? 118  ALA A N   1 
ATOM   838 C  CA  . ALA A 1 118 ? -3.912  5.591   9.041   1.00 41.07 ? 118  ALA A CA  1 
ATOM   839 C  C   . ALA A 1 118 ? -2.486  5.745   9.546   1.00 38.11 ? 118  ALA A C   1 
ATOM   840 O  O   . ALA A 1 118 ? -1.719  6.561   9.027   1.00 39.00 ? 118  ALA A O   1 
ATOM   841 C  CB  . ALA A 1 118 ? -3.979  4.538   7.972   1.00 39.66 ? 118  ALA A CB  1 
ATOM   842 N  N   . VAL A 1 119 ? -2.114  4.951   10.546  1.00 34.09 ? 119  VAL A N   1 
ATOM   843 C  CA  . VAL A 1 119 ? -0.762  4.990   11.065  1.00 31.98 ? 119  VAL A CA  1 
ATOM   844 C  C   . VAL A 1 119 ? 0.248   4.669   9.975   1.00 34.86 ? 119  VAL A C   1 
ATOM   845 O  O   . VAL A 1 119 ? 1.333   5.255   9.958   1.00 34.49 ? 119  VAL A O   1 
ATOM   846 C  CB  . VAL A 1 119 ? -0.578  4.038   12.248  1.00 33.08 ? 119  VAL A CB  1 
ATOM   847 C  CG1 . VAL A 1 119 ? 0.885   3.971   12.654  1.00 31.49 ? 119  VAL A CG1 1 
ATOM   848 C  CG2 . VAL A 1 119 ? -1.461  4.474   13.439  1.00 30.13 ? 119  VAL A CG2 1 
ATOM   849 N  N   . LEU A 1 120 ? -0.095  3.774   9.041   1.00 33.31 ? 120  LEU A N   1 
ATOM   850 C  CA  . LEU A 1 120 ? 0.907   3.402   8.036   1.00 34.52 ? 120  LEU A CA  1 
ATOM   851 C  C   . LEU A 1 120 ? 1.236   4.601   7.152   1.00 36.09 ? 120  LEU A C   1 
ATOM   852 O  O   . LEU A 1 120 ? 2.402   4.852   6.843   1.00 36.76 ? 120  LEU A O   1 
ATOM   853 C  CB  . LEU A 1 120 ? 0.493   2.168   7.195   1.00 32.21 ? 120  LEU A CB  1 
ATOM   854 C  CG  . LEU A 1 120 ? 1.438   1.817   6.038   1.00 31.55 ? 120  LEU A CG  1 
ATOM   855 C  CD1 . LEU A 1 120 ? 2.893   1.569   6.519   1.00 29.32 ? 120  LEU A CD1 1 
ATOM   856 C  CD2 . LEU A 1 120 ? 0.929   0.627   5.239   1.00 31.63 ? 120  LEU A CD2 1 
ATOM   857 N  N   . LYS A 1 121 ? 0.195   5.337   6.772   1.00 37.97 ? 121  LYS A N   1 
ATOM   858 C  CA  . LYS A 1 121 ? 0.329   6.547   5.986   1.00 38.69 ? 121  LYS A CA  1 
ATOM   859 C  C   . LYS A 1 121 ? 1.173   7.574   6.721   1.00 41.95 ? 121  LYS A C   1 
ATOM   860 O  O   . LYS A 1 121 ? 2.100   8.120   6.148   1.00 43.86 ? 121  LYS A O   1 
ATOM   861 C  CB  . LYS A 1 121 ? -1.049  7.120   5.714   1.00 35.66 ? 121  LYS A CB  1 
ATOM   862 C  CG  . LYS A 1 121 ? -1.059  8.269   4.740   1.00 31.61 ? 121  LYS A CG  1 
ATOM   863 C  CD  . LYS A 1 121 ? -2.478  8.754   4.532   1.00 34.92 ? 121  LYS A CD  1 
ATOM   864 C  CE  . LYS A 1 121 ? -2.493  9.882   3.488   1.00 40.23 ? 121  LYS A CE  1 
ATOM   865 N  NZ  . LYS A 1 121 ? -3.861  10.435  3.288   1.00 43.28 ? 121  LYS A NZ  1 
ATOM   866 N  N   . LEU A 1 122 ? 0.863   7.826   7.992   1.00 43.97 ? 122  LEU A N   1 
ATOM   867 C  CA  . LEU A 1 122 ? 1.632   8.803   8.762   1.00 48.53 ? 122  LEU A CA  1 
ATOM   868 C  C   . LEU A 1 122 ? 3.117   8.416   8.807   1.00 51.64 ? 122  LEU A C   1 
ATOM   869 O  O   . LEU A 1 122 ? 4.007   9.275   8.656   1.00 50.63 ? 122  LEU A O   1 
ATOM   870 C  CB  . LEU A 1 122 ? 1.042   8.971   10.171  1.00 49.42 ? 122  LEU A CB  1 
ATOM   871 C  CG  . LEU A 1 122 ? 0.035   10.111  10.472  1.00 51.12 ? 122  LEU A CG  1 
ATOM   872 C  CD1 . LEU A 1 122 ? -0.753  10.622  9.272   1.00 48.62 ? 122  LEU A CD1 1 
ATOM   873 C  CD2 . LEU A 1 122 ? -0.919  9.684   11.574  1.00 52.03 ? 122  LEU A CD2 1 
ATOM   874 N  N   . VAL A 1 123 ? 3.369   7.115   8.975   1.00 52.57 ? 123  VAL A N   1 
ATOM   875 C  CA  . VAL A 1 123 ? 4.725   6.572   9.031   1.00 52.86 ? 123  VAL A CA  1 
ATOM   876 C  C   . VAL A 1 123 ? 5.464   6.723   7.691   1.00 53.19 ? 123  VAL A C   1 
ATOM   877 O  O   . VAL A 1 123 ? 6.657   7.014   7.688   1.00 52.01 ? 123  VAL A O   1 
ATOM   878 C  CB  . VAL A 1 123 ? 4.738   5.113   9.596   1.00 53.23 ? 123  VAL A CB  1 
ATOM   879 C  CG1 . VAL A 1 123 ? 6.076   4.411   9.363   1.00 53.57 ? 123  VAL A CG1 1 
ATOM   880 C  CG2 . VAL A 1 123 ? 4.405   5.120   11.087  1.00 50.88 ? 123  VAL A CG2 1 
ATOM   881 N  N   . MET A 1 124 ? 4.763   6.578   6.568   1.00 55.21 ? 124  MET A N   1 
ATOM   882 C  CA  . MET A 1 124 ? 5.375   6.837   5.246   1.00 59.61 ? 124  MET A CA  1 
ATOM   883 C  C   . MET A 1 124 ? 6.065   8.226   5.177   1.00 64.10 ? 124  MET A C   1 
ATOM   884 O  O   . MET A 1 124 ? 7.279   8.304   4.960   1.00 64.58 ? 124  MET A O   1 
ATOM   885 C  CB  . MET A 1 124 ? 4.357   6.717   4.102   1.00 58.15 ? 124  MET A CB  1 
ATOM   886 C  CG  . MET A 1 124 ? 3.475   5.466   4.124   1.00 58.74 ? 124  MET A CG  1 
ATOM   887 S  SD  . MET A 1 124 ? 3.832   4.137   2.960   1.00 55.03 ? 124  MET A SD  1 
ATOM   888 C  CE  . MET A 1 124 ? 5.401   3.571   3.633   1.00 56.22 ? 124  MET A CE  1 
ATOM   889 N  N   . MET A 1 125 ? 5.288   9.299   5.368   1.00 67.21 ? 125  MET A N   1 
ATOM   890 C  CA  . MET A 1 125 ? 5.789   10.683  5.311   1.00 71.36 ? 125  MET A CA  1 
ATOM   891 C  C   . MET A 1 125 ? 6.370   11.158  6.646   1.00 70.14 ? 125  MET A C   1 
ATOM   892 O  O   . MET A 1 125 ? 7.586   11.198  6.835   1.00 69.14 ? 125  MET A O   1 
ATOM   893 C  CB  . MET A 1 125 ? 4.672   11.629  4.863   1.00 72.14 ? 125  MET A CB  1 
ATOM   894 C  CG  . MET A 1 125 ? 3.371   11.441  5.637   1.00 74.70 ? 125  MET A CG  1 
ATOM   895 S  SD  . MET A 1 125 ? 1.877   12.092  4.839   1.00 78.43 ? 125  MET A SD  1 
ATOM   896 C  CE  . MET A 1 125 ? 1.702   11.037  3.369   1.00 76.46 ? 125  MET A CE  1 
HETATM 897 ZN ZN  . ZN  B 2 .   ? -8.234  17.552  -13.006 1.00 45.21 ? 1126 ZN  A ZN  1 
HETATM 898 ZN ZN  . ZN  C 2 .   ? -0.773  15.444  -14.637 0.80 65.61 ? 1127 ZN  A ZN  1 
HETATM 899 C  C   . ACT D 3 .   ? -0.455  -0.102  -19.482 1.00 44.02 ? 1128 ACT A C   1 
HETATM 900 O  O   . ACT D 3 .   ? -1.161  -0.705  -20.328 1.00 44.87 ? 1128 ACT A O   1 
HETATM 901 O  OXT . ACT D 3 .   ? -0.321  1.145   -19.595 1.00 44.07 ? 1128 ACT A OXT 1 
HETATM 902 C  CH3 . ACT D 3 .   ? 0.215   -0.839  -18.375 1.00 38.97 ? 1128 ACT A CH3 1 
HETATM 903 O  O   . HOH E 4 .   ? -0.478  2.783   -15.640 1.00 47.85 ? 2001 HOH A O   1 
HETATM 904 O  O   . HOH E 4 .   ? 0.862   4.313   -13.981 1.00 47.70 ? 2002 HOH A O   1 
HETATM 905 O  O   . HOH E 4 .   ? -7.730  3.371   -21.049 1.00 33.70 ? 2003 HOH A O   1 
HETATM 906 O  O   . HOH E 4 .   ? -14.372 -0.970  -12.858 1.00 61.04 ? 2004 HOH A O   1 
HETATM 907 O  O   . HOH E 4 .   ? -10.356 7.435   -11.370 1.00 39.29 ? 2005 HOH A O   1 
HETATM 908 O  O   . HOH E 4 .   ? -8.534  9.732   -15.616 1.00 38.79 ? 2006 HOH A O   1 
HETATM 909 O  O   . HOH E 4 .   ? -12.485 -0.648  -11.337 1.00 37.71 ? 2007 HOH A O   1 
HETATM 910 O  O   . HOH E 4 .   ? -16.277 2.937   -12.290 1.00 46.65 ? 2008 HOH A O   1 
HETATM 911 O  O   . HOH E 4 .   ? -7.657  -9.306  -0.520  1.00 46.55 ? 2009 HOH A O   1 
HETATM 912 O  O   . HOH E 4 .   ? -11.130 10.035  -4.235  1.00 46.34 ? 2010 HOH A O   1 
HETATM 913 O  O   . HOH E 4 .   ? -5.043  13.238  -2.240  1.00 52.82 ? 2011 HOH A O   1 
HETATM 914 O  O   . HOH E 4 .   ? -11.488 -1.207  3.293   1.00 57.87 ? 2012 HOH A O   1 
HETATM 915 O  O   . HOH E 4 .   ? 6.508   4.548   -13.245 1.00 64.13 ? 2013 HOH A O   1 
HETATM 916 O  O   . HOH E 4 .   ? 9.315   6.766   -2.397  1.00 81.00 ? 2014 HOH A O   1 
HETATM 917 O  O   . HOH E 4 .   ? -0.171  -6.586  -6.488  1.00 54.73 ? 2015 HOH A O   1 
HETATM 918 O  O   . HOH E 4 .   ? -5.903  -8.312  0.717   1.00 56.83 ? 2016 HOH A O   1 
HETATM 919 O  O   . HOH E 4 .   ? 9.555   -4.480  3.096   1.00 48.30 ? 2017 HOH A O   1 
HETATM 920 O  O   . HOH E 4 .   ? 15.026  -9.366  9.669   1.00 64.93 ? 2018 HOH A O   1 
HETATM 921 O  O   . HOH E 4 .   ? 15.821  -4.630  13.754  1.00 59.74 ? 2019 HOH A O   1 
HETATM 922 O  O   . HOH E 4 .   ? 9.435   -4.080  17.470  1.00 52.21 ? 2020 HOH A O   1 
HETATM 923 O  O   . HOH E 4 .   ? 0.958   2.104   15.895  1.00 52.38 ? 2021 HOH A O   1 
HETATM 924 O  O   . HOH E 4 .   ? 3.185   6.361   14.231  1.00 64.22 ? 2022 HOH A O   1 
HETATM 925 O  O   . HOH E 4 .   ? 6.554   -7.414  19.363  1.00 38.97 ? 2023 HOH A O   1 
HETATM 926 O  O   . HOH E 4 .   ? -0.885  0.527   15.349  1.00 45.71 ? 2024 HOH A O   1 
HETATM 927 O  O   . HOH E 4 .   ? 6.490   0.912   19.537  1.00 55.41 ? 2025 HOH A O   1 
HETATM 928 O  O   . HOH E 4 .   ? 4.715   3.236   18.892  1.00 70.38 ? 2026 HOH A O   1 
HETATM 929 O  O   . HOH E 4 .   ? -3.853  -7.793  10.938  1.00 39.83 ? 2027 HOH A O   1 
HETATM 930 O  O   . HOH E 4 .   ? -1.177  -1.700  20.597  1.00 70.72 ? 2028 HOH A O   1 
HETATM 931 O  O   . HOH E 4 .   ? -2.145  1.901   9.434   1.00 44.47 ? 2029 HOH A O   1 
HETATM 932 O  O   . HOH E 4 .   ? -7.628  1.191   2.835   1.00 49.37 ? 2030 HOH A O   1 
HETATM 933 O  O   . HOH E 4 .   ? -8.167  -5.375  -1.617  1.00 67.16 ? 2031 HOH A O   1 
HETATM 934 O  O   . HOH E 4 .   ? -2.329  -6.358  -5.085  1.00 54.22 ? 2032 HOH A O   1 
HETATM 935 O  O   . HOH E 4 .   ? -5.107  -4.531  -5.468  1.00 47.60 ? 2033 HOH A O   1 
HETATM 936 O  O   . HOH E 4 .   ? -10.046 -3.960  -6.013  1.00 58.05 ? 2034 HOH A O   1 
HETATM 937 O  O   . HOH E 4 .   ? -5.866  -5.786  1.314   1.00 46.26 ? 2035 HOH A O   1 
HETATM 938 O  O   . HOH E 4 .   ? -9.450  -5.367  1.883   1.00 53.06 ? 2036 HOH A O   1 
HETATM 939 O  O   . HOH E 4 .   ? -10.074 -0.169  1.505   1.00 57.20 ? 2037 HOH A O   1 
HETATM 940 O  O   . HOH E 4 .   ? -12.491 0.157   -2.647  1.00 58.88 ? 2038 HOH A O   1 
# 
